data_5BP0
#
_entry.id   5BP0
#
_cell.length_a   82.470
_cell.length_b   129.040
_cell.length_c   122.430
_cell.angle_alpha   90.00
_cell.angle_beta   106.28
_cell.angle_gamma   90.00
#
_symmetry.space_group_name_H-M   'P 1 21 1'
#
loop_
_entity.id
_entity.type
_entity.pdbx_description
1 polymer 'Acetylcholine-binding protein'
2 non-polymer 'PHOSPHATE ION'
3 non-polymer 5-fluoronicotine
4 non-polymer 2-acetamido-2-deoxy-beta-D-glucopyranose
5 water water
#
_entity_poly.entity_id   1
_entity_poly.type   'polypeptide(L)'
_entity_poly.pdbx_seq_one_letter_code
;DYKDDDDKLDRADILYNIRQTSRPDVIPTQRDRPVAVSVSLKFINILEVNEITNEVDVVFWQQTTWSDRTLAWNSSHSPD
QVSVPISSLWVPDLAAYNAISKPEVLTPQLARVVSDGEVLYMPSIRQRFSCDVSGVDTESGATCRIKIGSWTHHSREISV
DPTTENSDDSEYFSQYSRFEILDVTQKKNSVTYSCCPEAYEDVEVSLNFRKKGRSEIL
;
_entity_poly.pdbx_strand_id   A,B,C,D,E,F,G,H,I,J
#
loop_
_chem_comp.id
_chem_comp.type
_chem_comp.name
_chem_comp.formula
FN1 non-polymer 5-fluoronicotine 'C10 H13 F N2'
NAG D-saccharide, beta linking 2-acetamido-2-deoxy-beta-D-glucopyranose 'C8 H15 N O6'
PO4 non-polymer 'PHOSPHATE ION' 'O4 P -3'
#
# COMPACT_ATOMS: atom_id res chain seq x y z
N LYS A 8 16.05 -20.16 14.24
CA LYS A 8 14.89 -19.29 14.02
C LYS A 8 14.97 -18.44 12.74
N LEU A 9 16.10 -17.76 12.51
CA LEU A 9 16.24 -16.86 11.36
C LEU A 9 16.14 -17.65 10.06
N ASP A 10 16.68 -18.86 10.09
CA ASP A 10 16.60 -19.76 8.96
C ASP A 10 15.13 -20.16 8.72
N ARG A 11 14.38 -20.39 9.81
CA ARG A 11 12.96 -20.68 9.69
C ARG A 11 12.26 -19.50 8.99
N ALA A 12 12.49 -18.30 9.52
CA ALA A 12 11.91 -17.08 8.95
C ALA A 12 12.24 -16.93 7.47
N ASP A 13 13.47 -17.27 7.10
CA ASP A 13 13.86 -17.12 5.69
C ASP A 13 13.25 -18.16 4.79
N ILE A 14 13.15 -19.41 5.27
CA ILE A 14 12.47 -20.43 4.47
C ILE A 14 11.04 -19.97 4.23
N LEU A 15 10.41 -19.45 5.27
CA LEU A 15 9.01 -19.02 5.16
C LEU A 15 8.88 -17.90 4.12
N TYR A 16 9.82 -16.96 4.18
CA TYR A 16 9.86 -15.89 3.18
C TYR A 16 10.11 -16.42 1.76
N ASN A 17 10.94 -17.44 1.59
CA ASN A 17 11.11 -18.04 0.28
C ASN A 17 9.84 -18.72 -0.21
N ILE A 18 9.19 -19.45 0.69
CA ILE A 18 7.94 -20.10 0.34
C ILE A 18 6.97 -19.03 -0.15
N ARG A 19 6.85 -17.95 0.61
CA ARG A 19 5.92 -16.91 0.21
C ARG A 19 6.31 -16.14 -1.05
N GLN A 20 7.61 -16.06 -1.34
CA GLN A 20 8.02 -15.53 -2.64
C GLN A 20 7.67 -16.42 -3.82
N THR A 21 7.76 -17.72 -3.63
CA THR A 21 7.52 -18.62 -4.75
C THR A 21 6.11 -19.24 -4.84
N SER A 22 5.44 -19.34 -3.70
CA SER A 22 4.12 -19.93 -3.66
C SER A 22 3.10 -19.06 -4.39
N ARG A 23 2.36 -19.69 -5.30
CA ARG A 23 1.21 -19.08 -5.94
C ARG A 23 -0.02 -19.79 -5.42
N PRO A 24 -0.66 -19.25 -4.37
CA PRO A 24 -1.72 -20.04 -3.73
C PRO A 24 -2.99 -20.25 -4.56
N ASP A 25 -3.16 -19.57 -5.69
CA ASP A 25 -4.34 -19.77 -6.51
C ASP A 25 -4.03 -20.53 -7.80
N VAL A 26 -2.78 -20.98 -7.94
CA VAL A 26 -2.35 -21.69 -9.15
C VAL A 26 -1.97 -23.11 -8.77
N ILE A 27 -2.49 -24.09 -9.52
CA ILE A 27 -2.18 -25.49 -9.24
C ILE A 27 -0.72 -25.77 -9.62
N PRO A 28 0.03 -26.40 -8.70
CA PRO A 28 1.46 -26.63 -8.94
C PRO A 28 1.72 -27.85 -9.85
N THR A 29 1.36 -27.72 -11.11
CA THR A 29 1.58 -28.76 -12.10
C THR A 29 3.05 -28.76 -12.51
N GLN A 30 3.64 -29.94 -12.55
CA GLN A 30 5.01 -30.15 -13.00
C GLN A 30 4.98 -31.05 -14.21
N ARG A 31 5.64 -30.67 -15.31
CA ARG A 31 5.86 -31.60 -16.40
C ARG A 31 4.59 -31.92 -17.14
N ASP A 32 3.61 -31.03 -17.18
CA ASP A 32 2.40 -31.40 -17.89
C ASP A 32 1.72 -32.63 -17.27
N ARG A 33 1.89 -32.85 -15.96
CA ARG A 33 1.24 -33.94 -15.27
C ARG A 33 0.29 -33.37 -14.22
N PRO A 34 -0.86 -34.02 -13.97
CA PRO A 34 -1.67 -33.44 -12.89
C PRO A 34 -1.03 -33.52 -11.53
N VAL A 35 -1.43 -32.61 -10.67
CA VAL A 35 -0.98 -32.68 -9.29
C VAL A 35 -1.54 -33.94 -8.66
N ALA A 36 -0.66 -34.80 -8.20
CA ALA A 36 -1.08 -36.03 -7.55
C ALA A 36 -1.33 -35.72 -6.09
N VAL A 37 -2.62 -35.67 -5.73
CA VAL A 37 -3.00 -35.45 -4.34
C VAL A 37 -3.35 -36.77 -3.71
N SER A 38 -2.80 -37.03 -2.53
CA SER A 38 -3.19 -38.24 -1.82
C SER A 38 -3.99 -37.85 -0.59
N VAL A 39 -5.16 -38.50 -0.46
CA VAL A 39 -6.08 -38.28 0.64
C VAL A 39 -6.26 -39.52 1.50
N SER A 40 -6.41 -39.31 2.80
CA SER A 40 -6.79 -40.38 3.68
C SER A 40 -7.54 -39.86 4.90
N LEU A 41 -8.77 -40.34 5.09
CA LEU A 41 -9.54 -39.98 6.27
C LEU A 41 -9.24 -40.93 7.43
N LYS A 42 -8.88 -40.37 8.57
CA LYS A 42 -8.68 -41.10 9.81
C LYS A 42 -9.83 -40.76 10.73
N PHE A 43 -10.80 -41.66 10.85
CA PHE A 43 -11.99 -41.36 11.60
C PHE A 43 -11.68 -41.35 13.07
N ILE A 44 -12.21 -40.33 13.76
CA ILE A 44 -11.93 -40.15 15.17
C ILE A 44 -13.19 -40.42 16.00
N ASN A 45 -14.30 -39.88 15.55
CA ASN A 45 -15.55 -39.92 16.30
C ASN A 45 -16.74 -39.97 15.35
N ILE A 46 -17.71 -40.81 15.68
CA ILE A 46 -19.03 -40.74 15.06
C ILE A 46 -19.97 -40.19 16.13
N LEU A 47 -20.52 -39.01 15.88
CA LEU A 47 -21.13 -38.20 16.93
C LEU A 47 -22.64 -38.36 16.98
N GLU A 48 -23.24 -38.65 15.84
CA GLU A 48 -24.68 -38.72 15.76
C GLU A 48 -25.06 -39.46 14.49
N VAL A 49 -25.97 -40.41 14.66
CA VAL A 49 -26.46 -41.20 13.56
C VAL A 49 -27.96 -41.11 13.59
N ASN A 50 -28.51 -40.52 12.53
CA ASN A 50 -29.97 -40.35 12.43
C ASN A 50 -30.55 -41.34 11.44
N GLU A 51 -31.21 -42.36 11.97
CA GLU A 51 -31.67 -43.45 11.14
C GLU A 51 -32.93 -43.07 10.35
N ILE A 52 -33.65 -42.06 10.81
CA ILE A 52 -34.87 -41.69 10.11
C ILE A 52 -34.53 -40.80 8.91
N THR A 53 -33.51 -39.94 9.04
CA THR A 53 -33.08 -39.07 7.91
C THR A 53 -31.85 -39.55 7.11
N ASN A 54 -31.18 -40.61 7.55
CA ASN A 54 -30.01 -41.13 6.86
C ASN A 54 -28.88 -40.10 6.84
N GLU A 55 -28.51 -39.65 8.03
CA GLU A 55 -27.48 -38.64 8.18
C GLU A 55 -26.53 -39.03 9.28
N VAL A 56 -25.24 -38.82 9.04
CA VAL A 56 -24.24 -39.03 10.08
C VAL A 56 -23.43 -37.77 10.31
N ASP A 57 -23.11 -37.54 11.59
CA ASP A 57 -22.25 -36.46 12.01
C ASP A 57 -20.91 -37.09 12.41
N VAL A 58 -19.81 -36.69 11.76
CA VAL A 58 -18.53 -37.35 12.04
C VAL A 58 -17.37 -36.37 12.17
N VAL A 59 -16.38 -36.79 12.96
CA VAL A 59 -15.10 -36.10 13.11
C VAL A 59 -14.02 -36.99 12.56
N PHE A 60 -13.21 -36.43 11.66
CA PHE A 60 -12.09 -37.14 11.08
C PHE A 60 -10.90 -36.25 10.75
N TRP A 61 -9.76 -36.89 10.64
CA TRP A 61 -8.53 -36.23 10.28
C TRP A 61 -8.33 -36.45 8.80
N GLN A 62 -8.34 -35.36 8.03
CA GLN A 62 -8.19 -35.51 6.59
C GLN A 62 -6.73 -35.35 6.18
N GLN A 63 -6.01 -36.47 6.19
CA GLN A 63 -4.60 -36.46 5.82
C GLN A 63 -4.48 -36.20 4.32
N THR A 64 -3.98 -35.01 3.99
CA THR A 64 -3.79 -34.63 2.60
C THR A 64 -2.33 -34.31 2.27
N THR A 65 -1.83 -34.91 1.20
CA THR A 65 -0.46 -34.61 0.78
C THR A 65 -0.31 -34.41 -0.70
N TRP A 66 0.62 -33.55 -1.05
CA TRP A 66 1.00 -33.34 -2.46
C TRP A 66 2.40 -32.76 -2.50
N SER A 67 2.96 -32.59 -3.69
CA SER A 67 4.25 -31.93 -3.82
C SER A 67 4.14 -30.65 -4.65
N ASP A 68 4.90 -29.61 -4.25
CA ASP A 68 5.23 -28.47 -5.10
C ASP A 68 6.72 -28.27 -5.03
N ARG A 69 7.43 -28.78 -6.02
CA ARG A 69 8.89 -28.82 -5.94
C ARG A 69 9.52 -27.44 -6.04
N THR A 70 8.77 -26.43 -6.49
CA THR A 70 9.32 -25.08 -6.51
C THR A 70 9.43 -24.48 -5.10
N LEU A 71 8.97 -25.22 -4.10
CA LEU A 71 9.10 -24.81 -2.71
C LEU A 71 10.28 -25.45 -2.02
N ALA A 72 10.90 -26.41 -2.69
CA ALA A 72 11.97 -27.18 -2.07
C ALA A 72 13.15 -26.27 -1.81
N TRP A 73 13.89 -26.53 -0.73
CA TRP A 73 15.19 -25.89 -0.51
C TRP A 73 16.27 -26.91 -0.11
N ASN A 74 17.53 -26.46 -0.12
CA ASN A 74 18.63 -27.27 0.39
C ASN A 74 18.60 -27.27 1.91
N SER A 75 18.36 -28.43 2.50
CA SER A 75 18.21 -28.56 3.95
C SER A 75 19.48 -29.03 4.64
N SER A 76 20.59 -29.10 3.90
CA SER A 76 21.81 -29.70 4.44
C SER A 76 22.27 -28.95 5.69
N HIS A 77 22.06 -27.63 5.71
CA HIS A 77 22.37 -26.83 6.90
C HIS A 77 21.26 -25.86 7.30
N SER A 78 20.01 -26.24 7.03
CA SER A 78 18.83 -25.49 7.46
C SER A 78 17.74 -26.49 7.84
N PRO A 79 16.63 -26.01 8.44
CA PRO A 79 15.61 -26.97 8.85
C PRO A 79 14.98 -27.78 7.71
N ASP A 80 14.46 -28.95 8.06
CA ASP A 80 13.86 -29.89 7.10
C ASP A 80 12.42 -29.57 6.77
N GLN A 81 11.76 -28.93 7.73
CA GLN A 81 10.35 -28.70 7.62
C GLN A 81 9.99 -27.46 8.36
N VAL A 82 8.96 -26.78 7.88
CA VAL A 82 8.33 -25.75 8.67
C VAL A 82 6.82 -25.84 8.61
N SER A 83 6.19 -25.15 9.53
CA SER A 83 4.76 -24.97 9.51
C SER A 83 4.41 -23.67 8.82
N VAL A 84 3.38 -23.71 7.99
CA VAL A 84 3.00 -22.59 7.15
C VAL A 84 1.48 -22.36 7.18
N PRO A 85 1.04 -21.09 7.30
CA PRO A 85 -0.41 -20.88 7.19
C PRO A 85 -0.92 -21.24 5.80
N ILE A 86 -2.05 -21.95 5.70
CA ILE A 86 -2.47 -22.48 4.39
C ILE A 86 -2.90 -21.38 3.45
N SER A 87 -3.08 -20.17 3.96
CA SER A 87 -3.39 -19.03 3.11
C SER A 87 -2.16 -18.62 2.30
N SER A 88 -0.97 -18.98 2.77
CA SER A 88 0.26 -18.80 2.01
C SER A 88 0.47 -19.89 0.95
N LEU A 89 -0.30 -20.96 0.99
CA LEU A 89 -0.11 -22.12 0.10
C LEU A 89 -1.31 -22.42 -0.77
N TRP A 90 -1.05 -22.98 -1.95
CA TRP A 90 -2.10 -23.60 -2.71
C TRP A 90 -2.49 -24.88 -2.02
N VAL A 91 -3.80 -25.08 -1.84
CA VAL A 91 -4.33 -26.33 -1.35
C VAL A 91 -5.39 -26.86 -2.31
N PRO A 92 -5.42 -28.18 -2.52
CA PRO A 92 -6.45 -28.73 -3.40
C PRO A 92 -7.85 -28.34 -2.93
N ASP A 93 -8.72 -28.09 -3.90
CA ASP A 93 -10.09 -27.71 -3.62
C ASP A 93 -10.99 -28.96 -3.44
N LEU A 94 -10.59 -29.85 -2.55
CA LEU A 94 -11.40 -31.07 -2.29
C LEU A 94 -12.75 -30.73 -1.71
N ALA A 95 -13.76 -31.54 -2.05
CA ALA A 95 -15.09 -31.42 -1.46
C ALA A 95 -15.73 -32.79 -1.35
N ALA A 96 -16.55 -32.95 -0.33
CA ALA A 96 -17.38 -34.16 -0.15
C ALA A 96 -18.71 -33.98 -0.86
N TYR A 97 -19.00 -34.84 -1.84
CA TYR A 97 -20.20 -34.69 -2.67
C TYR A 97 -21.50 -34.97 -1.93
N ASN A 98 -21.42 -35.81 -0.91
CA ASN A 98 -22.61 -36.11 -0.11
C ASN A 98 -22.61 -35.38 1.24
N ALA A 99 -21.79 -34.34 1.36
CA ALA A 99 -21.81 -33.47 2.55
C ALA A 99 -23.11 -32.66 2.60
N ILE A 100 -23.63 -32.41 3.79
CA ILE A 100 -24.83 -31.60 3.91
C ILE A 100 -24.62 -30.48 4.94
N SER A 101 -23.39 -30.36 5.43
CA SER A 101 -22.96 -29.20 6.21
C SER A 101 -21.58 -28.75 5.74
N LYS A 102 -21.19 -27.53 6.09
CA LYS A 102 -19.84 -27.04 5.80
C LYS A 102 -18.85 -27.87 6.57
N PRO A 103 -17.67 -28.13 6.01
CA PRO A 103 -16.60 -28.68 6.85
C PRO A 103 -16.22 -27.71 7.98
N GLU A 104 -16.38 -28.13 9.22
CA GLU A 104 -15.98 -27.31 10.35
C GLU A 104 -14.58 -27.75 10.77
N VAL A 105 -13.59 -26.95 10.42
CA VAL A 105 -12.21 -27.27 10.73
C VAL A 105 -12.00 -26.98 12.21
N LEU A 106 -11.53 -27.98 12.94
CA LEU A 106 -11.39 -27.87 14.39
C LEU A 106 -9.96 -27.56 14.85
N THR A 107 -9.02 -27.58 13.93
CA THR A 107 -7.62 -27.43 14.28
C THR A 107 -7.02 -26.18 13.67
N PRO A 108 -5.83 -25.75 14.17
CA PRO A 108 -5.06 -24.66 13.57
C PRO A 108 -4.81 -24.91 12.09
N GLN A 109 -4.98 -23.89 11.27
CA GLN A 109 -4.92 -24.07 9.84
C GLN A 109 -3.50 -23.85 9.32
N LEU A 110 -2.66 -24.80 9.71
CA LEU A 110 -1.26 -24.81 9.38
C LEU A 110 -0.95 -26.08 8.57
N ALA A 111 -0.15 -25.92 7.53
CA ALA A 111 0.38 -27.05 6.79
C ALA A 111 1.84 -27.27 7.20
N ARG A 112 2.37 -28.45 6.93
CA ARG A 112 3.81 -28.65 7.03
C ARG A 112 4.37 -28.64 5.63
N VAL A 113 5.48 -27.94 5.44
CA VAL A 113 6.16 -27.94 4.17
C VAL A 113 7.56 -28.49 4.42
N VAL A 114 7.89 -29.48 3.61
CA VAL A 114 9.09 -30.29 3.73
C VAL A 114 10.08 -29.80 2.68
N SER A 115 11.37 -29.76 3.05
CA SER A 115 12.42 -29.19 2.20
C SER A 115 12.56 -29.79 0.79
N ASP A 116 11.89 -30.92 0.52
CA ASP A 116 11.81 -31.50 -0.83
C ASP A 116 10.58 -31.02 -1.63
N GLY A 117 9.77 -30.15 -1.03
CA GLY A 117 8.59 -29.62 -1.71
C GLY A 117 7.30 -30.40 -1.41
N GLU A 118 7.37 -31.37 -0.52
CA GLU A 118 6.17 -32.09 -0.13
C GLU A 118 5.39 -31.22 0.86
N VAL A 119 4.09 -31.17 0.66
CA VAL A 119 3.16 -30.48 1.55
C VAL A 119 2.20 -31.52 2.16
N LEU A 120 2.04 -31.40 3.47
CA LEU A 120 1.14 -32.18 4.26
C LEU A 120 0.17 -31.22 4.97
N TYR A 121 -1.13 -31.39 4.73
CA TYR A 121 -2.16 -30.63 5.43
C TYR A 121 -3.14 -31.66 6.02
N MET A 122 -3.27 -31.64 7.34
CA MET A 122 -4.11 -32.59 8.06
C MET A 122 -5.03 -31.91 9.08
N PRO A 123 -6.14 -31.36 8.59
CA PRO A 123 -7.08 -30.77 9.52
C PRO A 123 -7.99 -31.84 10.15
N SER A 124 -8.35 -31.59 11.40
CA SER A 124 -9.46 -32.29 12.01
C SER A 124 -10.72 -31.60 11.56
N ILE A 125 -11.61 -32.38 10.97
CA ILE A 125 -12.86 -31.88 10.41
C ILE A 125 -14.08 -32.57 10.98
N ARG A 126 -15.06 -31.76 11.33
CA ARG A 126 -16.38 -32.25 11.71
C ARG A 126 -17.35 -31.87 10.64
N GLN A 127 -18.05 -32.87 10.11
CA GLN A 127 -18.96 -32.65 9.01
C GLN A 127 -20.12 -33.65 9.02
N ARG A 128 -21.25 -33.27 8.43
CA ARG A 128 -22.43 -34.13 8.37
C ARG A 128 -22.66 -34.61 6.94
N PHE A 129 -23.06 -35.88 6.83
CA PHE A 129 -23.19 -36.54 5.56
C PHE A 129 -24.52 -37.22 5.38
N SER A 130 -25.01 -37.17 4.15
CA SER A 130 -26.11 -37.99 3.68
C SER A 130 -25.54 -39.31 3.17
N CYS A 131 -25.80 -40.38 3.91
CA CYS A 131 -25.36 -41.70 3.52
C CYS A 131 -26.20 -42.80 4.18
N ASP A 132 -25.92 -44.04 3.80
CA ASP A 132 -26.76 -45.16 4.18
C ASP A 132 -26.42 -45.68 5.57
N VAL A 133 -27.24 -45.32 6.55
CA VAL A 133 -27.03 -45.80 7.91
C VAL A 133 -27.90 -47.00 8.24
N SER A 134 -28.66 -47.54 7.29
CA SER A 134 -29.42 -48.79 7.53
C SER A 134 -28.50 -49.92 7.93
N GLY A 135 -28.69 -50.43 9.16
CA GLY A 135 -27.90 -51.53 9.67
C GLY A 135 -27.00 -51.19 10.85
N VAL A 136 -27.15 -50.00 11.45
CA VAL A 136 -26.24 -49.60 12.51
C VAL A 136 -26.45 -50.47 13.73
N ASP A 137 -27.65 -51.04 13.85
CA ASP A 137 -28.00 -51.88 14.99
C ASP A 137 -27.90 -53.37 14.65
N THR A 138 -27.00 -53.71 13.73
CA THR A 138 -26.79 -55.10 13.36
C THR A 138 -25.31 -55.39 13.48
N GLU A 139 -24.94 -56.67 13.46
CA GLU A 139 -23.59 -57.07 13.80
C GLU A 139 -22.66 -56.81 12.62
N SER A 140 -23.21 -56.82 11.41
CA SER A 140 -22.45 -56.54 10.20
C SER A 140 -22.41 -55.02 9.98
N GLY A 141 -23.36 -54.32 10.60
CA GLY A 141 -23.31 -52.87 10.72
C GLY A 141 -23.95 -52.08 9.58
N ALA A 142 -23.61 -50.79 9.52
CA ALA A 142 -23.96 -49.93 8.39
C ALA A 142 -22.70 -49.60 7.62
N THR A 143 -22.86 -49.33 6.33
CA THR A 143 -21.75 -48.85 5.51
C THR A 143 -22.11 -47.48 4.92
N CYS A 144 -21.39 -46.47 5.41
CA CYS A 144 -21.57 -45.10 4.98
C CYS A 144 -20.48 -44.73 3.98
N ARG A 145 -20.88 -44.33 2.77
CA ARG A 145 -19.90 -44.01 1.73
C ARG A 145 -19.74 -42.49 1.54
N ILE A 146 -18.52 -42.01 1.81
CA ILE A 146 -18.18 -40.60 1.64
C ILE A 146 -17.36 -40.42 0.37
N LYS A 147 -17.89 -39.62 -0.55
CA LYS A 147 -17.26 -39.36 -1.83
C LYS A 147 -16.54 -38.01 -1.83
N ILE A 148 -15.21 -38.04 -1.98
CA ILE A 148 -14.39 -36.82 -1.94
C ILE A 148 -13.59 -36.59 -3.23
N GLY A 149 -13.62 -35.36 -3.73
CA GLY A 149 -12.82 -35.04 -4.90
C GLY A 149 -12.63 -33.54 -5.13
N SER A 150 -11.78 -33.19 -6.08
CA SER A 150 -11.64 -31.81 -6.45
C SER A 150 -12.93 -31.31 -7.09
N TRP A 151 -13.39 -30.15 -6.64
CA TRP A 151 -14.66 -29.60 -7.09
C TRP A 151 -14.57 -28.99 -8.50
N THR A 152 -13.42 -28.45 -8.89
CA THR A 152 -13.33 -27.70 -10.16
C THR A 152 -12.15 -28.08 -11.05
N HIS A 153 -11.33 -29.06 -10.63
CA HIS A 153 -10.20 -29.50 -11.44
C HIS A 153 -10.36 -30.90 -11.95
N HIS A 154 -10.50 -31.03 -13.27
CA HIS A 154 -10.70 -32.34 -13.89
C HIS A 154 -9.39 -33.17 -13.82
N SER A 155 -9.42 -34.38 -14.37
CA SER A 155 -8.36 -35.37 -14.17
C SER A 155 -7.00 -34.96 -14.72
N ARG A 156 -7.00 -34.19 -15.78
CA ARG A 156 -5.75 -33.77 -16.39
C ARG A 156 -5.07 -32.71 -15.48
N GLU A 157 -5.84 -32.12 -14.55
CA GLU A 157 -5.32 -31.11 -13.62
C GLU A 157 -5.03 -31.63 -12.21
N ILE A 158 -5.95 -32.41 -11.65
CA ILE A 158 -5.78 -33.02 -10.33
C ILE A 158 -6.21 -34.48 -10.32
N SER A 159 -5.34 -35.31 -9.73
CA SER A 159 -5.64 -36.70 -9.50
C SER A 159 -5.60 -36.93 -8.00
N VAL A 160 -6.58 -37.69 -7.54
CA VAL A 160 -6.69 -38.03 -6.14
C VAL A 160 -6.48 -39.52 -6.00
N ASP A 161 -5.68 -39.89 -5.02
CA ASP A 161 -5.22 -41.26 -4.84
C ASP A 161 -5.33 -41.60 -3.36
N PRO A 162 -5.81 -42.81 -3.04
CA PRO A 162 -5.86 -43.11 -1.61
C PRO A 162 -4.50 -43.55 -1.04
N ASP A 169 -9.62 -48.02 11.45
CA ASP A 169 -8.82 -46.98 12.07
C ASP A 169 -8.81 -47.13 13.58
N SER A 170 -8.42 -48.31 14.06
CA SER A 170 -8.44 -48.60 15.49
C SER A 170 -7.52 -47.69 16.31
N GLU A 171 -6.39 -47.28 15.73
CA GLU A 171 -5.41 -46.46 16.42
C GLU A 171 -5.93 -45.05 16.66
N TYR A 172 -6.85 -44.62 15.80
CA TYR A 172 -7.35 -43.25 15.80
C TYR A 172 -8.70 -43.12 16.48
N PHE A 173 -9.58 -44.07 16.18
CA PHE A 173 -10.96 -43.97 16.60
C PHE A 173 -11.08 -43.97 18.11
N SER A 174 -11.91 -43.07 18.61
CA SER A 174 -12.12 -42.92 20.05
C SER A 174 -12.81 -44.13 20.67
N GLN A 175 -12.25 -44.60 21.77
CA GLN A 175 -12.78 -45.77 22.46
C GLN A 175 -14.11 -45.46 23.15
N TYR A 176 -14.39 -44.17 23.38
CA TYR A 176 -15.57 -43.74 24.13
C TYR A 176 -16.78 -43.54 23.25
N SER A 177 -16.60 -43.74 21.95
CA SER A 177 -17.68 -43.52 21.04
C SER A 177 -18.74 -44.59 21.31
N ARG A 178 -19.99 -44.18 21.12
CA ARG A 178 -21.12 -45.07 21.13
C ARG A 178 -20.97 -46.12 20.03
N PHE A 179 -20.11 -45.82 19.05
CA PHE A 179 -19.92 -46.66 17.87
C PHE A 179 -18.55 -47.28 17.83
N GLU A 180 -18.39 -48.14 16.84
CA GLU A 180 -17.19 -48.91 16.66
C GLU A 180 -17.05 -49.16 15.16
N ILE A 181 -15.82 -49.10 14.67
CA ILE A 181 -15.58 -49.27 13.26
C ILE A 181 -15.18 -50.71 12.99
N LEU A 182 -15.86 -51.32 12.01
CA LEU A 182 -15.54 -52.67 11.58
C LEU A 182 -14.43 -52.62 10.53
N ASP A 183 -14.58 -51.71 9.57
CA ASP A 183 -13.69 -51.65 8.43
C ASP A 183 -13.85 -50.32 7.68
N VAL A 184 -12.73 -49.72 7.29
CA VAL A 184 -12.72 -48.55 6.43
C VAL A 184 -11.97 -48.94 5.19
N THR A 185 -12.58 -48.73 4.02
CA THR A 185 -11.84 -48.90 2.76
C THR A 185 -11.96 -47.62 1.92
N GLN A 186 -10.92 -47.32 1.15
CA GLN A 186 -10.88 -46.10 0.35
C GLN A 186 -10.44 -46.40 -1.06
N LYS A 187 -11.38 -46.29 -2.00
CA LYS A 187 -11.17 -46.73 -3.38
C LYS A 187 -11.31 -45.59 -4.41
N LYS A 188 -10.34 -45.51 -5.31
CA LYS A 188 -10.34 -44.54 -6.40
C LYS A 188 -11.57 -44.74 -7.27
N ASN A 189 -12.01 -43.66 -7.89
CA ASN A 189 -13.17 -43.69 -8.75
C ASN A 189 -13.08 -42.51 -9.73
N SER A 190 -13.54 -42.68 -10.95
CA SER A 190 -13.51 -41.59 -11.92
C SER A 190 -14.92 -41.36 -12.48
N VAL A 191 -15.29 -40.09 -12.64
CA VAL A 191 -16.66 -39.71 -13.02
C VAL A 191 -16.67 -38.59 -14.04
N THR A 192 -17.69 -38.62 -14.91
CA THR A 192 -17.93 -37.54 -15.88
C THR A 192 -19.35 -36.99 -15.71
N TYR A 193 -19.43 -35.68 -15.50
CA TYR A 193 -20.67 -35.03 -15.09
C TYR A 193 -21.36 -34.30 -16.23
N SER A 194 -22.61 -33.94 -15.96
CA SER A 194 -23.49 -33.35 -16.95
C SER A 194 -23.07 -31.94 -17.34
N CYS A 195 -22.48 -31.21 -16.42
CA CYS A 195 -22.09 -29.83 -16.70
C CYS A 195 -20.98 -29.76 -17.76
N CYS A 196 -20.02 -30.67 -17.63
CA CYS A 196 -18.70 -30.50 -18.23
C CYS A 196 -18.26 -31.81 -18.92
N PRO A 197 -17.60 -31.69 -20.09
CA PRO A 197 -17.08 -32.86 -20.84
C PRO A 197 -16.01 -33.67 -20.11
N GLU A 198 -15.14 -33.05 -19.32
CA GLU A 198 -14.00 -33.79 -18.78
C GLU A 198 -14.43 -34.65 -17.59
N ALA A 199 -13.50 -35.49 -17.13
CA ALA A 199 -13.75 -36.43 -16.06
C ALA A 199 -13.02 -35.98 -14.80
N TYR A 200 -13.69 -36.10 -13.65
CA TYR A 200 -13.12 -35.79 -12.35
C TYR A 200 -12.87 -37.06 -11.59
N GLU A 201 -11.73 -37.08 -10.90
CA GLU A 201 -11.33 -38.19 -10.09
C GLU A 201 -11.95 -38.01 -8.72
N ASP A 202 -12.18 -39.10 -8.02
CA ASP A 202 -12.63 -39.00 -6.66
C ASP A 202 -12.29 -40.26 -5.92
N VAL A 203 -12.26 -40.12 -4.62
CA VAL A 203 -12.03 -41.21 -3.69
C VAL A 203 -13.34 -41.50 -2.99
N GLU A 204 -13.69 -42.79 -2.95
CA GLU A 204 -14.85 -43.23 -2.20
C GLU A 204 -14.37 -43.91 -0.93
N VAL A 205 -14.74 -43.32 0.21
CA VAL A 205 -14.38 -43.82 1.52
C VAL A 205 -15.57 -44.55 2.10
N SER A 206 -15.42 -45.86 2.24
CA SER A 206 -16.47 -46.73 2.79
C SER A 206 -16.25 -47.04 4.25
N LEU A 207 -17.12 -46.47 5.07
CA LEU A 207 -17.06 -46.59 6.52
C LEU A 207 -18.08 -47.62 6.99
N ASN A 208 -17.59 -48.78 7.42
CA ASN A 208 -18.43 -49.83 7.99
C ASN A 208 -18.38 -49.77 9.50
N PHE A 209 -19.50 -49.43 10.13
CA PHE A 209 -19.53 -49.20 11.57
C PHE A 209 -20.84 -49.69 12.17
N ARG A 210 -20.91 -49.76 13.50
CA ARG A 210 -22.13 -50.20 14.18
C ARG A 210 -22.19 -49.73 15.64
N LYS A 211 -23.41 -49.67 16.18
CA LYS A 211 -23.58 -49.24 17.57
C LYS A 211 -23.16 -50.39 18.48
N LYS A 212 -22.50 -50.05 19.58
CA LYS A 212 -22.05 -51.02 20.56
C LYS A 212 -23.23 -51.59 21.32
N ASP B 7 0.86 -26.60 -18.32
CA ASP B 7 1.87 -25.55 -18.20
C ASP B 7 1.51 -24.57 -17.08
N LYS B 8 2.21 -24.66 -15.96
CA LYS B 8 1.88 -23.86 -14.77
C LYS B 8 2.05 -22.35 -14.95
N LEU B 9 3.16 -21.97 -15.59
CA LEU B 9 3.44 -20.56 -15.83
C LEU B 9 2.30 -19.94 -16.64
N ASP B 10 1.88 -20.65 -17.69
CA ASP B 10 0.74 -20.21 -18.48
C ASP B 10 -0.45 -19.95 -17.57
N ARG B 11 -0.66 -20.82 -16.59
CA ARG B 11 -1.78 -20.67 -15.66
C ARG B 11 -1.67 -19.40 -14.82
N ALA B 12 -0.50 -19.18 -14.24
CA ALA B 12 -0.28 -17.96 -13.48
C ALA B 12 -0.44 -16.72 -14.34
N ASP B 13 -0.08 -16.82 -15.61
CA ASP B 13 -0.24 -15.69 -16.52
C ASP B 13 -1.71 -15.48 -16.85
N ILE B 14 -2.46 -16.56 -17.05
CA ILE B 14 -3.89 -16.41 -17.31
C ILE B 14 -4.57 -15.77 -16.10
N LEU B 15 -4.30 -16.28 -14.91
CA LEU B 15 -4.86 -15.72 -13.68
C LEU B 15 -4.47 -14.23 -13.52
N TYR B 16 -3.22 -13.89 -13.82
CA TYR B 16 -2.80 -12.48 -13.84
C TYR B 16 -3.55 -11.62 -14.86
N ASN B 17 -3.76 -12.15 -16.06
CA ASN B 17 -4.53 -11.42 -17.08
C ASN B 17 -5.97 -11.21 -16.64
N ILE B 18 -6.60 -12.29 -16.19
CA ILE B 18 -7.97 -12.20 -15.66
C ILE B 18 -8.04 -11.12 -14.56
N ARG B 19 -7.10 -11.11 -13.64
CA ARG B 19 -7.14 -10.09 -12.60
C ARG B 19 -6.75 -8.70 -13.05
N GLN B 20 -6.00 -8.58 -14.12
CA GLN B 20 -5.82 -7.25 -14.72
C GLN B 20 -7.10 -6.73 -15.36
N THR B 21 -7.84 -7.63 -16.02
CA THR B 21 -8.99 -7.24 -16.81
C THR B 21 -10.34 -7.25 -16.06
N SER B 22 -10.50 -8.18 -15.14
CA SER B 22 -11.80 -8.37 -14.48
C SER B 22 -12.10 -7.18 -13.55
N ARG B 23 -13.31 -6.64 -13.67
CA ARG B 23 -13.80 -5.64 -12.76
C ARG B 23 -14.89 -6.31 -11.93
N PRO B 24 -14.55 -6.79 -10.71
CA PRO B 24 -15.48 -7.69 -10.00
C PRO B 24 -16.82 -7.07 -9.59
N ASP B 25 -16.90 -5.75 -9.55
CA ASP B 25 -18.11 -5.09 -9.10
C ASP B 25 -18.94 -4.47 -10.22
N VAL B 26 -18.51 -4.63 -11.47
CA VAL B 26 -19.17 -4.04 -12.64
C VAL B 26 -19.75 -5.13 -13.51
N ILE B 27 -21.00 -4.97 -13.94
CA ILE B 27 -21.64 -6.01 -14.75
C ILE B 27 -20.99 -6.05 -16.13
N PRO B 28 -20.56 -7.25 -16.57
CA PRO B 28 -19.89 -7.37 -17.88
C PRO B 28 -20.82 -7.25 -19.06
N THR B 29 -21.39 -6.07 -19.29
CA THR B 29 -22.30 -5.92 -20.42
C THR B 29 -21.47 -5.80 -21.67
N GLN B 30 -21.79 -6.63 -22.64
CA GLN B 30 -21.07 -6.67 -23.90
C GLN B 30 -21.89 -5.92 -24.94
N ARG B 31 -21.26 -4.97 -25.63
CA ARG B 31 -22.00 -4.07 -26.50
C ARG B 31 -23.01 -3.34 -25.58
N ASP B 32 -24.25 -3.17 -26.01
CA ASP B 32 -25.22 -2.44 -25.20
C ASP B 32 -26.38 -3.33 -24.78
N ARG B 33 -26.06 -4.57 -24.44
CA ARG B 33 -27.07 -5.59 -24.18
C ARG B 33 -26.99 -6.07 -22.73
N PRO B 34 -28.08 -6.63 -22.20
CA PRO B 34 -28.02 -7.21 -20.86
C PRO B 34 -27.02 -8.35 -20.78
N VAL B 35 -26.48 -8.62 -19.60
CA VAL B 35 -25.71 -9.83 -19.36
C VAL B 35 -26.69 -10.99 -19.37
N ALA B 36 -26.39 -12.01 -20.18
CA ALA B 36 -27.15 -13.23 -20.20
C ALA B 36 -26.63 -14.23 -19.18
N VAL B 37 -27.32 -14.31 -18.04
CA VAL B 37 -26.96 -15.32 -17.04
C VAL B 37 -27.87 -16.52 -17.16
N SER B 38 -27.27 -17.69 -17.14
CA SER B 38 -28.01 -18.91 -17.09
C SER B 38 -27.86 -19.57 -15.75
N VAL B 39 -29.00 -19.94 -15.16
CA VAL B 39 -29.06 -20.62 -13.87
C VAL B 39 -29.89 -21.91 -13.95
N SER B 40 -29.38 -22.97 -13.31
CA SER B 40 -30.11 -24.20 -13.15
C SER B 40 -29.77 -24.83 -11.81
N LEU B 41 -30.79 -25.32 -11.11
CA LEU B 41 -30.57 -26.08 -9.87
C LEU B 41 -30.58 -27.56 -10.14
N LYS B 42 -29.47 -28.22 -9.81
CA LYS B 42 -29.42 -29.69 -9.76
C LYS B 42 -29.61 -30.13 -8.33
N PHE B 43 -30.73 -30.79 -8.09
CA PHE B 43 -31.07 -31.18 -6.73
C PHE B 43 -30.29 -32.40 -6.30
N ILE B 44 -29.74 -32.30 -5.10
CA ILE B 44 -28.93 -33.36 -4.53
C ILE B 44 -29.66 -33.99 -3.37
N ASN B 45 -30.46 -33.19 -2.67
CA ASN B 45 -31.10 -33.71 -1.48
C ASN B 45 -32.23 -32.83 -0.99
N ILE B 46 -33.10 -33.49 -0.24
CA ILE B 46 -34.22 -32.86 0.44
C ILE B 46 -34.18 -33.41 1.85
N LEU B 47 -33.87 -32.53 2.80
CA LEU B 47 -33.39 -32.96 4.11
C LEU B 47 -34.47 -32.92 5.16
N GLU B 48 -35.29 -31.89 5.12
CA GLU B 48 -36.36 -31.73 6.07
C GLU B 48 -37.45 -31.05 5.31
N VAL B 49 -38.66 -31.37 5.73
CA VAL B 49 -39.85 -30.93 5.07
C VAL B 49 -40.86 -30.76 6.18
N ASN B 50 -41.55 -29.64 6.16
CA ASN B 50 -42.57 -29.35 7.15
C ASN B 50 -43.83 -28.89 6.47
N GLU B 51 -44.86 -29.72 6.65
CA GLU B 51 -46.12 -29.58 5.95
C GLU B 51 -47.02 -28.59 6.68
N ILE B 52 -46.83 -28.45 7.98
CA ILE B 52 -47.52 -27.42 8.74
C ILE B 52 -46.98 -26.02 8.40
N THR B 53 -45.68 -25.84 8.52
CA THR B 53 -45.08 -24.52 8.31
C THR B 53 -44.78 -24.22 6.84
N ASN B 54 -44.93 -25.23 5.97
CA ASN B 54 -44.66 -25.06 4.54
C ASN B 54 -43.19 -24.67 4.35
N GLU B 55 -42.31 -25.49 4.90
CA GLU B 55 -40.89 -25.19 4.81
C GLU B 55 -40.11 -26.40 4.36
N VAL B 56 -39.16 -26.16 3.47
CA VAL B 56 -38.27 -27.22 2.98
C VAL B 56 -36.78 -26.86 3.13
N ASP B 57 -35.96 -27.87 3.40
CA ASP B 57 -34.54 -27.71 3.51
C ASP B 57 -33.87 -28.52 2.41
N VAL B 58 -33.23 -27.85 1.44
CA VAL B 58 -32.69 -28.57 0.28
C VAL B 58 -31.22 -28.29 -0.01
N VAL B 59 -30.60 -29.27 -0.66
CA VAL B 59 -29.24 -29.17 -1.13
C VAL B 59 -29.26 -29.28 -2.62
N PHE B 60 -28.57 -28.36 -3.29
CA PHE B 60 -28.54 -28.37 -4.74
C PHE B 60 -27.28 -27.72 -5.27
N TRP B 61 -26.84 -28.19 -6.44
CA TRP B 61 -25.78 -27.52 -7.17
C TRP B 61 -26.41 -26.40 -7.97
N GLN B 62 -25.92 -25.19 -7.74
CA GLN B 62 -26.47 -24.00 -8.41
C GLN B 62 -25.63 -23.72 -9.64
N GLN B 63 -26.00 -24.35 -10.75
CA GLN B 63 -25.21 -24.21 -11.96
C GLN B 63 -25.44 -22.85 -12.56
N THR B 64 -24.38 -22.05 -12.61
CA THR B 64 -24.48 -20.69 -13.08
C THR B 64 -23.45 -20.40 -14.15
N THR B 65 -23.89 -19.84 -15.27
CA THR B 65 -22.96 -19.50 -16.34
C THR B 65 -23.27 -18.19 -17.00
N TRP B 66 -22.22 -17.57 -17.52
CA TRP B 66 -22.34 -16.30 -18.28
C TRP B 66 -21.03 -16.01 -18.99
N SER B 67 -21.00 -15.02 -19.89
CA SER B 67 -19.77 -14.65 -20.58
C SER B 67 -19.23 -13.31 -20.16
N ASP B 68 -17.91 -13.23 -20.11
CA ASP B 68 -17.22 -11.95 -20.16
C ASP B 68 -16.10 -12.05 -21.18
N ARG B 69 -16.36 -11.53 -22.38
CA ARG B 69 -15.45 -11.66 -23.49
C ARG B 69 -14.12 -10.94 -23.26
N THR B 70 -14.12 -9.93 -22.39
CA THR B 70 -12.87 -9.22 -22.11
C THR B 70 -11.89 -10.14 -21.38
N LEU B 71 -12.39 -11.21 -20.79
CA LEU B 71 -11.52 -12.16 -20.10
C LEU B 71 -10.87 -13.15 -21.06
N ALA B 72 -11.31 -13.16 -22.32
CA ALA B 72 -10.93 -14.23 -23.25
C ALA B 72 -9.45 -14.14 -23.61
N TRP B 73 -8.87 -15.25 -24.05
CA TRP B 73 -7.46 -15.29 -24.49
C TRP B 73 -7.24 -16.39 -25.50
N ASN B 74 -6.15 -16.27 -26.26
CA ASN B 74 -5.83 -17.27 -27.27
C ASN B 74 -5.21 -18.52 -26.62
N SER B 75 -5.83 -19.68 -26.86
CA SER B 75 -5.46 -20.89 -26.13
C SER B 75 -4.84 -21.99 -27.00
N SER B 76 -4.56 -21.68 -28.25
CA SER B 76 -3.89 -22.62 -29.16
C SER B 76 -2.62 -23.27 -28.59
N HIS B 77 -1.94 -22.58 -27.67
CA HIS B 77 -0.75 -23.13 -27.06
C HIS B 77 -0.68 -22.79 -25.58
N SER B 78 -1.86 -22.65 -24.97
CA SER B 78 -1.98 -22.33 -23.56
C SER B 78 -3.25 -22.99 -23.06
N PRO B 79 -3.38 -23.15 -21.74
CA PRO B 79 -4.57 -23.82 -21.16
C PRO B 79 -5.90 -23.20 -21.60
N ASP B 80 -6.87 -24.05 -21.92
CA ASP B 80 -8.21 -23.59 -22.30
C ASP B 80 -9.09 -23.19 -21.11
N GLN B 81 -8.68 -23.58 -19.90
CA GLN B 81 -9.48 -23.34 -18.71
C GLN B 81 -8.65 -23.15 -17.46
N VAL B 82 -9.11 -22.25 -16.58
CA VAL B 82 -8.54 -22.18 -15.24
C VAL B 82 -9.60 -21.99 -14.16
N SER B 83 -9.27 -22.37 -12.94
CA SER B 83 -10.10 -22.06 -11.80
C SER B 83 -9.68 -20.73 -11.16
N VAL B 84 -10.66 -19.90 -10.86
CA VAL B 84 -10.41 -18.59 -10.28
C VAL B 84 -11.23 -18.44 -9.01
N PRO B 85 -10.66 -17.86 -7.95
CA PRO B 85 -11.52 -17.49 -6.81
C PRO B 85 -12.54 -16.45 -7.23
N ILE B 86 -13.80 -16.60 -6.81
CA ILE B 86 -14.88 -15.70 -7.25
C ILE B 86 -14.71 -14.25 -6.80
N SER B 87 -13.90 -14.02 -5.78
CA SER B 87 -13.51 -12.65 -5.40
C SER B 87 -12.76 -11.91 -6.54
N SER B 88 -12.04 -12.66 -7.36
CA SER B 88 -11.38 -12.06 -8.53
C SER B 88 -12.30 -11.85 -9.72
N LEU B 89 -13.54 -12.31 -9.62
CA LEU B 89 -14.50 -12.21 -10.71
C LEU B 89 -15.78 -11.49 -10.34
N TRP B 90 -16.43 -10.91 -11.33
CA TRP B 90 -17.80 -10.52 -11.19
C TRP B 90 -18.66 -11.77 -11.21
N VAL B 91 -19.56 -11.87 -10.24
CA VAL B 91 -20.51 -12.96 -10.12
C VAL B 91 -21.89 -12.32 -10.07
N PRO B 92 -22.89 -12.94 -10.70
CA PRO B 92 -24.23 -12.36 -10.58
C PRO B 92 -24.80 -12.41 -9.17
N ASP B 93 -25.58 -11.39 -8.80
CA ASP B 93 -26.14 -11.28 -7.47
C ASP B 93 -27.47 -12.00 -7.41
N LEU B 94 -27.41 -13.32 -7.54
CA LEU B 94 -28.64 -14.12 -7.49
C LEU B 94 -29.13 -14.25 -6.06
N ALA B 95 -30.44 -14.32 -5.94
CA ALA B 95 -31.07 -14.66 -4.68
C ALA B 95 -32.35 -15.38 -4.99
N ALA B 96 -32.69 -16.31 -4.08
CA ALA B 96 -33.97 -17.00 -4.06
C ALA B 96 -34.98 -16.12 -3.36
N TYR B 97 -35.97 -15.63 -4.10
CA TYR B 97 -36.94 -14.69 -3.56
C TYR B 97 -37.79 -15.29 -2.42
N ASN B 98 -37.88 -16.62 -2.32
CA ASN B 98 -38.60 -17.23 -1.20
C ASN B 98 -37.69 -18.05 -0.26
N ALA B 99 -36.41 -17.68 -0.21
CA ALA B 99 -35.49 -18.30 0.73
C ALA B 99 -35.72 -17.75 2.14
N ILE B 100 -35.59 -18.59 3.17
CA ILE B 100 -35.83 -18.13 4.54
C ILE B 100 -34.62 -18.43 5.41
N SER B 101 -33.52 -18.79 4.77
CA SER B 101 -32.22 -18.83 5.42
C SER B 101 -31.14 -18.39 4.43
N LYS B 102 -29.94 -18.15 4.92
CA LYS B 102 -28.85 -17.69 4.04
C LYS B 102 -28.38 -18.91 3.24
N PRO B 103 -27.94 -18.69 1.99
CA PRO B 103 -27.41 -19.85 1.27
C PRO B 103 -26.08 -20.30 1.88
N GLU B 104 -26.06 -21.52 2.40
CA GLU B 104 -24.87 -22.12 3.00
C GLU B 104 -24.08 -22.79 1.88
N VAL B 105 -23.00 -22.15 1.43
CA VAL B 105 -22.17 -22.71 0.37
C VAL B 105 -21.32 -23.79 0.98
N LEU B 106 -21.38 -24.99 0.39
CA LEU B 106 -20.70 -26.16 0.96
C LEU B 106 -19.40 -26.52 0.24
N THR B 107 -19.16 -25.87 -0.91
CA THR B 107 -18.02 -26.19 -1.78
C THR B 107 -17.04 -25.02 -1.92
N PRO B 108 -15.82 -25.29 -2.44
CA PRO B 108 -14.83 -24.22 -2.60
C PRO B 108 -15.28 -23.13 -3.55
N GLN B 109 -15.10 -21.86 -3.18
CA GLN B 109 -15.65 -20.77 -3.97
C GLN B 109 -14.73 -20.39 -5.13
N LEU B 110 -14.74 -21.30 -6.09
CA LEU B 110 -13.96 -21.21 -7.30
C LEU B 110 -14.89 -21.29 -8.49
N ALA B 111 -14.67 -20.43 -9.47
CA ALA B 111 -15.33 -20.50 -10.76
C ALA B 111 -14.37 -21.04 -11.79
N ARG B 112 -14.90 -21.51 -12.91
CA ARG B 112 -14.06 -21.88 -14.04
C ARG B 112 -14.16 -20.81 -15.07
N VAL B 113 -13.02 -20.34 -15.58
CA VAL B 113 -13.01 -19.44 -16.71
C VAL B 113 -12.37 -20.16 -17.88
N VAL B 114 -13.08 -20.07 -19.00
CA VAL B 114 -12.76 -20.75 -20.24
C VAL B 114 -12.22 -19.71 -21.21
N SER B 115 -11.29 -20.12 -22.07
CA SER B 115 -10.53 -19.17 -22.89
C SER B 115 -11.42 -18.25 -23.75
N ASP B 116 -12.62 -18.72 -24.11
CA ASP B 116 -13.54 -17.90 -24.90
C ASP B 116 -14.28 -16.88 -24.02
N GLY B 117 -13.96 -16.89 -22.73
CA GLY B 117 -14.55 -15.95 -21.81
C GLY B 117 -15.82 -16.43 -21.13
N GLU B 118 -16.17 -17.70 -21.27
CA GLU B 118 -17.34 -18.23 -20.57
C GLU B 118 -16.93 -18.52 -19.13
N VAL B 119 -17.79 -18.12 -18.20
CA VAL B 119 -17.62 -18.42 -16.78
C VAL B 119 -18.70 -19.38 -16.30
N LEU B 120 -18.24 -20.41 -15.60
CA LEU B 120 -19.07 -21.40 -14.88
C LEU B 120 -18.84 -21.35 -13.39
N TYR B 121 -19.86 -21.02 -12.61
CA TYR B 121 -19.79 -21.08 -11.14
C TYR B 121 -20.94 -21.97 -10.64
N MET B 122 -20.58 -22.97 -9.85
CA MET B 122 -21.47 -24.05 -9.52
C MET B 122 -21.22 -24.53 -8.10
N PRO B 123 -21.58 -23.69 -7.13
CA PRO B 123 -21.49 -24.10 -5.73
C PRO B 123 -22.56 -25.12 -5.37
N SER B 124 -22.22 -25.96 -4.42
CA SER B 124 -23.22 -26.76 -3.75
C SER B 124 -23.78 -25.97 -2.58
N ILE B 125 -25.08 -25.67 -2.66
CA ILE B 125 -25.74 -24.85 -1.65
C ILE B 125 -26.77 -25.66 -0.86
N ARG B 126 -26.79 -25.42 0.45
CA ARG B 126 -27.84 -25.86 1.31
C ARG B 126 -28.64 -24.66 1.78
N GLN B 127 -29.95 -24.72 1.56
CA GLN B 127 -30.80 -23.58 1.87
C GLN B 127 -32.25 -23.98 2.20
N ARG B 128 -32.91 -23.18 3.03
CA ARG B 128 -34.31 -23.48 3.39
C ARG B 128 -35.24 -22.48 2.72
N PHE B 129 -36.39 -22.99 2.27
CA PHE B 129 -37.37 -22.17 1.57
C PHE B 129 -38.76 -22.28 2.15
N SER B 130 -39.54 -21.26 1.81
CA SER B 130 -40.97 -21.20 2.08
C SER B 130 -41.69 -21.50 0.80
N CYS B 131 -42.48 -22.55 0.83
CA CYS B 131 -43.18 -22.99 -0.37
C CYS B 131 -44.21 -24.05 -0.06
N ASP B 132 -45.00 -24.39 -1.07
CA ASP B 132 -46.15 -25.28 -0.91
C ASP B 132 -45.75 -26.74 -0.66
N VAL B 133 -45.86 -27.19 0.59
CA VAL B 133 -45.47 -28.54 0.96
C VAL B 133 -46.72 -29.44 1.02
N SER B 134 -47.89 -28.88 0.76
CA SER B 134 -49.10 -29.69 0.79
C SER B 134 -49.04 -30.74 -0.31
N GLY B 135 -49.31 -31.99 0.04
CA GLY B 135 -49.36 -33.08 -0.91
C GLY B 135 -48.17 -34.00 -0.82
N VAL B 136 -47.23 -33.67 0.06
CA VAL B 136 -45.94 -34.35 0.07
C VAL B 136 -46.08 -35.84 0.38
N ASP B 137 -47.15 -36.23 1.08
CA ASP B 137 -47.35 -37.63 1.49
C ASP B 137 -48.35 -38.35 0.62
N THR B 138 -48.84 -37.68 -0.41
CA THR B 138 -49.71 -38.31 -1.38
C THR B 138 -48.88 -38.76 -2.57
N GLU B 139 -49.47 -39.65 -3.37
CA GLU B 139 -48.78 -40.20 -4.53
C GLU B 139 -48.32 -39.12 -5.52
N SER B 140 -49.09 -38.05 -5.61
CA SER B 140 -48.81 -37.01 -6.61
C SER B 140 -47.84 -35.97 -6.03
N GLY B 141 -47.66 -35.99 -4.71
CA GLY B 141 -46.59 -35.27 -4.07
C GLY B 141 -46.83 -33.77 -3.97
N ALA B 142 -45.84 -33.05 -3.44
CA ALA B 142 -45.92 -31.60 -3.35
C ALA B 142 -45.21 -31.00 -4.53
N THR B 143 -45.63 -29.80 -4.89
CA THR B 143 -44.89 -28.98 -5.84
C THR B 143 -44.41 -27.69 -5.19
N CYS B 144 -43.11 -27.66 -4.85
CA CYS B 144 -42.48 -26.49 -4.21
C CYS B 144 -41.84 -25.62 -5.28
N ARG B 145 -42.13 -24.33 -5.25
CA ARG B 145 -41.61 -23.41 -6.24
C ARG B 145 -40.52 -22.47 -5.67
N ILE B 146 -39.37 -22.46 -6.31
CA ILE B 146 -38.25 -21.58 -5.91
C ILE B 146 -37.98 -20.60 -7.05
N LYS B 147 -38.06 -19.31 -6.79
CA LYS B 147 -37.64 -18.30 -7.77
C LYS B 147 -36.25 -17.77 -7.52
N ILE B 148 -35.40 -17.87 -8.53
CA ILE B 148 -34.05 -17.31 -8.46
C ILE B 148 -33.82 -16.21 -9.49
N GLY B 149 -33.32 -15.09 -8.99
CA GLY B 149 -33.04 -13.96 -9.86
C GLY B 149 -32.04 -12.97 -9.31
N SER B 150 -31.75 -11.92 -10.08
CA SER B 150 -30.85 -10.88 -9.63
C SER B 150 -31.54 -10.10 -8.52
N TRP B 151 -30.83 -9.83 -7.44
CA TRP B 151 -31.41 -9.05 -6.36
C TRP B 151 -31.50 -7.56 -6.68
N THR B 152 -30.59 -7.02 -7.50
CA THR B 152 -30.55 -5.55 -7.72
C THR B 152 -30.47 -5.09 -9.18
N HIS B 153 -30.34 -6.03 -10.11
CA HIS B 153 -30.27 -5.68 -11.53
C HIS B 153 -31.57 -6.04 -12.25
N HIS B 154 -32.25 -5.03 -12.79
CA HIS B 154 -33.46 -5.24 -13.55
C HIS B 154 -33.10 -5.82 -14.92
N SER B 155 -34.13 -6.21 -15.66
CA SER B 155 -33.97 -7.03 -16.86
C SER B 155 -33.18 -6.33 -17.97
N ARG B 156 -33.18 -5.01 -17.95
CA ARG B 156 -32.47 -4.30 -18.99
C ARG B 156 -30.96 -4.39 -18.69
N GLU B 157 -30.59 -4.78 -17.47
CA GLU B 157 -29.18 -4.97 -17.07
C GLU B 157 -28.73 -6.45 -17.04
N ILE B 158 -29.57 -7.31 -16.47
CA ILE B 158 -29.28 -8.74 -16.38
C ILE B 158 -30.51 -9.54 -16.76
N SER B 159 -30.34 -10.45 -17.70
CA SER B 159 -31.37 -11.43 -17.98
C SER B 159 -30.96 -12.75 -17.35
N VAL B 160 -31.95 -13.39 -16.71
CA VAL B 160 -31.77 -14.70 -16.11
C VAL B 160 -32.65 -15.69 -16.85
N ASP B 161 -31.99 -16.70 -17.41
CA ASP B 161 -32.65 -17.71 -18.21
C ASP B 161 -32.20 -19.08 -17.73
N PRO B 162 -33.05 -20.09 -17.94
CA PRO B 162 -32.62 -21.45 -17.59
C PRO B 162 -31.51 -21.91 -18.48
N THR B 163 -30.72 -22.86 -18.01
CA THR B 163 -29.73 -23.43 -18.89
C THR B 163 -30.49 -24.28 -19.88
N THR B 164 -29.87 -24.53 -21.02
CA THR B 164 -30.44 -25.38 -22.06
C THR B 164 -30.80 -26.78 -21.54
N GLU B 165 -29.87 -27.38 -20.78
CA GLU B 165 -30.06 -28.69 -20.17
C GLU B 165 -30.63 -28.63 -18.75
N ASN B 166 -31.82 -29.21 -18.59
CA ASN B 166 -32.46 -29.43 -17.29
C ASN B 166 -32.99 -30.88 -17.15
N SER B 167 -32.70 -31.70 -18.15
CA SER B 167 -32.95 -33.13 -18.08
C SER B 167 -32.20 -33.81 -16.94
N ASP B 168 -31.21 -33.12 -16.39
CA ASP B 168 -30.31 -33.71 -15.39
C ASP B 168 -30.61 -33.14 -13.99
N ASP B 169 -31.74 -32.46 -13.87
CA ASP B 169 -32.08 -31.80 -12.62
C ASP B 169 -32.12 -32.70 -11.38
N SER B 170 -32.44 -33.98 -11.56
CA SER B 170 -32.53 -34.90 -10.43
C SER B 170 -31.56 -36.07 -10.58
N GLU B 171 -30.75 -36.03 -11.62
CA GLU B 171 -29.70 -37.04 -11.88
C GLU B 171 -28.70 -37.32 -10.75
N TYR B 172 -28.42 -36.34 -9.91
CA TYR B 172 -27.45 -36.50 -8.84
C TYR B 172 -28.13 -36.52 -7.47
N PHE B 173 -29.44 -36.73 -7.49
CA PHE B 173 -30.21 -36.76 -6.26
C PHE B 173 -29.88 -37.97 -5.41
N SER B 174 -29.71 -37.75 -4.12
CA SER B 174 -29.29 -38.81 -3.22
C SER B 174 -30.33 -39.89 -3.13
N GLN B 175 -29.91 -41.12 -3.37
CA GLN B 175 -30.81 -42.25 -3.23
C GLN B 175 -31.21 -42.47 -1.77
N TYR B 176 -30.40 -41.93 -0.85
CA TYR B 176 -30.66 -42.08 0.58
C TYR B 176 -31.54 -40.99 1.17
N SER B 177 -32.06 -40.10 0.33
CA SER B 177 -33.08 -39.13 0.77
C SER B 177 -34.35 -39.85 1.21
N ARG B 178 -35.01 -39.36 2.25
CA ARG B 178 -36.28 -39.95 2.66
C ARG B 178 -37.36 -39.49 1.69
N PHE B 179 -36.97 -38.65 0.73
CA PHE B 179 -37.87 -38.21 -0.33
C PHE B 179 -37.38 -38.64 -1.71
N GLU B 180 -38.20 -38.34 -2.72
CA GLU B 180 -37.91 -38.67 -4.11
C GLU B 180 -38.56 -37.64 -5.02
N ILE B 181 -37.97 -37.42 -6.19
CA ILE B 181 -38.39 -36.34 -7.07
C ILE B 181 -39.13 -36.90 -8.28
N LEU B 182 -40.31 -36.36 -8.53
CA LEU B 182 -41.19 -36.87 -9.55
C LEU B 182 -40.97 -36.04 -10.76
N ASP B 183 -40.91 -34.74 -10.54
CA ASP B 183 -40.68 -33.83 -11.65
C ASP B 183 -39.96 -32.55 -11.20
N VAL B 184 -39.22 -31.96 -12.12
CA VAL B 184 -38.60 -30.65 -11.94
C VAL B 184 -38.84 -29.85 -13.20
N THR B 185 -39.37 -28.63 -13.09
CA THR B 185 -39.38 -27.72 -14.24
C THR B 185 -38.75 -26.35 -13.95
N GLN B 186 -37.89 -25.88 -14.86
CA GLN B 186 -37.14 -24.66 -14.63
C GLN B 186 -37.42 -23.68 -15.75
N LYS B 187 -38.26 -22.67 -15.50
CA LYS B 187 -38.74 -21.79 -16.57
C LYS B 187 -38.51 -20.30 -16.36
N LYS B 188 -38.50 -19.58 -17.47
CA LYS B 188 -38.42 -18.14 -17.43
C LYS B 188 -39.63 -17.53 -16.73
N ASN B 189 -39.34 -16.53 -15.90
CA ASN B 189 -40.37 -15.71 -15.30
C ASN B 189 -39.88 -14.26 -15.12
N SER B 190 -40.82 -13.34 -14.91
CA SER B 190 -40.48 -11.95 -14.61
C SER B 190 -41.37 -11.44 -13.50
N VAL B 191 -40.76 -10.79 -12.51
CA VAL B 191 -41.51 -10.19 -11.42
C VAL B 191 -41.31 -8.69 -11.49
N THR B 192 -42.43 -8.01 -11.22
CA THR B 192 -42.55 -6.56 -11.27
C THR B 192 -43.38 -6.13 -10.09
N TYR B 193 -43.10 -4.94 -9.58
CA TYR B 193 -43.78 -4.42 -8.38
C TYR B 193 -44.54 -3.13 -8.64
N CYS B 195 -45.25 -0.70 -7.61
CA CYS B 195 -44.73 0.64 -7.41
C CYS B 195 -44.09 1.18 -8.70
N CYS B 196 -43.20 0.39 -9.31
CA CYS B 196 -42.22 0.89 -10.28
C CYS B 196 -42.21 0.09 -11.59
N PRO B 197 -41.52 0.62 -12.64
CA PRO B 197 -41.64 -0.01 -13.96
C PRO B 197 -40.61 -1.08 -14.28
N GLU B 198 -39.56 -1.22 -13.47
CA GLU B 198 -38.54 -2.22 -13.78
C GLU B 198 -38.97 -3.64 -13.37
N ALA B 199 -38.61 -4.58 -14.22
CA ALA B 199 -38.91 -5.98 -14.02
C ALA B 199 -37.60 -6.73 -13.76
N TYR B 200 -37.63 -7.65 -12.80
CA TYR B 200 -36.51 -8.56 -12.60
C TYR B 200 -36.88 -9.91 -13.18
N GLU B 201 -36.04 -10.37 -14.09
CA GLU B 201 -36.15 -11.70 -14.62
C GLU B 201 -35.67 -12.72 -13.61
N ASP B 202 -36.27 -13.90 -13.67
CA ASP B 202 -35.91 -14.98 -12.77
C ASP B 202 -36.16 -16.31 -13.45
N VAL B 203 -35.56 -17.35 -12.86
CA VAL B 203 -35.89 -18.72 -13.19
C VAL B 203 -36.71 -19.29 -12.06
N GLU B 204 -37.87 -19.79 -12.46
CA GLU B 204 -38.84 -20.42 -11.56
C GLU B 204 -38.64 -21.91 -11.64
N VAL B 205 -38.19 -22.47 -10.53
CA VAL B 205 -37.93 -23.89 -10.39
C VAL B 205 -39.13 -24.51 -9.67
N SER B 206 -39.88 -25.36 -10.36
CA SER B 206 -40.96 -26.15 -9.75
C SER B 206 -40.46 -27.53 -9.45
N LEU B 207 -40.38 -27.82 -8.16
CA LEU B 207 -39.92 -29.10 -7.66
C LEU B 207 -41.11 -29.95 -7.20
N ASN B 208 -41.47 -30.94 -8.02
CA ASN B 208 -42.50 -31.94 -7.71
C ASN B 208 -41.88 -33.16 -7.04
N PHE B 209 -42.08 -33.27 -5.73
CA PHE B 209 -41.44 -34.32 -4.92
C PHE B 209 -42.44 -34.96 -3.97
N ARG B 210 -42.09 -36.12 -3.43
CA ARG B 210 -42.92 -36.78 -2.43
C ARG B 210 -42.12 -37.70 -1.51
N LYS B 211 -42.70 -37.99 -0.35
CA LYS B 211 -42.09 -38.90 0.63
C LYS B 211 -42.14 -40.31 0.07
N LYS B 212 -41.07 -41.07 0.26
CA LYS B 212 -41.03 -42.41 -0.28
C LYS B 212 -41.91 -43.36 0.53
N ASP C 1 -29.74 8.04 -19.06
CA ASP C 1 -30.82 7.66 -20.01
C ASP C 1 -30.72 6.18 -20.35
N TYR C 2 -31.87 5.59 -20.68
CA TYR C 2 -31.97 4.16 -20.96
C TYR C 2 -30.94 3.66 -21.96
N LYS C 3 -30.74 4.44 -23.02
CA LYS C 3 -29.97 4.00 -24.17
C LYS C 3 -28.48 3.81 -23.85
N ASP C 4 -28.06 4.24 -22.65
CA ASP C 4 -26.67 4.16 -22.25
C ASP C 4 -26.44 3.37 -20.94
N ASP C 5 -27.51 2.84 -20.37
CA ASP C 5 -27.44 2.10 -19.11
C ASP C 5 -26.47 0.90 -19.11
N ASP C 6 -26.34 0.19 -20.23
CA ASP C 6 -25.46 -0.97 -20.30
C ASP C 6 -24.07 -0.64 -20.90
N ASP C 7 -23.66 0.61 -20.82
CA ASP C 7 -22.28 0.98 -21.19
C ASP C 7 -21.36 0.56 -20.03
N LYS C 8 -20.55 -0.47 -20.23
CA LYS C 8 -19.76 -1.03 -19.13
C LYS C 8 -18.68 -0.08 -18.61
N LEU C 9 -17.97 0.55 -19.52
CA LEU C 9 -16.92 1.49 -19.12
C LEU C 9 -17.50 2.64 -18.32
N ASP C 10 -18.69 3.10 -18.74
CA ASP C 10 -19.41 4.14 -18.02
C ASP C 10 -19.82 3.69 -16.61
N ARG C 11 -20.19 2.43 -16.49
CA ARG C 11 -20.60 1.88 -15.20
C ARG C 11 -19.39 1.86 -14.28
N ALA C 12 -18.27 1.35 -14.80
CA ALA C 12 -17.02 1.30 -14.04
C ALA C 12 -16.55 2.71 -13.63
N ASP C 13 -16.70 3.68 -14.54
CA ASP C 13 -16.38 5.05 -14.18
C ASP C 13 -17.29 5.63 -13.11
N ILE C 14 -18.58 5.29 -13.16
CA ILE C 14 -19.50 5.76 -12.12
C ILE C 14 -19.11 5.17 -10.78
N LEU C 15 -18.75 3.89 -10.79
CA LEU C 15 -18.28 3.21 -9.58
C LEU C 15 -17.03 3.88 -9.00
N TYR C 16 -16.09 4.18 -9.90
CA TYR C 16 -14.89 4.92 -9.52
C TYR C 16 -15.27 6.24 -8.88
N ASN C 17 -16.17 6.99 -9.51
CA ASN C 17 -16.56 8.29 -8.97
C ASN C 17 -17.20 8.18 -7.59
N ILE C 18 -18.10 7.21 -7.44
CA ILE C 18 -18.72 6.98 -6.14
C ILE C 18 -17.63 6.68 -5.10
N ARG C 19 -16.69 5.82 -5.42
CA ARG C 19 -15.67 5.46 -4.43
C ARG C 19 -14.73 6.61 -4.12
N GLN C 20 -14.51 7.49 -5.08
CA GLN C 20 -13.75 8.71 -4.81
C GLN C 20 -14.48 9.61 -3.83
N THR C 21 -15.76 9.87 -4.07
CA THR C 21 -16.45 10.87 -3.24
C THR C 21 -17.22 10.30 -2.04
N SER C 22 -17.42 9.00 -1.99
CA SER C 22 -18.14 8.40 -0.86
C SER C 22 -17.30 8.40 0.40
N ARG C 23 -17.93 8.84 1.47
CA ARG C 23 -17.35 8.75 2.81
C ARG C 23 -18.18 7.79 3.66
N PRO C 24 -17.89 6.47 3.59
CA PRO C 24 -18.78 5.47 4.19
C PRO C 24 -19.02 5.63 5.68
N ASP C 25 -18.22 6.46 6.35
CA ASP C 25 -18.31 6.58 7.80
C ASP C 25 -18.87 7.91 8.23
N VAL C 26 -19.16 8.79 7.27
CA VAL C 26 -19.61 10.15 7.56
C VAL C 26 -21.03 10.29 7.05
N ILE C 27 -21.93 10.72 7.92
CA ILE C 27 -23.34 10.87 7.52
C ILE C 27 -23.40 12.00 6.49
N PRO C 28 -24.21 11.83 5.42
CA PRO C 28 -24.32 12.81 4.32
C PRO C 28 -25.29 13.96 4.55
N THR C 29 -25.03 14.79 5.55
CA THR C 29 -25.93 15.90 5.83
C THR C 29 -25.72 17.06 4.87
N GLN C 30 -26.79 17.43 4.16
CA GLN C 30 -26.75 18.50 3.15
C GLN C 30 -27.32 19.78 3.74
N ARG C 31 -26.63 20.89 3.50
CA ARG C 31 -26.93 22.10 4.23
C ARG C 31 -26.76 21.75 5.70
N ASP C 32 -27.56 22.33 6.57
CA ASP C 32 -27.53 21.93 7.96
C ASP C 32 -28.87 21.29 8.28
N ARG C 33 -29.13 20.17 7.63
CA ARG C 33 -30.35 19.42 7.86
C ARG C 33 -30.00 17.96 8.15
N PRO C 34 -30.81 17.29 8.98
CA PRO C 34 -30.66 15.84 9.22
C PRO C 34 -30.77 15.04 7.94
N VAL C 35 -30.06 13.94 7.85
CA VAL C 35 -30.28 13.02 6.73
C VAL C 35 -31.65 12.41 6.87
N ALA C 36 -32.49 12.62 5.86
CA ALA C 36 -33.84 12.08 5.90
C ALA C 36 -33.83 10.66 5.41
N VAL C 37 -34.00 9.71 6.31
CA VAL C 37 -34.02 8.30 5.94
C VAL C 37 -35.44 7.80 5.90
N SER C 38 -35.82 7.21 4.77
CA SER C 38 -37.11 6.54 4.63
C SER C 38 -36.96 5.04 4.83
N VAL C 39 -37.77 4.48 5.73
CA VAL C 39 -37.77 3.07 6.04
C VAL C 39 -39.17 2.47 5.85
N SER C 40 -39.22 1.37 5.09
CA SER C 40 -40.45 0.64 4.89
C SER C 40 -40.22 -0.86 4.97
N LEU C 41 -40.90 -1.53 5.90
CA LEU C 41 -40.78 -2.97 6.03
C LEU C 41 -41.83 -3.65 5.17
N LYS C 42 -41.38 -4.54 4.28
CA LYS C 42 -42.27 -5.33 3.43
C LYS C 42 -42.18 -6.79 3.88
N PHE C 43 -43.14 -7.20 4.69
CA PHE C 43 -43.12 -8.52 5.33
C PHE C 43 -43.35 -9.62 4.29
N ILE C 44 -42.54 -10.67 4.41
CA ILE C 44 -42.54 -11.79 3.47
C ILE C 44 -43.05 -13.08 4.15
N ASN C 45 -42.66 -13.30 5.39
CA ASN C 45 -43.02 -14.52 6.11
C ASN C 45 -43.01 -14.34 7.61
N ILE C 46 -43.98 -14.97 8.26
CA ILE C 46 -44.03 -15.13 9.70
C ILE C 46 -43.80 -16.61 9.96
N LEU C 47 -42.66 -16.93 10.56
CA LEU C 47 -42.15 -18.30 10.52
C LEU C 47 -42.48 -19.05 11.81
N GLU C 48 -42.11 -18.45 12.92
CA GLU C 48 -42.32 -19.02 14.22
C GLU C 48 -42.98 -17.96 15.09
N VAL C 49 -44.05 -18.34 15.76
CA VAL C 49 -44.81 -17.45 16.62
C VAL C 49 -44.97 -18.20 17.92
N ASN C 50 -44.63 -17.53 19.02
CA ASN C 50 -44.82 -18.13 20.32
C ASN C 50 -45.61 -17.24 21.27
N GLU C 51 -46.84 -17.69 21.56
CA GLU C 51 -47.79 -16.93 22.36
C GLU C 51 -47.36 -16.88 23.83
N ILE C 52 -46.53 -17.82 24.23
CA ILE C 52 -46.04 -17.92 25.61
C ILE C 52 -44.90 -16.95 25.91
N THR C 53 -43.84 -17.04 25.10
CA THR C 53 -42.68 -16.19 25.25
C THR C 53 -42.88 -14.81 24.63
N ASN C 54 -43.93 -14.66 23.84
CA ASN C 54 -44.15 -13.43 23.12
C ASN C 54 -42.97 -13.12 22.20
N GLU C 55 -42.57 -14.12 21.43
CA GLU C 55 -41.56 -13.92 20.43
C GLU C 55 -42.04 -14.32 19.07
N VAL C 56 -41.56 -13.58 18.09
CA VAL C 56 -41.88 -13.84 16.71
C VAL C 56 -40.62 -13.85 15.84
N ASP C 57 -40.58 -14.80 14.93
CA ASP C 57 -39.53 -14.96 13.96
C ASP C 57 -40.04 -14.53 12.58
N VAL C 58 -39.44 -13.50 11.97
CA VAL C 58 -39.95 -13.01 10.67
C VAL C 58 -38.90 -12.76 9.58
N VAL C 59 -39.39 -12.77 8.34
CA VAL C 59 -38.66 -12.30 7.19
C VAL C 59 -39.35 -11.09 6.56
N PHE C 60 -38.56 -10.04 6.33
CA PHE C 60 -39.06 -8.84 5.65
C PHE C 60 -37.99 -8.22 4.75
N TRP C 61 -38.43 -7.54 3.70
CA TRP C 61 -37.57 -6.73 2.88
C TRP C 61 -37.58 -5.33 3.51
N GLN C 62 -36.41 -4.88 3.94
CA GLN C 62 -36.29 -3.57 4.58
C GLN C 62 -35.94 -2.48 3.57
N GLN C 63 -36.95 -1.86 2.99
CA GLN C 63 -36.74 -0.86 1.96
C GLN C 63 -36.26 0.42 2.62
N THR C 64 -34.99 0.72 2.37
CA THR C 64 -34.33 1.84 3.01
C THR C 64 -33.86 2.78 1.93
N THR C 65 -34.26 4.04 2.04
CA THR C 65 -33.80 5.03 1.07
C THR C 65 -33.36 6.31 1.74
N TRP C 66 -32.43 6.96 1.07
CA TRP C 66 -31.93 8.27 1.51
C TRP C 66 -31.13 8.89 0.37
N SER C 67 -30.71 10.13 0.53
CA SER C 67 -29.95 10.75 -0.56
C SER C 67 -28.62 11.33 -0.09
N ASP C 68 -27.67 11.32 -1.03
CA ASP C 68 -26.37 11.95 -0.84
C ASP C 68 -26.06 12.64 -2.15
N ARG C 69 -26.31 13.94 -2.18
CA ARG C 69 -26.17 14.70 -3.41
C ARG C 69 -24.72 14.72 -3.92
N THR C 70 -23.73 14.45 -3.07
CA THR C 70 -22.35 14.45 -3.56
C THR C 70 -22.05 13.22 -4.45
N LEU C 71 -22.91 12.22 -4.43
CA LEU C 71 -22.71 11.06 -5.29
C LEU C 71 -23.25 11.30 -6.69
N ALA C 72 -23.92 12.43 -6.87
CA ALA C 72 -24.71 12.68 -8.07
C ALA C 72 -23.85 12.92 -9.31
N TRP C 73 -24.32 12.42 -10.46
CA TRP C 73 -23.65 12.61 -11.74
C TRP C 73 -24.66 12.82 -12.87
N ASN C 74 -24.20 13.51 -13.92
CA ASN C 74 -25.01 13.79 -15.10
C ASN C 74 -25.16 12.55 -15.96
N SER C 75 -26.39 12.03 -16.07
CA SER C 75 -26.61 10.76 -16.75
C SER C 75 -27.36 10.87 -18.07
N SER C 76 -27.45 12.07 -18.63
CA SER C 76 -28.18 12.23 -19.88
C SER C 76 -27.61 11.36 -20.99
N HIS C 77 -26.38 10.90 -20.82
CA HIS C 77 -25.76 9.99 -21.80
C HIS C 77 -24.97 8.87 -21.15
N SER C 78 -25.27 8.60 -19.88
CA SER C 78 -24.65 7.50 -19.15
C SER C 78 -25.70 6.81 -18.28
N PRO C 79 -25.35 5.67 -17.67
CA PRO C 79 -26.27 4.93 -16.80
C PRO C 79 -26.94 5.79 -15.72
N ASP C 80 -28.25 5.59 -15.52
CA ASP C 80 -29.02 6.28 -14.48
C ASP C 80 -28.74 5.73 -13.09
N GLN C 81 -28.32 4.48 -13.03
CA GLN C 81 -28.21 3.78 -11.76
C GLN C 81 -27.13 2.75 -11.83
N VAL C 82 -26.56 2.44 -10.69
CA VAL C 82 -25.67 1.31 -10.59
C VAL C 82 -25.83 0.59 -9.27
N SER C 83 -25.36 -0.64 -9.26
CA SER C 83 -25.29 -1.42 -8.03
C SER C 83 -23.92 -1.21 -7.40
N VAL C 84 -23.94 -1.07 -6.08
CA VAL C 84 -22.73 -0.74 -5.36
C VAL C 84 -22.64 -1.56 -4.07
N PRO C 85 -21.46 -2.14 -3.79
CA PRO C 85 -21.35 -2.83 -2.49
C PRO C 85 -21.56 -1.82 -1.37
N ILE C 86 -22.38 -2.14 -0.38
CA ILE C 86 -22.69 -1.17 0.67
C ILE C 86 -21.46 -0.80 1.50
N SER C 87 -20.42 -1.63 1.42
CA SER C 87 -19.17 -1.32 2.11
C SER C 87 -18.44 -0.13 1.48
N SER C 88 -18.82 0.22 0.25
CA SER C 88 -18.37 1.46 -0.39
C SER C 88 -19.24 2.68 -0.08
N LEU C 89 -20.36 2.51 0.61
CA LEU C 89 -21.30 3.61 0.87
C LEU C 89 -21.48 3.86 2.34
N TRP C 90 -21.98 5.05 2.66
CA TRP C 90 -22.52 5.26 3.98
C TRP C 90 -23.94 4.66 4.02
N VAL C 91 -24.24 4.00 5.11
CA VAL C 91 -25.54 3.37 5.31
C VAL C 91 -26.02 3.77 6.69
N PRO C 92 -27.31 4.12 6.80
CA PRO C 92 -27.84 4.45 8.13
C PRO C 92 -27.58 3.32 9.11
N ASP C 93 -27.31 3.68 10.35
CA ASP C 93 -27.03 2.69 11.39
C ASP C 93 -28.33 2.31 12.10
N LEU C 94 -29.32 1.84 11.32
CA LEU C 94 -30.61 1.47 11.90
C LEU C 94 -30.51 0.23 12.76
N ALA C 95 -31.32 0.19 13.79
CA ALA C 95 -31.45 -1.00 14.60
C ALA C 95 -32.90 -1.10 15.05
N ALA C 96 -33.32 -2.34 15.31
CA ALA C 96 -34.65 -2.59 15.80
C ALA C 96 -34.54 -2.80 17.30
N TYR C 97 -35.22 -1.98 18.07
CA TYR C 97 -35.03 -1.94 19.53
C TYR C 97 -35.54 -3.18 20.24
N ASN C 98 -36.58 -3.80 19.70
CA ASN C 98 -37.11 -5.03 20.31
C ASN C 98 -36.63 -6.32 19.62
N ALA C 99 -35.60 -6.22 18.80
CA ALA C 99 -34.96 -7.40 18.24
C ALA C 99 -34.28 -8.17 19.36
N ILE C 100 -34.33 -9.50 19.29
CA ILE C 100 -33.67 -10.35 20.27
C ILE C 100 -32.72 -11.34 19.60
N SER C 101 -32.47 -11.11 18.31
CA SER C 101 -31.50 -11.87 17.55
C SER C 101 -30.89 -10.94 16.55
N LYS C 102 -29.70 -11.32 16.09
CA LYS C 102 -28.98 -10.55 15.10
C LYS C 102 -29.79 -10.54 13.81
N PRO C 103 -29.82 -9.41 13.08
CA PRO C 103 -30.54 -9.46 11.82
C PRO C 103 -29.78 -10.26 10.78
N GLU C 104 -30.31 -11.39 10.32
CA GLU C 104 -29.61 -12.21 9.33
C GLU C 104 -29.99 -11.73 7.93
N VAL C 105 -29.00 -11.17 7.23
CA VAL C 105 -29.19 -10.66 5.89
C VAL C 105 -29.10 -11.85 4.95
N LEU C 106 -30.11 -12.03 4.09
CA LEU C 106 -30.20 -13.25 3.29
C LEU C 106 -29.83 -13.00 1.83
N THR C 107 -29.62 -11.74 1.48
CA THR C 107 -29.43 -11.34 0.09
C THR C 107 -28.05 -10.70 -0.15
N PRO C 108 -27.65 -10.57 -1.43
CA PRO C 108 -26.40 -9.84 -1.79
C PRO C 108 -26.35 -8.43 -1.21
N GLN C 109 -25.24 -8.06 -0.59
CA GLN C 109 -25.17 -6.77 0.09
C GLN C 109 -24.79 -5.61 -0.84
N LEU C 110 -25.69 -5.40 -1.78
CA LEU C 110 -25.58 -4.39 -2.80
C LEU C 110 -26.70 -3.36 -2.63
N ALA C 111 -26.37 -2.09 -2.84
CA ALA C 111 -27.38 -1.05 -2.88
C ALA C 111 -27.45 -0.49 -4.28
N ARG C 112 -28.46 0.32 -4.55
CA ARG C 112 -28.55 1.03 -5.82
C ARG C 112 -28.20 2.48 -5.58
N VAL C 113 -27.37 3.03 -6.45
CA VAL C 113 -27.14 4.46 -6.43
C VAL C 113 -27.67 5.00 -7.73
N VAL C 114 -28.55 5.99 -7.59
CA VAL C 114 -29.17 6.69 -8.71
C VAL C 114 -28.41 7.98 -8.99
N SER C 115 -28.41 8.41 -10.24
CA SER C 115 -27.56 9.52 -10.68
C SER C 115 -27.88 10.84 -9.99
N ASP C 116 -29.07 10.95 -9.40
CA ASP C 116 -29.47 12.17 -8.69
C ASP C 116 -29.03 12.17 -7.24
N GLY C 117 -28.22 11.20 -6.85
CA GLY C 117 -27.83 11.06 -5.46
C GLY C 117 -28.63 10.11 -4.57
N GLU C 118 -29.73 9.57 -5.08
CA GLU C 118 -30.53 8.72 -4.24
C GLU C 118 -29.84 7.40 -4.04
N VAL C 119 -29.90 6.91 -2.81
CA VAL C 119 -29.44 5.59 -2.45
C VAL C 119 -30.61 4.77 -1.94
N LEU C 120 -30.69 3.57 -2.51
CA LEU C 120 -31.75 2.62 -2.21
C LEU C 120 -31.18 1.29 -1.76
N TYR C 121 -31.26 0.99 -0.46
CA TYR C 121 -30.78 -0.30 0.03
C TYR C 121 -31.95 -1.11 0.59
N MET C 122 -32.15 -2.30 0.04
CA MET C 122 -33.26 -3.17 0.44
C MET C 122 -32.82 -4.60 0.60
N PRO C 123 -32.22 -4.93 1.73
CA PRO C 123 -31.91 -6.31 2.14
C PRO C 123 -33.14 -7.15 2.55
N SER C 124 -33.07 -8.45 2.28
CA SER C 124 -34.02 -9.37 2.90
C SER C 124 -33.46 -9.75 4.26
N ILE C 125 -34.22 -9.47 5.32
CA ILE C 125 -33.75 -9.77 6.66
C ILE C 125 -34.65 -10.78 7.37
N ARG C 126 -34.01 -11.73 8.02
CA ARG C 126 -34.68 -12.60 8.96
C ARG C 126 -34.28 -12.27 10.39
N GLN C 127 -35.25 -12.08 11.27
CA GLN C 127 -34.94 -11.66 12.62
C GLN C 127 -36.03 -12.03 13.63
N ARG C 128 -35.60 -12.28 14.86
CA ARG C 128 -36.51 -12.60 15.95
C ARG C 128 -36.78 -11.36 16.82
N PHE C 129 -38.06 -11.09 17.09
CA PHE C 129 -38.48 -9.98 17.93
C PHE C 129 -39.25 -10.39 19.19
N SER C 130 -39.07 -9.58 20.24
CA SER C 130 -39.88 -9.60 21.44
C SER C 130 -41.02 -8.60 21.29
N CYS C 131 -42.23 -9.10 21.15
CA CYS C 131 -43.42 -8.29 20.91
C CYS C 131 -44.74 -9.06 21.25
N ASP C 132 -45.87 -8.38 21.06
CA ASP C 132 -47.16 -8.85 21.59
C ASP C 132 -47.86 -9.84 20.67
N VAL C 133 -47.88 -11.09 21.08
CA VAL C 133 -48.37 -12.20 20.25
C VAL C 133 -49.77 -12.65 20.70
N SER C 134 -50.23 -12.13 21.84
CA SER C 134 -51.57 -12.43 22.31
C SER C 134 -52.59 -12.15 21.22
N GLY C 135 -53.57 -13.04 21.08
CA GLY C 135 -54.67 -12.83 20.15
C GLY C 135 -54.39 -13.25 18.72
N VAL C 136 -53.31 -14.00 18.52
CA VAL C 136 -52.92 -14.40 17.18
C VAL C 136 -53.90 -15.43 16.63
N ASP C 137 -54.58 -16.15 17.55
CA ASP C 137 -55.57 -17.16 17.19
C ASP C 137 -56.99 -16.63 17.06
N THR C 138 -57.20 -15.33 17.22
CA THR C 138 -58.53 -14.75 17.06
C THR C 138 -58.72 -14.04 15.74
N GLU C 139 -59.93 -13.55 15.52
CA GLU C 139 -60.33 -13.01 14.23
C GLU C 139 -59.61 -11.73 13.95
N SER C 140 -59.43 -10.94 15.00
CA SER C 140 -58.88 -9.61 14.87
C SER C 140 -57.34 -9.62 14.97
N GLY C 141 -56.79 -10.76 15.35
CA GLY C 141 -55.38 -11.02 15.23
C GLY C 141 -54.55 -10.43 16.34
N ALA C 142 -53.23 -10.70 16.28
CA ALA C 142 -52.26 -10.05 17.14
C ALA C 142 -51.74 -8.81 16.42
N THR C 143 -51.23 -7.87 17.21
CA THR C 143 -50.52 -6.71 16.68
C THR C 143 -49.12 -6.71 17.27
N CYS C 144 -48.16 -7.16 16.48
CA CYS C 144 -46.75 -7.12 16.88
C CYS C 144 -46.13 -5.81 16.40
N ARG C 145 -45.61 -5.01 17.34
CA ARG C 145 -44.97 -3.73 16.98
C ARG C 145 -43.46 -3.87 16.96
N ILE C 146 -42.84 -3.37 15.90
CA ILE C 146 -41.38 -3.37 15.73
C ILE C 146 -40.89 -1.93 15.65
N LYS C 147 -39.92 -1.61 16.48
CA LYS C 147 -39.40 -0.26 16.61
C LYS C 147 -38.00 -0.13 16.02
N ILE C 148 -37.88 0.64 14.95
CA ILE C 148 -36.64 0.78 14.20
C ILE C 148 -36.15 2.22 14.21
N GLY C 149 -34.88 2.42 14.53
CA GLY C 149 -34.30 3.75 14.53
C GLY C 149 -32.79 3.74 14.46
N SER C 150 -32.20 4.90 14.18
CA SER C 150 -30.74 5.05 14.24
C SER C 150 -30.25 4.75 15.63
N TRP C 151 -29.22 3.93 15.72
CA TRP C 151 -28.68 3.57 17.02
C TRP C 151 -27.81 4.66 17.69
N THR C 152 -27.15 5.54 16.91
CA THR C 152 -26.22 6.51 17.48
C THR C 152 -26.39 7.94 17.00
N HIS C 153 -27.18 8.16 15.98
CA HIS C 153 -27.46 9.52 15.50
C HIS C 153 -28.82 10.03 15.95
N HIS C 154 -28.82 11.15 16.66
CA HIS C 154 -30.07 11.76 17.12
C HIS C 154 -30.74 12.55 15.99
N SER C 155 -31.90 13.13 16.30
CA SER C 155 -32.79 13.69 15.31
C SER C 155 -32.24 14.84 14.45
N ARG C 156 -31.29 15.61 14.98
CA ARG C 156 -30.70 16.71 14.24
C ARG C 156 -29.79 16.14 13.13
N GLU C 157 -29.38 14.89 13.32
CA GLU C 157 -28.45 14.19 12.44
C GLU C 157 -29.18 13.25 11.46
N ILE C 158 -30.08 12.42 11.96
CA ILE C 158 -30.84 11.53 11.10
C ILE C 158 -32.29 11.64 11.48
N SER C 159 -33.13 11.80 10.47
CA SER C 159 -34.56 11.79 10.68
C SER C 159 -35.15 10.62 9.93
N VAL C 160 -36.18 10.06 10.51
CA VAL C 160 -36.79 8.87 9.97
C VAL C 160 -38.20 9.23 9.50
N ASP C 161 -38.56 8.72 8.33
CA ASP C 161 -39.86 8.94 7.73
C ASP C 161 -40.42 7.63 7.17
N PRO C 162 -41.70 7.32 7.43
CA PRO C 162 -42.25 6.12 6.77
C PRO C 162 -42.99 6.42 5.48
N SER C 167 -51.12 -0.72 4.36
CA SER C 167 -51.17 -1.82 3.40
C SER C 167 -51.34 -3.18 4.13
N ASP C 168 -51.71 -4.24 3.39
CA ASP C 168 -51.76 -5.60 3.93
C ASP C 168 -50.58 -6.45 3.42
N ASP C 169 -49.62 -5.79 2.76
CA ASP C 169 -48.45 -6.44 2.16
C ASP C 169 -48.86 -7.65 1.30
N SER C 170 -50.02 -7.50 0.64
CA SER C 170 -50.57 -8.52 -0.27
C SER C 170 -49.53 -8.96 -1.27
N GLU C 171 -48.78 -7.97 -1.73
CA GLU C 171 -47.87 -8.10 -2.85
C GLU C 171 -46.62 -8.89 -2.50
N TYR C 172 -46.27 -8.91 -1.22
CA TYR C 172 -44.99 -9.48 -0.81
C TYR C 172 -45.14 -10.72 0.06
N PHE C 173 -46.20 -10.76 0.87
CA PHE C 173 -46.27 -11.78 1.91
C PHE C 173 -46.53 -13.17 1.30
N SER C 174 -45.88 -14.20 1.84
CA SER C 174 -46.02 -15.54 1.30
C SER C 174 -47.44 -16.07 1.46
N GLN C 175 -48.03 -16.53 0.36
CA GLN C 175 -49.31 -17.21 0.40
C GLN C 175 -49.26 -18.49 1.23
N TYR C 176 -48.07 -19.06 1.42
CA TYR C 176 -47.91 -20.36 2.08
C TYR C 176 -47.62 -20.28 3.56
N SER C 177 -47.65 -19.08 4.11
CA SER C 177 -47.45 -18.91 5.55
C SER C 177 -48.60 -19.52 6.33
N ARG C 178 -48.36 -19.97 7.55
CA ARG C 178 -49.46 -20.44 8.40
C ARG C 178 -50.28 -19.22 8.87
N PHE C 179 -49.73 -18.02 8.69
CA PHE C 179 -50.40 -16.81 9.16
C PHE C 179 -50.78 -15.94 7.98
N GLU C 180 -51.63 -14.94 8.23
CA GLU C 180 -52.00 -13.97 7.22
C GLU C 180 -51.92 -12.59 7.83
N ILE C 181 -51.86 -11.59 6.97
CA ILE C 181 -51.70 -10.23 7.42
C ILE C 181 -52.99 -9.47 7.25
N LEU C 182 -53.42 -8.83 8.35
CA LEU C 182 -54.57 -7.94 8.34
C LEU C 182 -54.14 -6.54 7.97
N ASP C 183 -53.14 -6.03 8.68
CA ASP C 183 -52.72 -4.64 8.46
C ASP C 183 -51.28 -4.42 8.89
N VAL C 184 -50.62 -3.52 8.17
CA VAL C 184 -49.27 -3.10 8.51
C VAL C 184 -49.32 -1.59 8.55
N THR C 185 -49.01 -0.99 9.70
CA THR C 185 -49.00 0.47 9.79
C THR C 185 -47.72 0.97 10.41
N GLN C 186 -47.32 2.17 10.02
CA GLN C 186 -46.03 2.69 10.43
C GLN C 186 -46.14 4.14 10.83
N LYS C 187 -45.74 4.41 12.07
CA LYS C 187 -45.81 5.76 12.65
C LYS C 187 -44.46 6.27 13.16
N LYS C 188 -44.25 7.58 13.09
CA LYS C 188 -43.02 8.17 13.56
C LYS C 188 -43.12 8.46 15.04
N ASN C 189 -41.99 8.29 15.73
CA ASN C 189 -41.87 8.60 17.16
C ASN C 189 -40.54 9.29 17.38
N SER C 190 -40.45 10.05 18.45
CA SER C 190 -39.19 10.65 18.89
C SER C 190 -39.07 10.40 20.38
N VAL C 191 -37.89 9.95 20.80
CA VAL C 191 -37.67 9.54 22.18
C VAL C 191 -36.30 9.98 22.68
N THR C 192 -36.27 10.32 23.97
CA THR C 192 -35.05 10.67 24.66
C THR C 192 -34.75 9.52 25.62
N TYR C 193 -33.50 9.08 25.65
CA TYR C 193 -33.11 7.92 26.44
C TYR C 193 -32.31 8.39 27.63
N SER C 194 -32.19 7.47 28.56
CA SER C 194 -31.61 7.73 29.85
C SER C 194 -30.11 8.03 29.74
N CYS C 195 -29.49 7.44 28.73
CA CYS C 195 -28.07 7.63 28.46
C CYS C 195 -27.68 9.05 28.04
N CYS C 196 -28.61 9.74 27.39
CA CYS C 196 -28.30 10.88 26.53
C CYS C 196 -29.36 12.01 26.58
N PRO C 197 -28.92 13.29 26.55
CA PRO C 197 -29.84 14.43 26.56
C PRO C 197 -30.61 14.65 25.24
N GLU C 198 -30.06 14.19 24.13
CA GLU C 198 -30.69 14.41 22.83
C GLU C 198 -31.79 13.39 22.55
N ALA C 199 -32.60 13.69 21.53
CA ALA C 199 -33.74 12.88 21.14
C ALA C 199 -33.46 12.16 19.83
N TYR C 200 -33.78 10.86 19.84
CA TYR C 200 -33.66 9.95 18.70
C TYR C 200 -35.01 9.68 18.07
N GLU C 201 -35.05 9.69 16.75
CA GLU C 201 -36.25 9.38 16.00
C GLU C 201 -36.32 7.89 15.77
N ASP C 202 -37.53 7.36 15.75
CA ASP C 202 -37.74 5.98 15.36
C ASP C 202 -39.06 5.87 14.61
N VAL C 203 -39.23 4.69 14.02
CA VAL C 203 -40.45 4.28 13.36
C VAL C 203 -41.00 3.08 14.08
N GLU C 204 -42.32 3.11 14.26
CA GLU C 204 -43.05 2.00 14.86
C GLU C 204 -43.86 1.33 13.79
N VAL C 205 -43.58 0.05 13.58
CA VAL C 205 -44.23 -0.74 12.55
C VAL C 205 -45.14 -1.74 13.25
N SER C 206 -46.45 -1.55 13.10
CA SER C 206 -47.45 -2.41 13.71
C SER C 206 -47.92 -3.45 12.72
N LEU C 207 -47.56 -4.68 13.05
CA LEU C 207 -47.83 -5.85 12.24
C LEU C 207 -49.04 -6.56 12.81
N ASN C 208 -50.19 -6.30 12.19
CA ASN C 208 -51.47 -6.89 12.57
C ASN C 208 -51.70 -8.15 11.75
N PHE C 209 -51.61 -9.30 12.42
CA PHE C 209 -51.64 -10.63 11.78
C PHE C 209 -52.34 -11.70 12.63
N ARG C 210 -52.84 -12.77 11.98
CA ARG C 210 -53.49 -13.90 12.67
C ARG C 210 -53.14 -15.24 12.02
N LYS C 211 -53.22 -16.31 12.82
CA LYS C 211 -53.10 -17.67 12.29
C LYS C 211 -54.27 -17.90 11.36
N LYS C 212 -53.99 -18.50 10.21
CA LYS C 212 -55.03 -18.76 9.19
C LYS C 212 -56.20 -19.58 9.69
N ASP D 6 -24.39 19.50 11.65
CA ASP D 6 -24.64 18.92 10.34
C ASP D 6 -23.72 19.50 9.25
N ASP D 7 -22.72 20.27 9.66
CA ASP D 7 -21.66 20.61 8.72
C ASP D 7 -20.95 19.29 8.39
N LYS D 8 -21.12 18.78 7.18
CA LYS D 8 -20.60 17.45 6.84
C LYS D 8 -19.06 17.39 6.78
N LEU D 9 -18.48 18.40 6.13
CA LEU D 9 -17.05 18.42 5.92
C LEU D 9 -16.34 18.48 7.24
N ASP D 10 -16.92 19.23 8.17
CA ASP D 10 -16.44 19.23 9.55
C ASP D 10 -16.50 17.81 10.15
N ARG D 11 -17.56 17.07 9.87
CA ARG D 11 -17.70 15.72 10.43
C ARG D 11 -16.54 14.88 9.87
N ALA D 12 -16.30 15.04 8.58
CA ALA D 12 -15.27 14.27 7.92
C ALA D 12 -13.86 14.64 8.46
N ASP D 13 -13.63 15.92 8.72
CA ASP D 13 -12.36 16.35 9.28
C ASP D 13 -12.19 15.83 10.71
N ILE D 14 -13.26 15.89 11.50
CA ILE D 14 -13.18 15.40 12.86
C ILE D 14 -12.82 13.92 12.86
N LEU D 15 -13.45 13.17 11.96
CA LEU D 15 -13.13 11.75 11.83
C LEU D 15 -11.66 11.53 11.44
N TYR D 16 -11.19 12.33 10.48
CA TYR D 16 -9.78 12.32 10.10
C TYR D 16 -8.84 12.53 11.31
N ASN D 17 -9.11 13.56 12.09
CA ASN D 17 -8.31 13.82 13.28
C ASN D 17 -8.37 12.67 14.29
N ILE D 18 -9.55 12.15 14.53
CA ILE D 18 -9.67 11.05 15.48
C ILE D 18 -8.79 9.92 15.02
N ARG D 19 -8.86 9.57 13.75
CA ARG D 19 -8.03 8.44 13.28
C ARG D 19 -6.54 8.77 13.21
N GLN D 20 -6.20 10.04 13.03
CA GLN D 20 -4.79 10.44 13.10
C GLN D 20 -4.26 10.22 14.51
N THR D 21 -5.08 10.60 15.49
CA THR D 21 -4.68 10.58 16.89
C THR D 21 -4.91 9.24 17.58
N SER D 22 -5.89 8.48 17.10
CA SER D 22 -6.34 7.31 17.84
C SER D 22 -5.38 6.14 17.69
N ARG D 23 -5.05 5.55 18.82
CA ARG D 23 -4.25 4.36 18.86
C ARG D 23 -5.10 3.24 19.38
N PRO D 24 -5.76 2.49 18.48
CA PRO D 24 -6.77 1.54 18.92
C PRO D 24 -6.22 0.46 19.85
N ASP D 25 -4.91 0.22 19.81
CA ASP D 25 -4.35 -0.88 20.58
C ASP D 25 -3.66 -0.44 21.86
N VAL D 26 -3.63 0.86 22.13
CA VAL D 26 -2.97 1.43 23.32
C VAL D 26 -3.99 2.04 24.25
N ILE D 27 -3.91 1.70 25.54
CA ILE D 27 -4.83 2.26 26.54
C ILE D 27 -4.55 3.76 26.70
N PRO D 28 -5.61 4.59 26.68
CA PRO D 28 -5.44 6.04 26.69
C PRO D 28 -5.25 6.64 28.09
N THR D 29 -4.17 6.25 28.74
CA THR D 29 -3.86 6.76 30.07
C THR D 29 -3.33 8.19 30.06
N GLN D 30 -3.98 9.06 30.84
CA GLN D 30 -3.52 10.45 31.03
C GLN D 30 -2.76 10.57 32.36
N ARG D 31 -1.73 11.42 32.37
CA ARG D 31 -0.82 11.51 33.51
C ARG D 31 -0.24 10.13 33.74
N ASP D 32 -0.31 9.63 34.97
CA ASP D 32 -0.01 8.22 35.23
C ASP D 32 -1.15 7.61 36.01
N ARG D 33 -2.36 7.89 35.55
CA ARG D 33 -3.57 7.39 36.19
C ARG D 33 -4.23 6.34 35.29
N PRO D 34 -4.78 5.27 35.88
CA PRO D 34 -5.56 4.30 35.08
C PRO D 34 -6.69 4.92 34.27
N VAL D 35 -7.01 4.30 33.14
CA VAL D 35 -8.19 4.70 32.39
C VAL D 35 -9.43 4.34 33.22
N ALA D 36 -10.24 5.36 33.47
CA ALA D 36 -11.43 5.19 34.28
C ALA D 36 -12.61 4.84 33.41
N VAL D 37 -12.95 3.57 33.38
CA VAL D 37 -14.03 3.07 32.54
C VAL D 37 -15.31 2.92 33.37
N SER D 38 -16.41 3.43 32.86
CA SER D 38 -17.72 3.18 33.48
C SER D 38 -18.55 2.23 32.63
N VAL D 39 -19.07 1.20 33.28
CA VAL D 39 -19.93 0.23 32.62
C VAL D 39 -21.24 0.10 33.38
N SER D 40 -22.36 0.09 32.66
CA SER D 40 -23.67 -0.21 33.23
C SER D 40 -24.54 -1.04 32.26
N LEU D 41 -25.19 -2.06 32.81
CA LEU D 41 -26.05 -2.94 32.03
C LEU D 41 -27.51 -2.54 32.17
N LYS D 42 -28.11 -2.11 31.06
CA LYS D 42 -29.53 -1.78 31.01
C LYS D 42 -30.23 -2.97 30.38
N PHE D 43 -31.15 -3.60 31.12
CA PHE D 43 -31.68 -4.90 30.74
C PHE D 43 -32.94 -4.76 29.91
N ILE D 44 -33.00 -5.52 28.82
CA ILE D 44 -34.04 -5.34 27.81
C ILE D 44 -34.90 -6.58 27.76
N ASN D 45 -34.27 -7.72 27.98
CA ASN D 45 -35.04 -8.94 27.96
C ASN D 45 -34.37 -10.13 28.61
N ILE D 46 -35.20 -11.06 29.06
CA ILE D 46 -34.75 -12.36 29.54
C ILE D 46 -35.50 -13.36 28.67
N LEU D 47 -34.75 -14.13 27.91
CA LEU D 47 -35.31 -14.88 26.79
C LEU D 47 -35.57 -16.32 27.18
N GLU D 48 -34.62 -16.86 27.92
CA GLU D 48 -34.61 -18.25 28.30
C GLU D 48 -33.92 -18.37 29.63
N VAL D 49 -34.46 -19.28 30.42
CA VAL D 49 -34.07 -19.51 31.79
C VAL D 49 -34.17 -21.01 31.94
N ASN D 50 -33.03 -21.69 32.05
CA ASN D 50 -33.02 -23.13 32.22
C ASN D 50 -32.79 -23.54 33.66
N GLU D 51 -33.86 -23.99 34.30
CA GLU D 51 -33.86 -24.42 35.70
C GLU D 51 -33.06 -25.68 35.92
N ILE D 52 -33.03 -26.54 34.90
CA ILE D 52 -32.22 -27.75 34.95
C ILE D 52 -30.75 -27.35 35.12
N THR D 53 -30.25 -26.53 34.19
CA THR D 53 -28.81 -26.31 34.04
C THR D 53 -28.24 -25.03 34.67
N ASN D 54 -29.07 -24.20 35.28
CA ASN D 54 -28.59 -22.92 35.83
C ASN D 54 -27.97 -22.02 34.74
N GLU D 55 -28.75 -21.76 33.70
CA GLU D 55 -28.32 -20.87 32.64
C GLU D 55 -29.41 -19.88 32.30
N VAL D 56 -28.99 -18.65 32.02
CA VAL D 56 -29.92 -17.64 31.51
C VAL D 56 -29.39 -16.96 30.26
N ASP D 57 -30.28 -16.72 29.32
CA ASP D 57 -29.97 -16.02 28.09
C ASP D 57 -30.57 -14.62 28.23
N VAL D 58 -29.75 -13.58 28.18
CA VAL D 58 -30.24 -12.23 28.40
C VAL D 58 -29.82 -11.24 27.32
N VAL D 59 -30.66 -10.23 27.13
CA VAL D 59 -30.37 -9.10 26.28
C VAL D 59 -30.26 -7.83 27.11
N PHE D 60 -29.15 -7.12 26.93
CA PHE D 60 -28.90 -5.86 27.63
C PHE D 60 -28.05 -4.87 26.84
N TRP D 61 -28.35 -3.58 27.01
CA TRP D 61 -27.51 -2.50 26.48
C TRP D 61 -26.37 -2.32 27.43
N GLN D 62 -25.14 -2.51 26.94
CA GLN D 62 -23.95 -2.36 27.76
C GLN D 62 -23.39 -0.96 27.62
N GLN D 63 -23.89 -0.05 28.45
CA GLN D 63 -23.46 1.32 28.42
C GLN D 63 -22.04 1.40 28.92
N THR D 64 -21.12 1.84 28.04
CA THR D 64 -19.71 1.92 28.39
C THR D 64 -19.19 3.31 28.07
N THR D 65 -18.59 3.96 29.05
CA THR D 65 -18.01 5.30 28.84
C THR D 65 -16.60 5.46 29.38
N TRP D 66 -15.84 6.28 28.69
CA TRP D 66 -14.50 6.60 29.15
C TRP D 66 -14.00 7.85 28.46
N SER D 67 -12.82 8.30 28.81
CA SER D 67 -12.24 9.49 28.22
C SER D 67 -10.91 9.18 27.56
N ASP D 68 -10.70 9.86 26.43
CA ASP D 68 -9.38 9.95 25.80
C ASP D 68 -9.27 11.39 25.35
N ARG D 69 -8.68 12.20 26.23
CA ARG D 69 -8.62 13.63 25.99
C ARG D 69 -7.78 13.97 24.74
N THR D 70 -6.91 13.08 24.29
CA THR D 70 -6.16 13.36 23.06
C THR D 70 -7.09 13.46 21.84
N LEU D 71 -8.33 12.97 21.95
CA LEU D 71 -9.27 13.03 20.84
C LEU D 71 -10.06 14.34 20.81
N ALA D 72 -10.08 15.04 21.94
CA ALA D 72 -10.83 16.30 22.05
C ALA D 72 -10.53 17.34 20.95
N TRP D 73 -11.52 18.21 20.68
CA TRP D 73 -11.36 19.31 19.73
C TRP D 73 -12.22 20.52 20.08
N ASN D 74 -11.82 21.71 19.63
CA ASN D 74 -12.61 22.91 19.88
C ASN D 74 -13.89 22.81 19.05
N SER D 75 -15.06 22.81 19.70
CA SER D 75 -16.31 22.74 18.95
C SER D 75 -17.16 23.99 19.08
N SER D 76 -16.52 25.15 19.20
CA SER D 76 -17.27 26.40 19.28
C SER D 76 -18.03 26.68 18.00
N HIS D 77 -17.49 26.23 16.87
CA HIS D 77 -18.13 26.42 15.59
C HIS D 77 -17.98 25.18 14.70
N SER D 78 -17.92 24.01 15.33
CA SER D 78 -17.92 22.72 14.64
C SER D 78 -18.84 21.74 15.39
N PRO D 79 -19.07 20.54 14.84
CA PRO D 79 -19.94 19.56 15.53
C PRO D 79 -19.38 19.08 16.87
N ASP D 80 -20.25 19.04 17.86
CA ASP D 80 -19.95 18.60 19.23
C ASP D 80 -19.52 17.14 19.33
N GLN D 81 -20.20 16.29 18.55
CA GLN D 81 -20.04 14.85 18.62
C GLN D 81 -20.03 14.20 17.26
N VAL D 82 -19.35 13.06 17.17
CA VAL D 82 -19.55 12.22 15.99
C VAL D 82 -19.68 10.74 16.34
N SER D 83 -20.18 9.99 15.37
CA SER D 83 -20.21 8.54 15.46
C SER D 83 -18.96 8.01 14.78
N VAL D 84 -18.37 6.98 15.35
CA VAL D 84 -17.12 6.43 14.87
C VAL D 84 -17.18 4.89 14.93
N PRO D 85 -16.70 4.22 13.87
CA PRO D 85 -16.54 2.77 13.99
C PRO D 85 -15.55 2.39 15.09
N ILE D 86 -15.89 1.42 15.91
CA ILE D 86 -15.06 1.10 17.06
C ILE D 86 -13.69 0.58 16.66
N SER D 87 -13.56 0.11 15.43
CA SER D 87 -12.25 -0.34 14.95
C SER D 87 -11.24 0.83 14.78
N SER D 88 -11.73 2.06 14.72
CA SER D 88 -10.87 3.23 14.71
C SER D 88 -10.45 3.65 16.11
N LEU D 89 -11.09 3.09 17.14
CA LEU D 89 -10.89 3.56 18.50
C LEU D 89 -10.25 2.53 19.41
N TRP D 90 -9.59 2.99 20.47
CA TRP D 90 -9.33 2.08 21.56
C TRP D 90 -10.67 1.83 22.25
N VAL D 91 -10.89 0.57 22.57
CA VAL D 91 -12.08 0.13 23.26
C VAL D 91 -11.64 -0.79 24.40
N PRO D 92 -12.20 -0.61 25.60
CA PRO D 92 -11.79 -1.45 26.73
C PRO D 92 -12.08 -2.93 26.49
N ASP D 93 -11.18 -3.80 26.91
CA ASP D 93 -11.34 -5.24 26.71
C ASP D 93 -12.22 -5.89 27.81
N LEU D 94 -13.45 -5.41 27.95
CA LEU D 94 -14.35 -5.95 28.97
C LEU D 94 -14.82 -7.35 28.63
N ALA D 95 -15.03 -8.14 29.68
CA ALA D 95 -15.59 -9.47 29.57
C ALA D 95 -16.38 -9.76 30.82
N ALA D 96 -17.43 -10.57 30.61
CA ALA D 96 -18.22 -11.12 31.70
C ALA D 96 -17.59 -12.43 32.14
N TYR D 97 -17.07 -12.46 33.35
CA TYR D 97 -16.23 -13.58 33.80
C TYR D 97 -17.02 -14.90 33.97
N ASN D 98 -18.34 -14.80 34.07
CA ASN D 98 -19.19 -15.99 34.23
C ASN D 98 -20.06 -16.27 33.01
N ALA D 99 -19.71 -15.65 31.89
CA ALA D 99 -20.44 -15.86 30.63
C ALA D 99 -20.10 -17.23 30.07
N ILE D 100 -21.02 -17.81 29.33
CA ILE D 100 -20.84 -19.15 28.77
C ILE D 100 -21.10 -19.16 27.28
N SER D 101 -21.31 -17.98 26.71
CA SER D 101 -21.40 -17.80 25.28
C SER D 101 -20.70 -16.50 24.94
N LYS D 102 -20.32 -16.34 23.67
CA LYS D 102 -19.76 -15.08 23.17
C LYS D 102 -20.78 -13.96 23.31
N PRO D 103 -20.33 -12.73 23.59
CA PRO D 103 -21.34 -11.68 23.50
C PRO D 103 -21.75 -11.41 22.05
N GLU D 104 -23.03 -11.61 21.77
CA GLU D 104 -23.60 -11.39 20.46
C GLU D 104 -24.08 -9.92 20.36
N VAL D 105 -23.37 -9.10 19.57
CA VAL D 105 -23.71 -7.68 19.40
C VAL D 105 -24.78 -7.55 18.35
N LEU D 106 -25.93 -6.99 18.74
CA LEU D 106 -27.09 -6.95 17.88
C LEU D 106 -27.22 -5.65 17.10
N THR D 107 -26.32 -4.70 17.37
CA THR D 107 -26.46 -3.31 16.91
C THR D 107 -25.23 -2.85 16.13
N PRO D 108 -25.36 -1.74 15.38
CA PRO D 108 -24.19 -1.18 14.67
C PRO D 108 -23.03 -0.88 15.61
N GLN D 109 -21.86 -1.41 15.29
CA GLN D 109 -20.69 -1.26 16.15
C GLN D 109 -20.04 0.11 15.96
N LEU D 110 -20.79 1.14 16.37
CA LEU D 110 -20.36 2.53 16.37
C LEU D 110 -20.32 3.06 17.80
N ALA D 111 -19.35 3.91 18.09
CA ALA D 111 -19.28 4.63 19.35
C ALA D 111 -19.47 6.12 19.10
N ARG D 112 -19.97 6.85 20.10
CA ARG D 112 -20.06 8.29 20.02
C ARG D 112 -18.86 8.89 20.71
N VAL D 113 -18.17 9.76 19.98
CA VAL D 113 -17.06 10.52 20.52
C VAL D 113 -17.48 11.99 20.62
N VAL D 114 -17.38 12.49 21.85
CA VAL D 114 -17.72 13.86 22.18
C VAL D 114 -16.50 14.79 22.14
N SER D 115 -16.71 16.06 21.80
CA SER D 115 -15.62 17.03 21.56
C SER D 115 -14.63 17.22 22.73
N ASP D 116 -15.02 16.86 23.95
CA ASP D 116 -14.10 16.85 25.09
C ASP D 116 -13.38 15.53 25.24
N GLY D 117 -13.57 14.60 24.30
CA GLY D 117 -12.79 13.37 24.29
C GLY D 117 -13.43 12.24 25.07
N GLU D 118 -14.66 12.46 25.50
CA GLU D 118 -15.44 11.42 26.13
C GLU D 118 -16.00 10.50 25.05
N VAL D 119 -15.90 9.21 25.31
CA VAL D 119 -16.40 8.18 24.41
C VAL D 119 -17.46 7.34 25.10
N LEU D 120 -18.52 7.11 24.33
CA LEU D 120 -19.67 6.30 24.74
C LEU D 120 -19.93 5.19 23.75
N TYR D 121 -19.74 3.95 24.19
CA TYR D 121 -20.06 2.77 23.39
C TYR D 121 -21.12 1.97 24.13
N MET D 122 -22.22 1.71 23.45
CA MET D 122 -23.41 1.11 24.04
C MET D 122 -24.03 0.08 23.12
N PRO D 123 -23.36 -1.07 22.97
CA PRO D 123 -24.01 -2.10 22.17
C PRO D 123 -25.15 -2.79 22.90
N SER D 124 -26.10 -3.28 22.10
CA SER D 124 -27.05 -4.27 22.59
C SER D 124 -26.48 -5.67 22.45
N ILE D 125 -26.44 -6.38 23.57
CA ILE D 125 -25.81 -7.68 23.62
C ILE D 125 -26.80 -8.75 24.06
N ARG D 126 -26.73 -9.87 23.37
CA ARG D 126 -27.35 -11.09 23.81
C ARG D 126 -26.26 -12.05 24.27
N GLN D 127 -26.42 -12.57 25.49
CA GLN D 127 -25.41 -13.45 26.07
C GLN D 127 -25.96 -14.38 27.13
N ARG D 128 -25.31 -15.53 27.25
CA ARG D 128 -25.75 -16.55 28.21
C ARG D 128 -24.85 -16.56 29.40
N PHE D 129 -25.45 -16.68 30.57
CA PHE D 129 -24.68 -16.73 31.80
C PHE D 129 -25.04 -17.93 32.63
N SER D 130 -24.02 -18.36 33.39
CA SER D 130 -24.14 -19.40 34.37
C SER D 130 -24.33 -18.74 35.72
N CYS D 131 -25.55 -18.86 36.26
CA CYS D 131 -25.89 -18.19 37.50
C CYS D 131 -27.02 -18.88 38.27
N ASP D 132 -27.32 -18.36 39.44
CA ASP D 132 -28.32 -18.95 40.33
C ASP D 132 -29.75 -18.70 39.83
N VAL D 133 -30.40 -19.77 39.38
CA VAL D 133 -31.75 -19.67 38.80
C VAL D 133 -32.79 -20.22 39.80
N SER D 134 -32.30 -20.60 40.97
CA SER D 134 -33.16 -21.01 42.08
C SER D 134 -34.09 -19.87 42.45
N GLY D 135 -35.39 -20.15 42.48
CA GLY D 135 -36.36 -19.19 42.99
C GLY D 135 -37.13 -18.42 41.93
N VAL D 136 -36.83 -18.70 40.66
CA VAL D 136 -37.38 -17.90 39.59
C VAL D 136 -38.89 -17.92 39.58
N ASP D 137 -39.48 -19.04 39.99
CA ASP D 137 -40.93 -19.15 39.96
C ASP D 137 -41.54 -18.90 41.34
N THR D 138 -40.76 -18.34 42.25
CA THR D 138 -41.28 -17.89 43.54
C THR D 138 -41.47 -16.39 43.56
N GLU D 139 -42.03 -15.88 44.64
CA GLU D 139 -42.42 -14.48 44.73
C GLU D 139 -41.21 -13.56 44.78
N SER D 140 -40.18 -14.03 45.45
CA SER D 140 -39.02 -13.22 45.71
C SER D 140 -37.96 -13.41 44.61
N GLY D 141 -38.16 -14.42 43.75
CA GLY D 141 -37.46 -14.47 42.48
C GLY D 141 -36.06 -15.09 42.50
N ALA D 142 -35.47 -15.18 41.31
CA ALA D 142 -34.09 -15.59 41.17
C ALA D 142 -33.18 -14.36 41.18
N THR D 143 -31.94 -14.56 41.63
CA THR D 143 -30.92 -13.52 41.60
C THR D 143 -29.68 -14.00 40.83
N CYS D 144 -29.53 -13.51 39.60
CA CYS D 144 -28.38 -13.88 38.78
C CYS D 144 -27.30 -12.80 38.84
N ARG D 145 -26.07 -13.21 39.15
CA ARG D 145 -24.93 -12.30 39.26
C ARG D 145 -23.97 -12.36 38.07
N ILE D 146 -23.74 -11.21 37.44
CA ILE D 146 -22.87 -11.04 36.26
C ILE D 146 -21.66 -10.13 36.57
N LYS D 147 -20.44 -10.65 36.47
CA LYS D 147 -19.24 -9.85 36.70
C LYS D 147 -18.58 -9.38 35.43
N ILE D 148 -18.44 -8.05 35.30
CA ILE D 148 -17.82 -7.45 34.12
C ILE D 148 -16.57 -6.65 34.45
N GLY D 149 -15.46 -7.02 33.80
CA GLY D 149 -14.19 -6.35 34.01
C GLY D 149 -13.22 -6.51 32.83
N SER D 150 -12.07 -5.84 32.89
CA SER D 150 -11.07 -5.98 31.83
C SER D 150 -10.47 -7.36 31.88
N TRP D 151 -10.36 -8.00 30.72
CA TRP D 151 -9.77 -9.32 30.66
C TRP D 151 -8.25 -9.35 30.89
N THR D 152 -7.52 -8.29 30.54
CA THR D 152 -6.05 -8.34 30.61
C THR D 152 -5.37 -7.16 31.30
N HIS D 153 -6.12 -6.10 31.59
CA HIS D 153 -5.54 -4.93 32.26
C HIS D 153 -5.89 -4.87 33.76
N HIS D 154 -4.87 -4.89 34.61
CA HIS D 154 -5.06 -4.78 36.06
C HIS D 154 -5.44 -3.35 36.44
N SER D 155 -5.70 -3.12 37.73
CA SER D 155 -6.32 -1.87 38.16
C SER D 155 -5.39 -0.66 38.10
N ARG D 156 -4.08 -0.87 38.04
CA ARG D 156 -3.18 0.25 37.83
C ARG D 156 -3.39 0.77 36.40
N GLU D 157 -3.83 -0.10 35.50
CA GLU D 157 -4.05 0.24 34.08
C GLU D 157 -5.48 0.70 33.77
N ILE D 158 -6.46 -0.03 34.28
CA ILE D 158 -7.85 0.27 34.02
C ILE D 158 -8.67 0.17 35.30
N SER D 159 -9.37 1.25 35.60
CA SER D 159 -10.36 1.25 36.65
C SER D 159 -11.74 1.02 36.01
N VAL D 160 -12.53 0.09 36.52
CA VAL D 160 -13.92 0.00 36.04
C VAL D 160 -14.89 0.14 37.21
N ASP D 161 -15.85 1.02 36.99
CA ASP D 161 -16.77 1.47 38.00
C ASP D 161 -18.18 1.42 37.42
N PRO D 162 -19.20 1.43 38.29
CA PRO D 162 -20.55 1.60 37.77
C PRO D 162 -20.77 3.02 37.33
N THR D 163 -21.79 3.23 36.52
CA THR D 163 -22.12 4.55 36.05
C THR D 163 -22.91 5.20 37.19
N THR D 164 -23.08 6.51 37.12
CA THR D 164 -23.76 7.27 38.16
C THR D 164 -25.26 6.92 38.25
N GLU D 165 -25.86 6.71 37.09
CA GLU D 165 -27.27 6.42 36.98
C GLU D 165 -27.49 4.92 36.80
N ASN D 166 -28.21 4.33 37.75
CA ASN D 166 -28.68 2.94 37.73
C ASN D 166 -30.20 2.84 37.73
N SER D 167 -30.86 3.98 37.97
CA SER D 167 -32.28 4.01 38.20
C SER D 167 -33.05 3.60 36.95
N ASP D 168 -32.29 3.55 35.84
CA ASP D 168 -32.79 3.21 34.53
C ASP D 168 -32.42 1.77 34.13
N ASP D 169 -31.93 0.98 35.07
CA ASP D 169 -31.47 -0.37 34.74
C ASP D 169 -32.57 -1.29 34.17
N SER D 170 -33.85 -1.01 34.48
CA SER D 170 -35.00 -1.80 34.01
C SER D 170 -35.93 -0.96 33.20
N GLU D 171 -35.61 0.31 33.05
CA GLU D 171 -36.50 1.22 32.34
C GLU D 171 -36.86 0.77 30.93
N TYR D 172 -35.98 0.00 30.29
CA TYR D 172 -36.17 -0.39 28.87
C TYR D 172 -36.44 -1.89 28.72
N PHE D 173 -36.77 -2.53 29.84
CA PHE D 173 -37.05 -3.96 29.86
C PHE D 173 -38.37 -4.25 29.19
N SER D 174 -38.42 -5.27 28.34
CA SER D 174 -39.62 -5.53 27.55
C SER D 174 -40.82 -5.94 28.42
N GLN D 175 -41.92 -5.26 28.23
CA GLN D 175 -43.15 -5.55 28.95
C GLN D 175 -43.78 -6.86 28.47
N TYR D 176 -43.19 -7.44 27.44
CA TYR D 176 -43.69 -8.65 26.82
C TYR D 176 -42.88 -9.86 27.24
N SER D 177 -41.79 -9.63 27.97
CA SER D 177 -41.00 -10.73 28.51
C SER D 177 -41.90 -11.49 29.48
N ARG D 178 -41.72 -12.80 29.56
CA ARG D 178 -42.52 -13.56 30.49
C ARG D 178 -41.87 -13.49 31.87
N PHE D 179 -40.79 -12.74 31.96
CA PHE D 179 -40.16 -12.42 33.25
C PHE D 179 -40.30 -10.94 33.55
N GLU D 180 -40.07 -10.60 34.82
CA GLU D 180 -40.17 -9.22 35.27
C GLU D 180 -39.05 -9.01 36.25
N ILE D 181 -38.49 -7.81 36.25
CA ILE D 181 -37.32 -7.52 37.04
C ILE D 181 -37.76 -6.91 38.35
N LEU D 182 -37.12 -7.34 39.41
CA LEU D 182 -37.47 -6.96 40.78
C LEU D 182 -36.50 -5.94 41.27
N ASP D 183 -35.23 -6.23 41.08
CA ASP D 183 -34.18 -5.31 41.46
C ASP D 183 -32.92 -5.54 40.66
N VAL D 184 -32.14 -4.48 40.53
CA VAL D 184 -30.79 -4.56 39.98
C VAL D 184 -29.86 -3.78 40.88
N THR D 185 -28.72 -4.37 41.17
CA THR D 185 -27.65 -3.61 41.80
C THR D 185 -26.39 -3.79 40.96
N GLN D 186 -25.56 -2.75 40.89
CA GLN D 186 -24.34 -2.78 40.11
C GLN D 186 -23.26 -2.12 40.97
N LYS D 187 -22.39 -2.95 41.54
CA LYS D 187 -21.44 -2.50 42.57
C LYS D 187 -19.99 -2.90 42.30
N LYS D 188 -19.08 -1.97 42.62
CA LYS D 188 -17.65 -2.16 42.45
C LYS D 188 -17.17 -3.37 43.21
N ASN D 189 -16.29 -4.14 42.59
CA ASN D 189 -15.69 -5.26 43.27
C ASN D 189 -14.30 -5.52 42.71
N SER D 190 -13.45 -6.18 43.47
CA SER D 190 -12.09 -6.45 43.03
C SER D 190 -11.78 -7.92 43.14
N VAL D 191 -11.07 -8.41 42.13
CA VAL D 191 -10.76 -9.82 42.01
C VAL D 191 -9.25 -10.02 41.83
N THR D 192 -8.69 -10.91 42.64
CA THR D 192 -7.31 -11.33 42.49
C THR D 192 -7.33 -12.83 42.23
N TYR D 193 -6.26 -13.36 41.66
CA TYR D 193 -6.24 -14.76 41.23
C TYR D 193 -4.88 -15.43 41.49
N SER D 194 -4.83 -16.72 41.20
CA SER D 194 -3.59 -17.50 41.28
C SER D 194 -2.59 -17.13 40.20
N CYS D 195 -3.10 -16.91 38.98
CA CYS D 195 -2.24 -16.67 37.83
C CYS D 195 -1.44 -15.40 37.98
N CYS D 196 -2.13 -14.34 38.37
CA CYS D 196 -1.61 -12.98 38.29
C CYS D 196 -1.56 -12.36 39.68
N PRO D 197 -0.43 -11.75 40.04
CA PRO D 197 -0.33 -11.15 41.38
C PRO D 197 -1.18 -9.90 41.52
N GLU D 198 -1.63 -9.37 40.38
CA GLU D 198 -2.29 -8.07 40.36
C GLU D 198 -3.79 -8.21 40.52
N ALA D 199 -4.48 -7.09 40.66
CA ALA D 199 -5.91 -7.07 40.96
C ALA D 199 -6.69 -6.54 39.78
N TYR D 200 -7.89 -7.09 39.58
CA TYR D 200 -8.79 -6.62 38.53
C TYR D 200 -10.07 -6.07 39.11
N GLU D 201 -10.49 -4.95 38.54
CA GLU D 201 -11.71 -4.33 38.97
C GLU D 201 -12.83 -4.84 38.12
N ASP D 202 -13.96 -5.04 38.76
CA ASP D 202 -15.15 -5.38 38.01
C ASP D 202 -16.35 -4.69 38.61
N VAL D 203 -17.36 -4.57 37.78
CA VAL D 203 -18.67 -4.23 38.25
C VAL D 203 -19.43 -5.54 38.37
N GLU D 204 -19.92 -5.80 39.57
CA GLU D 204 -20.77 -6.96 39.79
C GLU D 204 -22.20 -6.50 39.66
N VAL D 205 -22.91 -7.14 38.74
CA VAL D 205 -24.31 -6.83 38.51
C VAL D 205 -25.16 -7.95 39.10
N SER D 206 -26.08 -7.58 39.99
CA SER D 206 -27.01 -8.54 40.57
C SER D 206 -28.39 -8.26 40.07
N LEU D 207 -28.90 -9.26 39.36
CA LEU D 207 -30.16 -9.22 38.63
C LEU D 207 -31.22 -10.08 39.29
N ASN D 208 -32.13 -9.42 39.99
CA ASN D 208 -33.19 -10.10 40.72
C ASN D 208 -34.48 -9.99 39.91
N PHE D 209 -34.94 -11.15 39.44
CA PHE D 209 -36.10 -11.27 38.53
C PHE D 209 -36.91 -12.53 38.86
N ARG D 210 -38.09 -12.65 38.27
CA ARG D 210 -39.00 -13.76 38.52
C ARG D 210 -39.96 -13.94 37.35
N LYS D 211 -40.49 -15.14 37.16
CA LYS D 211 -41.57 -15.35 36.20
C LYS D 211 -42.84 -14.65 36.68
N LYS D 212 -43.47 -13.88 35.81
CA LYS D 212 -44.80 -13.36 36.09
C LYS D 212 -45.72 -14.51 36.40
N ASP E 7 2.42 5.18 31.48
CA ASP E 7 2.89 6.14 30.51
C ASP E 7 2.52 5.70 29.09
N LYS E 8 1.68 6.49 28.42
CA LYS E 8 1.05 6.04 27.17
C LYS E 8 2.00 5.97 25.97
N LEU E 9 2.84 6.99 25.80
CA LEU E 9 3.80 6.96 24.69
C LEU E 9 4.73 5.77 24.83
N ASP E 10 5.13 5.50 26.06
CA ASP E 10 5.98 4.35 26.32
C ASP E 10 5.27 3.11 25.85
N ARG E 11 3.98 3.01 26.18
CA ARG E 11 3.20 1.83 25.82
C ARG E 11 3.14 1.70 24.29
N ALA E 12 2.76 2.78 23.62
CA ALA E 12 2.70 2.77 22.16
C ALA E 12 4.08 2.44 21.54
N ASP E 13 5.16 2.92 22.15
CA ASP E 13 6.50 2.58 21.65
C ASP E 13 6.85 1.12 21.89
N ILE E 14 6.49 0.60 23.06
CA ILE E 14 6.70 -0.84 23.32
C ILE E 14 5.94 -1.65 22.27
N LEU E 15 4.70 -1.26 21.97
CA LEU E 15 3.89 -2.02 21.02
C LEU E 15 4.50 -1.99 19.62
N TYR E 16 4.94 -0.80 19.21
CA TYR E 16 5.63 -0.65 17.94
C TYR E 16 6.88 -1.53 17.88
N ASN E 17 7.68 -1.52 18.96
CA ASN E 17 8.85 -2.38 19.04
C ASN E 17 8.49 -3.86 18.88
N ILE E 18 7.52 -4.31 19.67
CA ILE E 18 7.04 -5.68 19.57
C ILE E 18 6.61 -6.04 18.15
N ARG E 19 5.81 -5.20 17.53
CA ARG E 19 5.42 -5.47 16.14
C ARG E 19 6.58 -5.44 15.15
N GLN E 20 7.58 -4.58 15.38
CA GLN E 20 8.73 -4.61 14.48
C GLN E 20 9.53 -5.88 14.63
N THR E 21 9.72 -6.37 15.85
CA THR E 21 10.52 -7.57 16.00
C THR E 21 9.70 -8.89 15.97
N SER E 22 8.39 -8.82 16.18
CA SER E 22 7.59 -10.05 16.23
C SER E 22 7.42 -10.71 14.86
N ARG E 23 7.50 -12.02 14.84
CA ARG E 23 7.32 -12.81 13.67
C ARG E 23 6.24 -13.78 14.03
N PRO E 24 4.96 -13.37 13.70
CA PRO E 24 3.88 -14.26 14.10
C PRO E 24 3.78 -15.65 13.54
N ASP E 25 4.31 -15.93 12.39
CA ASP E 25 4.21 -17.24 11.82
C ASP E 25 5.42 -18.10 12.08
N VAL E 26 6.37 -17.59 12.82
CA VAL E 26 7.61 -18.29 13.10
C VAL E 26 7.79 -18.64 14.58
N ILE E 27 8.11 -19.88 14.88
CA ILE E 27 8.33 -20.27 16.25
C ILE E 27 9.53 -19.60 16.80
N PRO E 28 9.35 -19.12 18.09
CA PRO E 28 10.51 -18.44 18.65
C PRO E 28 11.50 -19.26 19.44
N THR E 29 12.24 -20.06 18.73
CA THR E 29 13.24 -20.88 19.34
C THR E 29 14.41 -20.05 19.77
N GLN E 30 14.85 -20.27 20.98
CA GLN E 30 15.96 -19.53 21.50
C GLN E 30 17.04 -20.55 21.47
N ARG E 31 18.13 -20.23 20.80
CA ARG E 31 19.21 -21.17 20.66
C ARG E 31 18.59 -22.24 19.79
N ASP E 32 19.02 -23.47 19.90
CA ASP E 32 18.43 -24.53 19.11
C ASP E 32 17.49 -25.37 19.92
N ARG E 33 17.16 -24.91 21.10
CA ARG E 33 16.25 -25.60 21.96
C ARG E 33 14.80 -25.41 21.50
N PRO E 34 13.92 -26.37 21.94
CA PRO E 34 12.53 -26.17 21.53
C PRO E 34 11.86 -25.14 22.40
N VAL E 35 10.77 -24.56 21.95
CA VAL E 35 10.06 -23.58 22.73
C VAL E 35 9.24 -24.28 23.76
N ALA E 36 9.40 -23.85 24.99
CA ALA E 36 8.70 -24.43 26.10
C ALA E 36 7.45 -23.69 26.35
N VAL E 37 6.36 -24.39 26.21
CA VAL E 37 5.08 -23.81 26.39
C VAL E 37 4.42 -24.39 27.59
N SER E 38 3.98 -23.53 28.48
CA SER E 38 3.27 -23.96 29.68
C SER E 38 1.76 -23.86 29.50
N VAL E 39 1.05 -24.94 29.83
CA VAL E 39 -0.39 -25.02 29.64
C VAL E 39 -1.15 -25.52 30.89
N SER E 40 -2.09 -24.70 31.35
CA SER E 40 -2.90 -25.02 32.51
C SER E 40 -4.37 -24.64 32.29
N LEU E 41 -5.23 -25.66 32.22
CA LEU E 41 -6.67 -25.42 32.10
C LEU E 41 -7.27 -25.15 33.48
N LYS E 42 -8.05 -24.07 33.58
CA LYS E 42 -8.78 -23.73 34.80
C LYS E 42 -10.24 -23.87 34.50
N PHE E 43 -10.87 -24.89 35.06
CA PHE E 43 -12.25 -25.14 34.73
C PHE E 43 -13.16 -24.15 35.45
N ILE E 44 -14.15 -23.67 34.72
CA ILE E 44 -15.05 -22.62 35.20
C ILE E 44 -16.45 -23.21 35.35
N ASN E 45 -16.76 -24.11 34.44
CA ASN E 45 -18.08 -24.68 34.42
C ASN E 45 -18.10 -25.95 33.63
N ILE E 46 -19.14 -26.74 33.84
CA ILE E 46 -19.38 -27.98 33.11
C ILE E 46 -20.85 -27.93 32.78
N LEU E 47 -21.19 -27.70 31.52
CA LEU E 47 -22.53 -27.24 31.17
C LEU E 47 -23.47 -28.38 30.74
N GLU E 48 -22.90 -29.44 30.19
CA GLU E 48 -23.68 -30.55 29.69
C GLU E 48 -22.80 -31.79 29.62
N VAL E 49 -23.40 -32.90 30.01
CA VAL E 49 -22.73 -34.18 30.13
C VAL E 49 -23.67 -35.20 29.54
N ASN E 50 -23.14 -36.15 28.79
CA ASN E 50 -23.96 -37.25 28.29
C ASN E 50 -23.26 -38.59 28.40
N GLU E 51 -23.74 -39.40 29.36
CA GLU E 51 -23.09 -40.65 29.75
C GLU E 51 -23.31 -41.67 28.67
N ILE E 52 -24.38 -41.46 27.93
CA ILE E 52 -24.74 -42.30 26.83
C ILE E 52 -23.74 -42.12 25.66
N THR E 53 -23.57 -40.89 25.18
CA THR E 53 -22.64 -40.59 24.08
C THR E 53 -21.21 -40.32 24.51
N ASN E 54 -20.99 -40.21 25.81
CA ASN E 54 -19.65 -39.91 26.32
C ASN E 54 -19.15 -38.56 25.77
N GLU E 55 -19.97 -37.55 25.98
CA GLU E 55 -19.67 -36.24 25.52
C GLU E 55 -19.86 -35.22 26.62
N VAL E 56 -19.02 -34.20 26.55
CA VAL E 56 -18.88 -33.21 27.61
C VAL E 56 -18.77 -31.80 27.04
N ASP E 57 -19.57 -30.86 27.56
CA ASP E 57 -19.55 -29.47 27.15
C ASP E 57 -18.96 -28.64 28.29
N VAL E 58 -17.78 -28.04 28.08
CA VAL E 58 -17.09 -27.33 29.17
C VAL E 58 -16.59 -25.92 28.86
N VAL E 59 -16.41 -25.16 29.93
CA VAL E 59 -15.80 -23.84 29.89
C VAL E 59 -14.55 -23.81 30.77
N PHE E 60 -13.43 -23.36 30.21
CA PHE E 60 -12.19 -23.20 30.99
C PHE E 60 -11.28 -22.03 30.52
N TRP E 61 -10.46 -21.58 31.45
CA TRP E 61 -9.45 -20.59 31.16
C TRP E 61 -8.18 -21.34 30.81
N GLN E 62 -7.70 -21.16 29.58
CA GLN E 62 -6.53 -21.90 29.12
C GLN E 62 -5.30 -21.04 29.34
N GLN E 63 -4.68 -21.19 30.50
CA GLN E 63 -3.51 -20.39 30.82
C GLN E 63 -2.32 -20.94 30.07
N THR E 64 -1.85 -20.12 29.14
CA THR E 64 -0.83 -20.50 28.21
C THR E 64 0.34 -19.52 28.26
N THR E 65 1.53 -20.02 28.55
CA THR E 65 2.68 -19.11 28.61
C THR E 65 3.89 -19.65 27.92
N TRP E 66 4.72 -18.72 27.47
CA TRP E 66 5.99 -19.08 26.85
C TRP E 66 6.88 -17.85 26.74
N SER E 67 8.04 -18.02 26.12
CA SER E 67 9.02 -16.93 25.99
C SER E 67 9.39 -16.62 24.56
N ASP E 68 9.62 -15.34 24.34
CA ASP E 68 10.31 -14.84 23.16
C ASP E 68 11.24 -13.74 23.64
N ARG E 69 12.47 -14.12 23.94
CA ARG E 69 13.48 -13.20 24.48
C ARG E 69 13.71 -11.96 23.60
N THR E 70 13.44 -12.09 22.30
CA THR E 70 13.63 -10.99 21.37
C THR E 70 12.61 -9.85 21.55
N LEU E 71 11.52 -10.13 22.26
CA LEU E 71 10.51 -9.11 22.53
C LEU E 71 10.89 -8.27 23.76
N ALA E 72 11.89 -8.74 24.50
CA ALA E 72 12.23 -8.12 25.76
C ALA E 72 12.69 -6.69 25.59
N TRP E 73 12.36 -5.86 26.57
CA TRP E 73 12.88 -4.50 26.62
C TRP E 73 13.32 -4.14 28.06
N ASN E 74 14.06 -3.06 28.18
CA ASN E 74 14.48 -2.57 29.49
C ASN E 74 13.35 -1.76 30.09
N SER E 75 12.82 -2.22 31.22
CA SER E 75 11.67 -1.56 31.85
C SER E 75 12.04 -0.76 33.11
N SER E 76 13.30 -0.40 33.22
CA SER E 76 13.76 0.39 34.38
C SER E 76 12.94 1.66 34.50
N HIS E 77 12.68 2.31 33.38
CA HIS E 77 11.90 3.54 33.38
C HIS E 77 10.78 3.49 32.37
N SER E 78 10.10 2.34 32.35
CA SER E 78 9.01 2.13 31.43
C SER E 78 8.10 0.99 31.91
N PRO E 79 6.94 0.81 31.27
CA PRO E 79 6.00 -0.30 31.48
C PRO E 79 6.64 -1.68 31.54
N ASP E 80 6.30 -2.45 32.56
CA ASP E 80 6.74 -3.84 32.70
C ASP E 80 5.99 -4.75 31.75
N GLN E 81 4.76 -4.36 31.44
CA GLN E 81 3.84 -5.23 30.72
C GLN E 81 2.94 -4.46 29.78
N VAL E 82 2.59 -5.09 28.66
CA VAL E 82 1.51 -4.55 27.86
C VAL E 82 0.58 -5.63 27.32
N SER E 83 -0.65 -5.24 27.02
CA SER E 83 -1.56 -6.10 26.29
C SER E 83 -1.29 -5.95 24.80
N VAL E 84 -1.35 -7.06 24.08
CA VAL E 84 -1.07 -7.10 22.66
C VAL E 84 -2.08 -7.99 21.94
N PRO E 85 -2.61 -7.55 20.78
CA PRO E 85 -3.46 -8.44 20.01
C PRO E 85 -2.70 -9.69 19.57
N ILE E 86 -3.24 -10.89 19.78
CA ILE E 86 -2.52 -12.11 19.44
C ILE E 86 -2.21 -12.22 17.95
N SER E 87 -2.84 -11.38 17.14
CA SER E 87 -2.55 -11.36 15.69
C SER E 87 -1.21 -10.70 15.42
N SER E 88 -0.71 -9.96 16.40
CA SER E 88 0.64 -9.41 16.33
C SER E 88 1.69 -10.37 16.85
N LEU E 89 1.28 -11.49 17.46
CA LEU E 89 2.21 -12.37 18.16
C LEU E 89 2.27 -13.75 17.54
N TRP E 90 3.34 -14.48 17.83
CA TRP E 90 3.31 -15.92 17.62
C TRP E 90 2.60 -16.53 18.80
N VAL E 91 1.81 -17.53 18.47
CA VAL E 91 1.01 -18.24 19.45
C VAL E 91 1.15 -19.74 19.14
N PRO E 92 1.33 -20.57 20.18
CA PRO E 92 1.48 -22.01 19.93
C PRO E 92 0.24 -22.57 19.28
N ASP E 93 0.37 -23.48 18.31
CA ASP E 93 -0.79 -24.05 17.62
C ASP E 93 -1.37 -25.25 18.38
N LEU E 94 -1.84 -24.97 19.58
CA LEU E 94 -2.35 -26.01 20.44
C LEU E 94 -3.71 -26.48 19.93
N ALA E 95 -3.95 -27.79 20.04
CA ALA E 95 -5.26 -28.35 19.79
C ALA E 95 -5.49 -29.52 20.72
N ALA E 96 -6.77 -29.75 21.00
CA ALA E 96 -7.22 -30.87 21.82
C ALA E 96 -7.56 -32.05 20.92
N TYR E 97 -6.85 -33.16 21.09
CA TYR E 97 -6.99 -34.32 20.20
C TYR E 97 -8.35 -35.03 20.28
N ASN E 98 -9.08 -34.84 21.37
CA ASN E 98 -10.40 -35.44 21.49
C ASN E 98 -11.54 -34.43 21.49
N ALA E 99 -11.24 -33.20 21.06
CA ALA E 99 -12.27 -32.17 20.89
C ALA E 99 -13.21 -32.58 19.76
N ILE E 100 -14.50 -32.30 19.93
CA ILE E 100 -15.48 -32.63 18.90
C ILE E 100 -16.27 -31.41 18.48
N SER E 101 -15.88 -30.25 18.99
CA SER E 101 -16.36 -28.95 18.52
C SER E 101 -15.16 -28.03 18.46
N LYS E 102 -15.28 -26.94 17.71
CA LYS E 102 -14.14 -26.03 17.60
C LYS E 102 -14.15 -25.15 18.84
N PRO E 103 -12.96 -24.74 19.29
CA PRO E 103 -12.87 -23.91 20.49
C PRO E 103 -13.56 -22.56 20.30
N GLU E 104 -14.54 -22.24 21.15
CA GLU E 104 -15.25 -20.99 21.04
C GLU E 104 -14.64 -20.04 22.06
N VAL E 105 -13.82 -19.11 21.58
CA VAL E 105 -13.13 -18.17 22.46
C VAL E 105 -14.13 -17.10 22.87
N LEU E 106 -14.31 -16.96 24.19
CA LEU E 106 -15.37 -16.12 24.73
C LEU E 106 -14.88 -14.75 25.17
N THR E 107 -13.57 -14.56 25.09
CA THR E 107 -12.92 -13.37 25.64
C THR E 107 -12.10 -12.59 24.62
N PRO E 108 -11.79 -11.35 24.95
CA PRO E 108 -10.97 -10.56 24.03
C PRO E 108 -9.59 -11.20 23.78
N GLN E 109 -9.19 -11.23 22.52
CA GLN E 109 -8.02 -11.97 22.10
C GLN E 109 -6.74 -11.14 22.23
N LEU E 110 -6.43 -10.85 23.48
CA LEU E 110 -5.26 -10.11 23.88
C LEU E 110 -4.33 -10.98 24.70
N ALA E 111 -3.04 -10.82 24.48
CA ALA E 111 -2.02 -11.45 25.32
C ALA E 111 -1.33 -10.39 26.13
N ARG E 112 -0.69 -10.79 27.21
CA ARG E 112 0.24 -9.93 27.93
C ARG E 112 1.65 -10.26 27.53
N VAL E 113 2.43 -9.22 27.24
CA VAL E 113 3.86 -9.36 27.03
C VAL E 113 4.57 -8.62 28.14
N VAL E 114 5.40 -9.39 28.84
CA VAL E 114 6.20 -8.93 29.98
C VAL E 114 7.60 -8.53 29.49
N SER E 115 8.20 -7.51 30.12
CA SER E 115 9.46 -6.93 29.61
C SER E 115 10.62 -7.92 29.48
N ASP E 116 10.52 -9.08 30.12
CA ASP E 116 11.53 -10.13 29.98
C ASP E 116 11.29 -11.04 28.79
N GLY E 117 10.25 -10.79 28.01
CA GLY E 117 9.96 -11.59 26.83
C GLY E 117 8.96 -12.72 27.08
N GLU E 118 8.45 -12.79 28.30
CA GLU E 118 7.42 -13.77 28.62
C GLU E 118 6.06 -13.34 28.08
N VAL E 119 5.36 -14.29 27.46
CA VAL E 119 4.02 -14.07 26.96
C VAL E 119 3.03 -14.97 27.71
N LEU E 120 1.94 -14.34 28.16
CA LEU E 120 0.79 -15.01 28.76
C LEU E 120 -0.47 -14.81 27.94
N TYR E 121 -0.97 -15.88 27.34
CA TYR E 121 -2.26 -15.85 26.67
C TYR E 121 -3.19 -16.78 27.44
N MET E 122 -4.31 -16.24 27.91
CA MET E 122 -5.27 -17.00 28.70
C MET E 122 -6.71 -16.78 28.23
N PRO E 123 -7.08 -17.42 27.12
CA PRO E 123 -8.47 -17.24 26.68
C PRO E 123 -9.45 -18.13 27.49
N SER E 124 -10.68 -17.64 27.59
CA SER E 124 -11.77 -18.48 28.10
C SER E 124 -12.41 -19.22 26.95
N ILE E 125 -12.39 -20.54 27.03
CA ILE E 125 -12.84 -21.38 25.94
C ILE E 125 -14.04 -22.24 26.39
N ARG E 126 -15.06 -22.24 25.55
CA ARG E 126 -16.12 -23.21 25.62
C ARG E 126 -15.91 -24.23 24.53
N GLN E 127 -15.92 -25.50 24.89
CA GLN E 127 -15.67 -26.54 23.90
C GLN E 127 -16.15 -27.90 24.38
N ARG E 128 -16.45 -28.76 23.41
CA ARG E 128 -17.03 -30.05 23.69
C ARG E 128 -16.03 -31.16 23.42
N PHE E 129 -16.04 -32.17 24.27
CA PHE E 129 -15.13 -33.30 24.14
C PHE E 129 -15.82 -34.66 24.19
N SER E 130 -15.12 -35.60 23.57
CA SER E 130 -15.41 -37.01 23.58
C SER E 130 -14.47 -37.71 24.55
N CYS E 131 -15.00 -38.04 25.71
CA CYS E 131 -14.23 -38.69 26.76
C CYS E 131 -15.09 -39.59 27.69
N ASP E 132 -14.44 -40.15 28.71
CA ASP E 132 -15.08 -41.12 29.59
C ASP E 132 -15.99 -40.45 30.63
N VAL E 133 -17.28 -40.45 30.34
CA VAL E 133 -18.27 -39.86 31.21
C VAL E 133 -18.80 -40.88 32.23
N SER E 134 -18.54 -42.18 32.02
CA SER E 134 -19.00 -43.20 32.95
C SER E 134 -18.59 -42.89 34.40
N GLY E 135 -19.57 -42.92 35.28
CA GLY E 135 -19.35 -42.71 36.70
C GLY E 135 -19.88 -41.39 37.24
N VAL E 136 -20.54 -40.59 36.42
CA VAL E 136 -20.93 -39.23 36.82
C VAL E 136 -21.73 -39.23 38.09
N ASP E 137 -22.75 -40.09 38.14
CA ASP E 137 -23.74 -40.13 39.22
C ASP E 137 -23.27 -41.01 40.38
N THR E 138 -21.96 -41.12 40.53
CA THR E 138 -21.33 -41.99 41.51
C THR E 138 -20.54 -41.10 42.47
N GLU E 139 -20.20 -41.61 43.65
CA GLU E 139 -19.41 -40.83 44.61
C GLU E 139 -18.04 -40.50 44.01
N SER E 140 -17.41 -41.54 43.45
CA SER E 140 -16.11 -41.41 42.81
C SER E 140 -16.16 -40.49 41.59
N GLY E 141 -17.27 -40.52 40.87
CA GLY E 141 -17.50 -39.58 39.79
C GLY E 141 -16.77 -40.05 38.56
N ALA E 142 -16.93 -39.33 37.44
CA ALA E 142 -16.26 -39.69 36.21
C ALA E 142 -14.89 -39.05 36.17
N THR E 143 -13.99 -39.61 35.38
CA THR E 143 -12.76 -38.89 35.03
C THR E 143 -12.63 -38.76 33.51
N CYS E 144 -12.61 -37.51 33.06
CA CYS E 144 -12.62 -37.20 31.64
C CYS E 144 -11.27 -36.63 31.27
N ARG E 145 -10.63 -37.23 30.27
CA ARG E 145 -9.24 -36.92 29.96
C ARG E 145 -9.11 -36.13 28.65
N ILE E 146 -8.55 -34.92 28.73
CA ILE E 146 -8.38 -34.01 27.59
C ILE E 146 -6.89 -33.94 27.23
N LYS E 147 -6.55 -34.32 26.00
CA LYS E 147 -5.16 -34.30 25.53
C LYS E 147 -4.95 -33.08 24.64
N ILE E 148 -4.06 -32.19 25.07
CA ILE E 148 -3.75 -30.95 24.34
C ILE E 148 -2.30 -30.91 23.91
N GLY E 149 -2.05 -30.66 22.64
CA GLY E 149 -0.68 -30.52 22.16
C GLY E 149 -0.56 -29.68 20.92
N SER E 150 0.67 -29.42 20.48
CA SER E 150 0.85 -28.74 19.19
C SER E 150 0.29 -29.60 18.08
N TRP E 151 -0.45 -28.97 17.17
CA TRP E 151 -0.99 -29.70 16.04
C TRP E 151 0.06 -30.02 14.95
N THR E 152 1.07 -29.17 14.78
CA THR E 152 2.00 -29.36 13.64
C THR E 152 3.48 -29.31 14.01
N HIS E 153 3.80 -28.92 15.23
CA HIS E 153 5.19 -28.90 15.68
C HIS E 153 5.55 -30.09 16.59
N HIS E 154 6.47 -30.91 16.14
CA HIS E 154 6.93 -32.04 16.95
C HIS E 154 7.89 -31.60 18.05
N SER E 155 8.22 -32.55 18.92
CA SER E 155 8.86 -32.30 20.21
C SER E 155 10.16 -31.45 20.17
N ARG E 156 10.92 -31.56 19.08
CA ARG E 156 12.15 -30.78 18.88
C ARG E 156 11.85 -29.32 18.58
N GLU E 157 10.64 -29.04 18.13
CA GLU E 157 10.15 -27.67 17.86
C GLU E 157 9.37 -27.05 19.03
N ILE E 158 8.45 -27.82 19.62
CA ILE E 158 7.66 -27.35 20.76
C ILE E 158 7.60 -28.41 21.85
N SER E 159 7.91 -28.00 23.08
CA SER E 159 7.75 -28.85 24.25
C SER E 159 6.65 -28.25 25.10
N VAL E 160 5.79 -29.12 25.59
CA VAL E 160 4.62 -28.75 26.37
C VAL E 160 4.73 -29.29 27.81
N ASP E 161 4.58 -28.39 28.78
CA ASP E 161 4.74 -28.69 30.20
C ASP E 161 3.52 -28.12 30.94
N PRO E 162 3.15 -28.72 32.09
CA PRO E 162 2.14 -28.09 32.96
C PRO E 162 2.75 -27.50 34.23
N SER E 167 -4.94 -29.85 41.80
CA SER E 167 -5.84 -29.00 42.55
C SER E 167 -7.30 -29.36 42.24
N ASP E 168 -8.23 -28.74 42.95
CA ASP E 168 -9.67 -28.94 42.72
C ASP E 168 -10.29 -27.75 41.98
N ASP E 169 -9.47 -26.74 41.65
CA ASP E 169 -9.91 -25.51 41.00
C ASP E 169 -11.06 -24.86 41.78
N SER E 170 -11.01 -24.95 43.11
CA SER E 170 -12.06 -24.35 43.95
C SER E 170 -12.17 -22.87 43.61
N GLU E 171 -11.02 -22.30 43.26
CA GLU E 171 -10.87 -20.88 42.99
C GLU E 171 -11.69 -20.36 41.81
N TYR E 172 -11.79 -21.17 40.75
CA TYR E 172 -12.39 -20.72 39.49
C TYR E 172 -13.75 -21.33 39.18
N PHE E 173 -13.99 -22.56 39.65
CA PHE E 173 -15.18 -23.29 39.23
C PHE E 173 -16.46 -22.62 39.68
N SER E 174 -17.47 -22.60 38.82
CA SER E 174 -18.75 -22.02 39.19
C SER E 174 -19.40 -22.80 40.33
N GLN E 175 -19.96 -22.06 41.27
CA GLN E 175 -20.69 -22.63 42.39
C GLN E 175 -22.14 -22.94 41.97
N TYR E 176 -22.47 -22.59 40.72
CA TYR E 176 -23.82 -22.76 40.19
C TYR E 176 -23.92 -23.88 39.17
N SER E 177 -22.85 -24.63 39.02
CA SER E 177 -22.84 -25.72 38.07
C SER E 177 -23.57 -26.92 38.65
N ARG E 178 -24.25 -27.69 37.80
CA ARG E 178 -24.91 -28.90 38.25
C ARG E 178 -23.86 -29.97 38.55
N PHE E 179 -22.59 -29.60 38.45
CA PHE E 179 -21.50 -30.52 38.78
C PHE E 179 -20.48 -29.88 39.73
N GLU E 180 -19.58 -30.71 40.23
CA GLU E 180 -18.52 -30.26 41.13
C GLU E 180 -17.28 -31.07 40.80
N ILE E 181 -16.11 -30.49 41.04
CA ILE E 181 -14.88 -31.12 40.63
C ILE E 181 -14.23 -31.79 41.83
N LEU E 182 -13.88 -33.05 41.64
CA LEU E 182 -13.31 -33.86 42.70
C LEU E 182 -11.80 -33.70 42.67
N ASP E 183 -11.26 -33.71 41.46
CA ASP E 183 -9.82 -33.49 41.29
C ASP E 183 -9.48 -33.21 39.86
N VAL E 184 -8.38 -32.49 39.64
CA VAL E 184 -7.83 -32.38 38.31
C VAL E 184 -6.34 -32.53 38.38
N THR E 185 -5.81 -33.33 37.46
CA THR E 185 -4.38 -33.54 37.36
C THR E 185 -3.93 -33.32 35.94
N GLN E 186 -2.70 -32.83 35.77
CA GLN E 186 -2.17 -32.65 34.42
C GLN E 186 -0.79 -33.24 34.33
N LYS E 187 -0.61 -34.11 33.34
CA LYS E 187 0.66 -34.80 33.18
C LYS E 187 1.15 -34.75 31.74
N LYS E 188 2.48 -34.68 31.59
CA LYS E 188 3.11 -34.69 30.29
C LYS E 188 2.95 -36.09 29.71
N ASN E 189 3.03 -36.20 28.39
CA ASN E 189 2.66 -37.42 27.70
C ASN E 189 3.09 -37.25 26.24
N SER E 190 3.34 -38.37 25.56
CA SER E 190 3.80 -38.34 24.18
C SER E 190 2.87 -39.12 23.29
N VAL E 191 2.66 -38.61 22.08
CA VAL E 191 1.90 -39.32 21.06
C VAL E 191 2.75 -39.33 19.82
N THR E 192 2.72 -40.45 19.14
CA THR E 192 3.37 -40.64 17.86
C THR E 192 2.34 -41.35 17.01
N TYR E 193 2.20 -40.91 15.76
CA TYR E 193 1.15 -41.41 14.88
C TYR E 193 1.69 -41.97 13.58
N SER E 194 0.89 -42.84 12.97
CA SER E 194 1.26 -43.52 11.72
C SER E 194 1.58 -42.51 10.65
N CYS E 195 0.85 -41.40 10.65
CA CYS E 195 1.08 -40.34 9.67
C CYS E 195 2.53 -39.85 9.71
N CYS E 196 3.02 -39.49 10.91
CA CYS E 196 4.25 -38.71 11.08
C CYS E 196 5.33 -39.41 11.92
N PRO E 197 6.58 -39.49 11.40
CA PRO E 197 7.70 -40.11 12.12
C PRO E 197 8.14 -39.37 13.39
N GLU E 198 8.11 -38.04 13.39
CA GLU E 198 8.57 -37.29 14.56
C GLU E 198 7.51 -37.44 15.67
N ALA E 199 7.90 -37.24 16.93
CA ALA E 199 7.01 -37.45 18.08
C ALA E 199 6.41 -36.14 18.53
N TYR E 200 5.22 -36.20 19.15
CA TYR E 200 4.55 -34.99 19.65
C TYR E 200 4.27 -35.05 21.14
N GLU E 201 4.40 -33.89 21.77
CA GLU E 201 4.18 -33.76 23.19
C GLU E 201 2.80 -33.25 23.43
N ASP E 202 2.11 -33.84 24.40
CA ASP E 202 0.82 -33.34 24.79
C ASP E 202 0.77 -33.23 26.29
N VAL E 203 -0.27 -32.58 26.78
CA VAL E 203 -0.60 -32.61 28.19
C VAL E 203 -1.93 -33.26 28.33
N GLU E 204 -1.94 -34.19 29.26
CA GLU E 204 -3.12 -34.95 29.57
C GLU E 204 -3.73 -34.38 30.82
N VAL E 205 -4.93 -33.83 30.65
CA VAL E 205 -5.68 -33.19 31.71
C VAL E 205 -6.79 -34.14 32.13
N SER E 206 -6.71 -34.60 33.37
CA SER E 206 -7.69 -35.51 33.94
C SER E 206 -8.62 -34.74 34.83
N LEU E 207 -9.87 -34.65 34.38
CA LEU E 207 -10.96 -33.99 35.06
C LEU E 207 -11.85 -34.99 35.79
N ASN E 208 -11.60 -35.12 37.09
CA ASN E 208 -12.38 -35.99 37.97
C ASN E 208 -13.53 -35.22 38.59
N PHE E 209 -14.75 -35.53 38.15
CA PHE E 209 -15.94 -34.76 38.52
C PHE E 209 -17.20 -35.62 38.63
N ARG E 210 -18.21 -35.08 39.33
CA ARG E 210 -19.48 -35.80 39.56
C ARG E 210 -20.69 -34.86 39.63
N LYS E 211 -21.89 -35.42 39.41
CA LYS E 211 -23.16 -34.70 39.61
C LYS E 211 -23.26 -34.24 41.05
N LYS E 212 -23.85 -33.08 41.28
CA LYS E 212 -23.71 -32.39 42.57
C LYS E 212 -24.71 -32.91 43.61
N LYS F 8 -3.54 25.27 13.98
CA LYS F 8 -2.69 24.31 13.27
C LYS F 8 -3.46 23.07 12.82
N LEU F 9 -4.33 22.58 13.69
CA LEU F 9 -5.17 21.44 13.34
C LEU F 9 -6.07 21.84 12.17
N ASP F 10 -6.56 23.07 12.22
CA ASP F 10 -7.40 23.57 11.14
C ASP F 10 -6.63 23.61 9.82
N ARG F 11 -5.37 24.00 9.86
CA ARG F 11 -4.59 24.08 8.63
C ARG F 11 -4.36 22.65 8.06
N ALA F 12 -4.04 21.71 8.93
CA ALA F 12 -3.88 20.34 8.47
C ALA F 12 -5.18 19.78 7.90
N ASP F 13 -6.31 20.11 8.52
CA ASP F 13 -7.60 19.68 7.98
C ASP F 13 -7.85 20.28 6.60
N ILE F 14 -7.63 21.59 6.43
CA ILE F 14 -7.81 22.20 5.10
C ILE F 14 -6.90 21.50 4.08
N LEU F 15 -5.68 21.22 4.51
CA LEU F 15 -4.71 20.55 3.65
C LEU F 15 -5.22 19.19 3.22
N TYR F 16 -5.68 18.44 4.22
CA TYR F 16 -6.33 17.14 3.99
C TYR F 16 -7.46 17.27 2.97
N ASN F 17 -8.38 18.22 3.20
CA ASN F 17 -9.48 18.45 2.27
C ASN F 17 -9.00 18.74 0.83
N ILE F 18 -8.03 19.65 0.72
CA ILE F 18 -7.48 20.01 -0.57
C ILE F 18 -6.91 18.77 -1.25
N ARG F 19 -6.20 17.94 -0.51
CA ARG F 19 -5.63 16.75 -1.16
C ARG F 19 -6.66 15.70 -1.50
N GLN F 20 -7.75 15.64 -0.75
CA GLN F 20 -8.88 14.78 -1.14
C GLN F 20 -9.58 15.24 -2.42
N THR F 21 -9.88 16.53 -2.56
CA THR F 21 -10.61 16.97 -3.77
C THR F 21 -9.71 17.34 -4.96
N SER F 22 -8.46 17.66 -4.68
CA SER F 22 -7.55 18.06 -5.75
C SER F 22 -7.28 16.89 -6.68
N ARG F 23 -7.30 17.20 -7.98
CA ARG F 23 -6.89 16.28 -9.03
C ARG F 23 -5.72 16.89 -9.80
N PRO F 24 -4.47 16.60 -9.36
CA PRO F 24 -3.33 17.32 -9.94
C PRO F 24 -3.19 17.24 -11.45
N ASP F 25 -3.73 16.23 -12.11
CA ASP F 25 -3.50 16.02 -13.54
C ASP F 25 -4.72 16.37 -14.39
N VAL F 26 -5.74 16.95 -13.77
CA VAL F 26 -6.97 17.29 -14.47
C VAL F 26 -7.23 18.78 -14.38
N ILE F 27 -7.44 19.42 -15.52
CA ILE F 27 -7.67 20.87 -15.54
C ILE F 27 -8.99 21.13 -14.82
N PRO F 28 -9.04 22.17 -13.96
CA PRO F 28 -10.22 22.47 -13.17
C PRO F 28 -11.26 23.30 -13.90
N THR F 29 -11.79 22.79 -15.01
CA THR F 29 -12.81 23.50 -15.78
C THR F 29 -14.19 23.42 -15.13
N GLN F 30 -14.80 24.59 -14.97
CA GLN F 30 -16.22 24.69 -14.62
C GLN F 30 -17.07 24.79 -15.88
N ARG F 31 -18.29 24.25 -15.81
CA ARG F 31 -19.27 24.32 -16.90
C ARG F 31 -18.62 23.93 -18.22
N ASP F 32 -18.83 24.76 -19.24
CA ASP F 32 -18.17 24.57 -20.51
C ASP F 32 -17.31 25.82 -20.75
N ARG F 33 -16.47 26.09 -19.77
CA ARG F 33 -15.66 27.29 -19.69
C ARG F 33 -14.17 26.90 -19.56
N PRO F 34 -13.28 27.52 -20.37
CA PRO F 34 -11.83 27.35 -20.17
C PRO F 34 -11.38 27.84 -18.80
N VAL F 35 -10.38 27.19 -18.21
CA VAL F 35 -9.77 27.72 -17.01
C VAL F 35 -9.10 29.04 -17.39
N ALA F 36 -9.35 30.08 -16.60
CA ALA F 36 -8.77 31.37 -16.89
C ALA F 36 -7.51 31.56 -16.08
N VAL F 37 -6.37 31.49 -16.75
CA VAL F 37 -5.08 31.66 -16.08
C VAL F 37 -4.54 33.05 -16.29
N SER F 38 -4.36 33.80 -15.21
CA SER F 38 -3.70 35.09 -15.33
C SER F 38 -2.21 34.96 -15.03
N VAL F 39 -1.39 35.39 -16.00
CA VAL F 39 0.08 35.41 -15.90
C VAL F 39 0.63 36.84 -15.86
N SER F 40 1.60 37.07 -14.98
CA SER F 40 2.31 38.35 -14.96
C SER F 40 3.76 38.19 -14.54
N LEU F 41 4.69 38.47 -15.45
CA LEU F 41 6.10 38.42 -15.10
C LEU F 41 6.49 39.68 -14.34
N LYS F 42 7.31 39.48 -13.32
CA LYS F 42 7.89 40.59 -12.57
C LYS F 42 9.39 40.46 -12.71
N PHE F 43 9.94 41.29 -13.56
CA PHE F 43 11.36 41.21 -13.83
C PHE F 43 12.18 41.71 -12.66
N ILE F 44 13.14 40.89 -12.28
CA ILE F 44 13.96 41.11 -11.11
C ILE F 44 15.36 41.46 -11.55
N ASN F 45 15.82 40.78 -12.60
CA ASN F 45 17.18 40.96 -13.08
C ASN F 45 17.37 40.45 -14.49
N ILE F 46 18.32 41.09 -15.17
CA ILE F 46 18.77 40.68 -16.50
C ILE F 46 20.26 40.41 -16.38
N LEU F 47 20.62 39.14 -16.35
CA LEU F 47 21.98 38.76 -15.98
C LEU F 47 22.96 38.89 -17.12
N GLU F 48 22.59 38.38 -18.30
CA GLU F 48 23.50 38.36 -19.42
C GLU F 48 22.76 38.57 -20.71
N VAL F 49 23.39 39.35 -21.57
CA VAL F 49 22.85 39.79 -22.84
C VAL F 49 23.88 39.50 -23.92
N ASN F 50 23.43 38.96 -25.04
CA ASN F 50 24.34 38.75 -26.17
C ASN F 50 23.79 39.29 -27.49
N GLU F 51 24.34 40.40 -27.92
CA GLU F 51 23.87 41.07 -29.14
C GLU F 51 24.24 40.27 -30.39
N ILE F 52 25.30 39.46 -30.31
CA ILE F 52 25.69 38.63 -31.44
C ILE F 52 24.81 37.41 -31.61
N THR F 53 24.41 36.76 -30.51
CA THR F 53 23.56 35.56 -30.61
C THR F 53 22.07 35.87 -30.45
N ASN F 54 21.74 37.05 -29.96
CA ASN F 54 20.35 37.39 -29.68
C ASN F 54 19.80 36.43 -28.63
N GLU F 55 20.48 36.42 -27.50
CA GLU F 55 20.07 35.63 -26.34
C GLU F 55 20.18 36.47 -25.09
N VAL F 56 19.15 36.37 -24.25
CA VAL F 56 19.14 37.00 -22.95
C VAL F 56 18.98 35.95 -21.86
N ASP F 57 19.16 36.39 -20.62
CA ASP F 57 19.23 35.52 -19.47
C ASP F 57 18.65 36.29 -18.32
N VAL F 58 17.44 35.93 -17.95
CA VAL F 58 16.62 36.79 -17.09
C VAL F 58 16.11 36.04 -15.86
N VAL F 59 15.81 36.83 -14.82
CA VAL F 59 15.26 36.33 -13.58
C VAL F 59 13.99 37.09 -13.31
N PHE F 60 12.89 36.37 -13.18
CA PHE F 60 11.59 36.99 -12.97
C PHE F 60 10.67 36.17 -12.09
N TRP F 61 9.78 36.88 -11.41
CA TRP F 61 8.71 36.26 -10.68
C TRP F 61 7.53 36.06 -11.60
N GLN F 62 7.10 34.82 -11.75
CA GLN F 62 5.95 34.54 -12.61
C GLN F 62 4.69 34.46 -11.79
N GLN F 63 3.99 35.58 -11.68
CA GLN F 63 2.73 35.62 -10.95
C GLN F 63 1.71 34.86 -11.76
N THR F 64 1.27 33.71 -11.23
CA THR F 64 0.25 32.89 -11.87
C THR F 64 -0.95 32.69 -10.96
N THR F 65 -2.11 33.19 -11.37
CA THR F 65 -3.33 32.91 -10.62
C THR F 65 -4.42 32.31 -11.47
N TRP F 66 -5.20 31.47 -10.80
CA TRP F 66 -6.35 30.82 -11.40
C TRP F 66 -7.22 30.32 -10.25
N SER F 67 -8.39 29.77 -10.59
CA SER F 67 -9.30 29.28 -9.56
C SER F 67 -9.70 27.83 -9.74
N ASP F 68 -9.89 27.16 -8.61
CA ASP F 68 -10.54 25.85 -8.57
C ASP F 68 -11.58 25.91 -7.48
N ARG F 69 -12.82 26.17 -7.89
CA ARG F 69 -13.91 26.36 -6.95
C ARG F 69 -14.11 25.12 -6.06
N THR F 70 -13.74 23.93 -6.55
CA THR F 70 -13.94 22.71 -5.76
C THR F 70 -13.02 22.64 -4.54
N LEU F 71 -12.02 23.50 -4.48
CA LEU F 71 -11.11 23.56 -3.34
C LEU F 71 -11.64 24.48 -2.24
N ALA F 72 -12.59 25.34 -2.61
CA ALA F 72 -13.12 26.35 -1.69
C ALA F 72 -13.60 25.78 -0.36
N TRP F 73 -13.66 26.64 0.66
CA TRP F 73 -14.18 26.22 1.95
C TRP F 73 -14.65 27.42 2.77
N ASN F 74 -15.43 27.14 3.81
CA ASN F 74 -15.97 28.17 4.67
C ASN F 74 -14.92 28.54 5.71
N SER F 75 -14.36 29.74 5.58
CA SER F 75 -13.32 30.21 6.49
C SER F 75 -13.85 31.24 7.47
N SER F 76 -15.13 31.12 7.80
CA SER F 76 -15.73 32.04 8.77
C SER F 76 -14.99 31.95 10.10
N HIS F 77 -14.61 30.74 10.50
CA HIS F 77 -13.84 30.55 11.73
C HIS F 77 -12.63 29.63 11.51
N SER F 78 -12.01 29.75 10.33
CA SER F 78 -10.79 29.01 10.02
C SER F 78 -9.95 29.81 9.03
N PRO F 79 -8.69 29.41 8.82
CA PRO F 79 -7.74 30.02 7.87
C PRO F 79 -8.30 30.34 6.49
N ASP F 80 -8.01 31.56 6.01
CA ASP F 80 -8.44 32.01 4.69
C ASP F 80 -7.56 31.45 3.60
N GLN F 81 -6.36 31.02 4.01
CA GLN F 81 -5.34 30.67 3.07
C GLN F 81 -4.35 29.70 3.68
N VAL F 82 -3.80 28.86 2.82
CA VAL F 82 -2.70 27.99 3.22
C VAL F 82 -1.74 27.82 2.08
N SER F 83 -0.53 27.40 2.43
CA SER F 83 0.46 27.05 1.43
C SER F 83 0.40 25.55 1.14
N VAL F 84 0.59 25.19 -0.11
CA VAL F 84 0.41 23.83 -0.57
C VAL F 84 1.48 23.48 -1.59
N PRO F 85 2.17 22.34 -1.40
CA PRO F 85 3.07 21.82 -2.43
C PRO F 85 2.35 21.68 -3.76
N ILE F 86 2.94 22.20 -4.84
CA ILE F 86 2.27 22.18 -6.12
C ILE F 86 2.13 20.77 -6.68
N SER F 87 2.96 19.86 -6.19
CA SER F 87 2.77 18.44 -6.50
C SER F 87 1.36 17.94 -6.07
N SER F 88 0.74 18.63 -5.13
CA SER F 88 -0.62 18.29 -4.69
C SER F 88 -1.70 19.08 -5.44
N LEU F 89 -1.28 19.95 -6.34
CA LEU F 89 -2.22 20.79 -7.08
C LEU F 89 -2.04 20.65 -8.56
N TRP F 90 -3.12 20.94 -9.28
CA TRP F 90 -3.02 21.17 -10.69
C TRP F 90 -2.33 22.50 -10.87
N VAL F 91 -1.45 22.58 -11.86
CA VAL F 91 -0.83 23.83 -12.28
C VAL F 91 -0.88 23.88 -13.78
N PRO F 92 -1.14 25.06 -14.34
CA PRO F 92 -1.13 25.17 -15.81
C PRO F 92 0.22 24.76 -16.38
N ASP F 93 0.21 24.11 -17.53
CA ASP F 93 1.43 23.72 -18.21
C ASP F 93 1.99 24.86 -19.07
N LEU F 94 2.21 26.02 -18.47
CA LEU F 94 2.75 27.17 -19.20
C LEU F 94 4.15 26.87 -19.71
N ALA F 95 4.44 27.33 -20.93
CA ALA F 95 5.76 27.23 -21.53
C ALA F 95 6.10 28.51 -22.31
N ALA F 96 7.36 28.93 -22.24
CA ALA F 96 7.84 30.07 -23.01
C ALA F 96 8.31 29.58 -24.36
N TYR F 97 7.66 30.05 -25.42
CA TYR F 97 7.90 29.49 -26.74
C TYR F 97 9.32 29.80 -27.28
N ASN F 98 9.93 30.91 -26.88
CA ASN F 98 11.29 31.24 -27.31
C ASN F 98 12.34 31.00 -26.23
N ALA F 99 12.00 30.17 -25.24
CA ALA F 99 12.97 29.75 -24.24
C ALA F 99 14.03 28.87 -24.89
N ILE F 100 15.27 28.97 -24.42
CA ILE F 100 16.32 28.13 -24.95
C ILE F 100 17.08 27.43 -23.81
N SER F 101 16.65 27.64 -22.58
CA SER F 101 17.08 26.77 -21.47
C SER F 101 15.86 26.26 -20.71
N LYS F 102 16.05 25.29 -19.81
CA LYS F 102 14.99 24.90 -18.86
C LYS F 102 14.66 26.08 -17.96
N PRO F 103 13.40 26.19 -17.52
CA PRO F 103 13.16 27.19 -16.47
C PRO F 103 13.74 26.71 -15.15
N GLU F 104 14.61 27.51 -14.54
CA GLU F 104 15.25 27.14 -13.29
C GLU F 104 14.46 27.83 -12.19
N VAL F 105 13.72 27.05 -11.40
CA VAL F 105 12.94 27.56 -10.30
C VAL F 105 13.86 27.72 -9.10
N LEU F 106 13.80 28.88 -8.47
CA LEU F 106 14.79 29.27 -7.46
C LEU F 106 14.18 29.27 -6.07
N THR F 107 12.86 29.21 -6.03
CA THR F 107 12.12 29.34 -4.78
C THR F 107 11.39 28.04 -4.38
N PRO F 108 10.94 27.97 -3.12
CA PRO F 108 10.20 26.79 -2.65
C PRO F 108 8.92 26.61 -3.46
N GLN F 109 8.75 25.43 -4.03
CA GLN F 109 7.62 25.17 -4.93
C GLN F 109 6.32 24.93 -4.16
N LEU F 110 5.85 26.01 -3.52
CA LEU F 110 4.58 26.05 -2.80
C LEU F 110 3.66 27.04 -3.47
N ALA F 111 2.38 26.70 -3.61
CA ALA F 111 1.36 27.68 -3.97
C ALA F 111 0.52 28.07 -2.76
N ARG F 112 -0.26 29.13 -2.91
CA ARG F 112 -1.24 29.53 -1.90
C ARG F 112 -2.62 29.15 -2.38
N VAL F 113 -3.40 28.57 -1.48
CA VAL F 113 -4.81 28.27 -1.77
C VAL F 113 -5.64 29.10 -0.83
N VAL F 114 -6.54 29.87 -1.44
CA VAL F 114 -7.41 30.81 -0.74
C VAL F 114 -8.80 30.17 -0.57
N SER F 115 -9.44 30.37 0.58
CA SER F 115 -10.71 29.69 0.88
C SER F 115 -11.81 29.84 -0.19
N ASP F 116 -11.65 30.78 -1.10
CA ASP F 116 -12.62 30.95 -2.19
C ASP F 116 -12.21 30.17 -3.43
N GLY F 117 -11.17 29.37 -3.33
CA GLY F 117 -10.75 28.53 -4.43
C GLY F 117 -9.69 29.14 -5.33
N GLU F 118 -9.24 30.35 -4.99
CA GLU F 118 -8.21 31.01 -5.80
C GLU F 118 -6.86 30.41 -5.47
N VAL F 119 -6.11 30.10 -6.53
CA VAL F 119 -4.76 29.57 -6.44
C VAL F 119 -3.76 30.56 -7.04
N LEU F 120 -2.76 30.88 -6.23
CA LEU F 120 -1.65 31.74 -6.64
C LEU F 120 -0.31 31.01 -6.54
N TYR F 121 0.31 30.77 -7.68
CA TYR F 121 1.65 30.22 -7.73
C TYR F 121 2.56 31.28 -8.35
N MET F 122 3.55 31.74 -7.57
CA MET F 122 4.51 32.73 -8.03
C MET F 122 5.97 32.31 -7.75
N PRO F 123 6.53 31.48 -8.64
CA PRO F 123 7.93 31.10 -8.59
C PRO F 123 8.87 32.18 -9.14
N SER F 124 10.04 32.30 -8.51
CA SER F 124 11.18 32.99 -9.10
C SER F 124 11.87 32.08 -10.09
N ILE F 125 12.00 32.57 -11.32
CA ILE F 125 12.58 31.78 -12.40
C ILE F 125 13.72 32.50 -13.12
N ARG F 126 14.83 31.79 -13.29
CA ARG F 126 15.89 32.24 -14.15
C ARG F 126 15.86 31.39 -15.40
N GLN F 127 15.75 32.05 -16.56
CA GLN F 127 15.64 31.32 -17.82
C GLN F 127 16.33 32.11 -18.92
N ARG F 128 16.78 31.39 -19.95
CA ARG F 128 17.47 32.03 -21.07
C ARG F 128 16.58 32.00 -22.29
N PHE F 129 16.59 33.10 -23.03
CA PHE F 129 15.65 33.30 -24.12
C PHE F 129 16.30 33.77 -25.42
N SER F 130 15.73 33.31 -26.51
CA SER F 130 16.10 33.75 -27.85
C SER F 130 15.17 34.88 -28.29
N CYS F 131 15.73 36.06 -28.55
CA CYS F 131 14.93 37.22 -28.93
C CYS F 131 15.78 38.43 -29.43
N ASP F 132 15.09 39.50 -29.85
CA ASP F 132 15.74 40.67 -30.44
C ASP F 132 16.38 41.58 -29.40
N VAL F 133 17.69 41.49 -29.29
CA VAL F 133 18.39 42.27 -28.27
C VAL F 133 19.17 43.44 -28.90
N SER F 134 18.98 43.66 -30.20
CA SER F 134 19.57 44.80 -30.88
C SER F 134 19.08 46.11 -30.28
N GLY F 135 20.01 47.04 -30.09
CA GLY F 135 19.67 48.36 -29.60
C GLY F 135 19.80 48.50 -28.11
N VAL F 136 20.43 47.54 -27.45
CA VAL F 136 20.46 47.53 -25.99
C VAL F 136 21.41 48.60 -25.43
N ASP F 137 22.36 49.08 -26.26
CA ASP F 137 23.32 50.08 -25.81
C ASP F 137 22.87 51.49 -26.22
N THR F 138 21.62 51.62 -26.66
CA THR F 138 21.03 52.90 -27.07
C THR F 138 20.21 53.55 -25.94
N GLU F 139 19.63 54.71 -26.22
CA GLU F 139 18.72 55.34 -25.26
C GLU F 139 17.34 54.77 -25.45
N SER F 140 17.09 54.26 -26.66
CA SER F 140 15.83 53.63 -27.02
C SER F 140 15.72 52.24 -26.40
N GLY F 141 16.87 51.71 -25.98
CA GLY F 141 16.97 50.36 -25.46
C GLY F 141 16.59 49.32 -26.50
N ALA F 142 16.62 48.06 -26.10
CA ALA F 142 16.07 46.99 -26.93
C ALA F 142 14.83 46.42 -26.29
N THR F 143 14.08 45.69 -27.11
CA THR F 143 12.78 45.14 -26.73
C THR F 143 12.78 43.64 -26.94
N CYS F 144 12.85 42.89 -25.84
CA CYS F 144 12.82 41.44 -25.94
C CYS F 144 11.40 40.95 -25.64
N ARG F 145 10.82 40.29 -26.63
CA ARG F 145 9.46 39.78 -26.53
C ARG F 145 9.47 38.28 -26.18
N ILE F 146 8.81 37.94 -25.07
CA ILE F 146 8.67 36.55 -24.59
C ILE F 146 7.20 36.07 -24.65
N LYS F 147 6.97 35.00 -25.41
CA LYS F 147 5.64 34.42 -25.57
C LYS F 147 5.45 33.24 -24.60
N ILE F 148 4.56 33.42 -23.65
CA ILE F 148 4.20 32.37 -22.69
C ILE F 148 2.78 31.85 -22.93
N GLY F 149 2.64 30.54 -23.05
CA GLY F 149 1.32 29.94 -23.23
C GLY F 149 1.28 28.49 -22.79
N SER F 150 0.07 27.94 -22.65
CA SER F 150 -0.08 26.53 -22.32
C SER F 150 0.53 25.70 -23.42
N TRP F 151 1.21 24.62 -23.05
CA TRP F 151 1.93 23.84 -24.03
C TRP F 151 1.07 22.77 -24.71
N THR F 152 0.01 22.32 -24.03
CA THR F 152 -0.87 21.23 -24.55
C THR F 152 -2.39 21.49 -24.51
N HIS F 153 -2.82 22.55 -23.84
CA HIS F 153 -4.23 22.88 -23.75
C HIS F 153 -4.57 24.07 -24.64
N HIS F 154 -5.42 23.83 -25.64
CA HIS F 154 -5.83 24.90 -26.55
C HIS F 154 -6.86 25.82 -25.87
N SER F 155 -7.29 26.85 -26.59
CA SER F 155 -8.07 27.95 -26.02
C SER F 155 -9.41 27.53 -25.42
N ARG F 156 -9.95 26.40 -25.89
CA ARG F 156 -11.19 25.87 -25.34
C ARG F 156 -10.94 25.26 -23.95
N GLU F 157 -9.70 24.94 -23.62
CA GLU F 157 -9.34 24.39 -22.30
C GLU F 157 -8.64 25.39 -21.36
N ILE F 158 -7.70 26.19 -21.88
CA ILE F 158 -7.03 27.21 -21.07
C ILE F 158 -6.97 28.56 -21.76
N SER F 159 -7.35 29.55 -20.98
CA SER F 159 -7.35 30.94 -21.39
C SER F 159 -6.28 31.66 -20.58
N VAL F 160 -5.34 32.29 -21.28
CA VAL F 160 -4.24 33.01 -20.64
C VAL F 160 -4.39 34.52 -20.86
N ASP F 161 -4.47 35.26 -19.76
CA ASP F 161 -4.78 36.71 -19.74
C ASP F 161 -3.78 37.45 -18.84
N PRO F 162 -3.21 38.57 -19.32
CA PRO F 162 -2.32 39.28 -18.39
C PRO F 162 -3.08 40.13 -17.36
N SER F 170 9.76 47.77 -11.98
CA SER F 170 10.16 48.98 -11.26
C SER F 170 10.31 48.71 -9.76
N GLU F 171 9.19 48.38 -9.12
CA GLU F 171 9.18 48.08 -7.69
C GLU F 171 9.98 46.80 -7.43
N TYR F 172 10.17 46.01 -8.49
CA TYR F 172 10.87 44.73 -8.37
C TYR F 172 12.26 44.66 -8.97
N PHE F 173 12.59 45.56 -9.89
CA PHE F 173 13.87 45.42 -10.57
C PHE F 173 15.04 45.70 -9.63
N SER F 174 16.13 44.94 -9.80
CA SER F 174 17.31 45.09 -8.97
C SER F 174 17.92 46.48 -9.14
N GLN F 175 18.16 47.17 -8.03
CA GLN F 175 18.84 48.46 -8.07
C GLN F 175 20.26 48.31 -8.62
N TYR F 176 20.81 47.09 -8.56
CA TYR F 176 22.20 46.81 -8.90
C TYR F 176 22.43 46.12 -10.25
N SER F 177 21.39 45.95 -11.06
CA SER F 177 21.57 45.28 -12.34
C SER F 177 22.49 46.14 -13.24
N ARG F 178 23.05 45.56 -14.31
CA ARG F 178 23.80 46.37 -15.25
C ARG F 178 22.84 46.94 -16.31
N PHE F 179 21.54 46.73 -16.10
CA PHE F 179 20.53 47.29 -16.97
C PHE F 179 19.41 47.96 -16.21
N GLU F 180 18.58 48.65 -16.98
CA GLU F 180 17.43 49.35 -16.47
C GLU F 180 16.25 48.99 -17.38
N ILE F 181 15.04 49.05 -16.83
CA ILE F 181 13.87 48.71 -17.61
C ILE F 181 13.20 50.00 -18.01
N LEU F 182 12.99 50.16 -19.31
CA LEU F 182 12.28 51.32 -19.81
C LEU F 182 10.80 51.03 -19.72
N ASP F 183 10.39 49.85 -20.18
CA ASP F 183 8.97 49.53 -20.18
C ASP F 183 8.66 48.04 -20.34
N VAL F 184 7.67 47.55 -19.62
CA VAL F 184 7.20 46.18 -19.81
C VAL F 184 5.73 46.19 -20.16
N THR F 185 5.38 45.68 -21.34
CA THR F 185 3.97 45.53 -21.66
C THR F 185 3.69 44.08 -21.93
N GLN F 186 2.47 43.66 -21.59
CA GLN F 186 2.10 42.26 -21.66
C GLN F 186 0.73 42.16 -22.32
N LYS F 187 0.71 41.55 -23.51
CA LYS F 187 -0.44 41.58 -24.40
C LYS F 187 -0.94 40.20 -24.74
N LYS F 188 -2.26 40.01 -24.72
CA LYS F 188 -2.84 38.73 -25.06
C LYS F 188 -2.68 38.53 -26.56
N ASN F 189 -2.37 37.29 -26.95
CA ASN F 189 -2.16 36.91 -28.33
C ASN F 189 -2.61 35.47 -28.46
N SER F 190 -2.84 35.01 -29.68
CA SER F 190 -3.32 33.65 -29.88
C SER F 190 -2.72 33.14 -31.16
N VAL F 191 -2.39 31.84 -31.20
CA VAL F 191 -1.75 31.26 -32.37
C VAL F 191 -2.30 29.89 -32.75
N THR F 192 -2.44 29.67 -34.04
CA THR F 192 -2.70 28.36 -34.60
C THR F 192 -1.43 27.75 -35.18
N ALA F 199 -6.20 26.37 -31.82
CA ALA F 199 -5.35 27.51 -31.48
C ALA F 199 -5.14 27.64 -29.98
N TYR F 200 -3.96 28.14 -29.62
CA TYR F 200 -3.53 28.29 -28.24
C TYR F 200 -3.33 29.76 -27.93
N GLU F 201 -3.82 30.17 -26.78
CA GLU F 201 -3.60 31.53 -26.29
C GLU F 201 -2.20 31.61 -25.74
N ASP F 202 -1.57 32.77 -25.94
CA ASP F 202 -0.33 33.09 -25.25
C ASP F 202 -0.36 34.54 -24.80
N VAL F 203 0.41 34.85 -23.77
CA VAL F 203 0.73 36.23 -23.45
C VAL F 203 2.08 36.54 -24.07
N GLU F 204 2.15 37.69 -24.77
CA GLU F 204 3.38 38.21 -25.34
C GLU F 204 3.86 39.31 -24.40
N VAL F 205 4.99 39.06 -23.75
CA VAL F 205 5.57 40.01 -22.82
C VAL F 205 6.72 40.75 -23.47
N SER F 206 6.48 42.03 -23.73
CA SER F 206 7.50 42.91 -24.29
C SER F 206 8.26 43.64 -23.20
N LEU F 207 9.55 43.33 -23.17
CA LEU F 207 10.47 43.90 -22.21
C LEU F 207 11.46 44.86 -22.88
N ASN F 208 11.27 46.16 -22.63
CA ASN F 208 12.11 47.21 -23.19
C ASN F 208 13.09 47.68 -22.13
N PHE F 209 14.36 47.35 -22.36
CA PHE F 209 15.44 47.61 -21.41
C PHE F 209 16.68 48.07 -22.17
N ARG F 210 17.60 48.69 -21.43
CA ARG F 210 18.88 49.10 -21.98
C ARG F 210 20.00 48.95 -20.97
N LYS F 211 21.24 49.07 -21.46
CA LYS F 211 22.39 49.11 -20.57
C LYS F 211 22.44 50.45 -19.88
N LYS F 212 22.81 50.45 -18.60
CA LYS F 212 23.02 51.67 -17.83
C LYS F 212 24.31 52.37 -18.23
N GLY F 213 24.22 53.66 -18.55
CA GLY F 213 25.36 54.41 -19.02
C GLY F 213 25.69 54.03 -20.46
N ASP G 6 -14.89 20.53 -21.60
CA ASP G 6 -14.68 21.12 -20.28
C ASP G 6 -15.50 20.43 -19.19
N ASP G 7 -16.09 19.29 -19.53
CA ASP G 7 -16.69 18.46 -18.51
C ASP G 7 -15.54 17.84 -17.72
N LYS G 8 -15.27 18.38 -16.54
CA LYS G 8 -14.08 17.97 -15.77
C LYS G 8 -14.15 16.52 -15.35
N LEU G 9 -15.33 16.12 -14.88
CA LEU G 9 -15.48 14.79 -14.34
C LEU G 9 -15.29 13.75 -15.46
N ASP G 10 -15.74 14.10 -16.66
CA ASP G 10 -15.42 13.28 -17.82
C ASP G 10 -13.89 13.25 -18.04
N ARG G 11 -13.19 14.34 -17.73
CA ARG G 11 -11.74 14.37 -17.96
C ARG G 11 -11.10 13.42 -16.95
N ALA G 12 -11.44 13.57 -15.67
CA ALA G 12 -10.91 12.66 -14.66
C ALA G 12 -11.19 11.20 -14.99
N ASP G 13 -12.39 10.91 -15.50
CA ASP G 13 -12.72 9.52 -15.85
C ASP G 13 -11.96 9.02 -17.07
N ILE G 14 -11.82 9.85 -18.08
CA ILE G 14 -10.98 9.50 -19.23
C ILE G 14 -9.55 9.16 -18.74
N LEU G 15 -9.03 10.03 -17.89
CA LEU G 15 -7.70 9.86 -17.34
C LEU G 15 -7.56 8.54 -16.57
N TYR G 16 -8.53 8.27 -15.69
CA TYR G 16 -8.61 7.00 -15.00
C TYR G 16 -8.64 5.82 -15.96
N ASN G 17 -9.43 5.91 -17.02
CA ASN G 17 -9.49 4.82 -17.98
C ASN G 17 -8.14 4.58 -18.66
N ILE G 18 -7.51 5.65 -19.12
CA ILE G 18 -6.17 5.58 -19.71
C ILE G 18 -5.19 4.89 -18.76
N ARG G 19 -5.18 5.29 -17.49
CA ARG G 19 -4.26 4.67 -16.55
C ARG G 19 -4.65 3.24 -16.15
N GLN G 20 -5.87 2.84 -16.40
CA GLN G 20 -6.22 1.47 -16.15
C GLN G 20 -5.76 0.61 -17.31
N THR G 21 -6.03 1.05 -18.51
CA THR G 21 -5.67 0.38 -19.74
C THR G 21 -4.21 0.34 -20.16
N SER G 22 -3.52 1.43 -19.94
CA SER G 22 -2.14 1.58 -20.36
C SER G 22 -1.07 0.75 -19.68
N ARG G 23 -0.21 0.21 -20.51
CA ARG G 23 0.91 -0.54 -20.06
C ARG G 23 2.10 0.29 -20.51
N PRO G 24 2.62 1.12 -19.55
CA PRO G 24 3.72 1.99 -19.98
C PRO G 24 5.00 1.36 -20.48
N ASP G 25 5.27 0.13 -20.12
CA ASP G 25 6.46 -0.53 -20.56
C ASP G 25 6.24 -1.56 -21.61
N VAL G 26 5.05 -1.67 -22.18
CA VAL G 26 4.79 -2.65 -23.20
C VAL G 26 4.45 -1.99 -24.53
N ILE G 27 5.11 -2.38 -25.60
CA ILE G 27 4.79 -1.79 -26.86
C ILE G 27 3.41 -2.19 -27.27
N PRO G 28 2.67 -1.16 -27.82
CA PRO G 28 1.34 -1.53 -28.22
C PRO G 28 1.21 -1.97 -29.65
N THR G 29 1.32 -3.25 -29.85
CA THR G 29 1.24 -3.83 -31.14
C THR G 29 -0.15 -4.34 -31.44
N GLN G 30 -0.69 -3.85 -32.55
CA GLN G 30 -2.04 -4.22 -32.96
C GLN G 30 -1.86 -5.27 -33.99
N ARG G 31 -2.46 -6.42 -33.74
CA ARG G 31 -2.32 -7.55 -34.62
C ARG G 31 -0.89 -7.93 -34.42
N ASP G 32 -0.25 -8.45 -35.46
CA ASP G 32 1.14 -8.81 -35.36
C ASP G 32 2.02 -7.69 -35.89
N ARG G 33 1.42 -6.60 -36.33
CA ARG G 33 2.17 -5.51 -36.91
C ARG G 33 2.97 -4.60 -35.98
N PRO G 34 4.06 -4.00 -36.58
CA PRO G 34 4.82 -3.07 -35.75
C PRO G 34 4.14 -1.77 -35.45
N VAL G 35 4.46 -1.18 -34.32
CA VAL G 35 3.90 0.09 -33.96
C VAL G 35 4.52 1.10 -34.84
N ALA G 36 3.71 1.93 -35.46
CA ALA G 36 4.17 2.91 -36.38
C ALA G 36 4.38 4.20 -35.70
N VAL G 37 5.60 4.68 -35.73
CA VAL G 37 5.91 5.92 -35.08
C VAL G 37 6.27 7.01 -36.06
N SER G 38 5.52 8.08 -36.00
CA SER G 38 5.73 9.21 -36.88
C SER G 38 6.50 10.27 -36.14
N VAL G 39 7.61 10.71 -36.73
CA VAL G 39 8.46 11.68 -36.08
C VAL G 39 8.90 12.79 -37.03
N SER G 40 8.73 14.03 -36.59
CA SER G 40 9.13 15.19 -37.37
C SER G 40 9.72 16.29 -36.50
N LEU G 41 10.90 16.78 -36.89
CA LEU G 41 11.54 17.85 -36.13
C LEU G 41 11.17 19.21 -36.71
N LYS G 42 10.79 20.11 -35.82
CA LYS G 42 10.51 21.49 -36.14
C LYS G 42 11.58 22.34 -35.49
N PHE G 43 12.57 22.76 -36.27
CA PHE G 43 13.70 23.48 -35.70
C PHE G 43 13.30 24.88 -35.34
N ILE G 44 13.61 25.25 -34.11
CA ILE G 44 13.27 26.57 -33.59
C ILE G 44 14.54 27.41 -33.50
N ASN G 45 15.69 26.76 -33.39
CA ASN G 45 16.91 27.52 -33.15
C ASN G 45 18.21 26.74 -33.25
N ILE G 46 19.19 27.36 -33.90
CA ILE G 46 20.56 26.85 -33.86
C ILE G 46 21.36 27.83 -33.03
N LEU G 47 21.82 27.37 -31.87
CA LEU G 47 22.31 28.26 -30.80
C LEU G 47 23.81 28.42 -30.80
N GLU G 48 24.50 27.42 -31.34
CA GLU G 48 25.94 27.40 -31.27
C GLU G 48 26.44 26.36 -32.24
N VAL G 49 27.45 26.76 -33.01
CA VAL G 49 28.02 25.94 -34.05
C VAL G 49 29.53 26.01 -33.90
N ASN G 50 30.15 24.84 -33.85
CA ASN G 50 31.61 24.76 -33.75
C ASN G 50 32.14 23.97 -34.91
N GLU G 51 32.76 24.72 -35.83
CA GLU G 51 33.30 24.22 -37.08
C GLU G 51 34.62 23.54 -36.80
N ILE G 52 35.32 24.00 -35.76
CA ILE G 52 36.55 23.35 -35.33
C ILE G 52 36.25 21.92 -34.87
N THR G 53 35.29 21.77 -33.96
CA THR G 53 34.97 20.47 -33.35
C THR G 53 33.74 19.81 -34.00
N ASN G 54 33.15 20.47 -34.99
CA ASN G 54 32.07 19.85 -35.76
C ASN G 54 30.89 19.48 -34.85
N GLU G 55 30.44 20.46 -34.08
CA GLU G 55 29.36 20.24 -33.16
C GLU G 55 28.30 21.28 -33.40
N VAL G 56 27.03 20.88 -33.19
CA VAL G 56 25.94 21.85 -33.28
C VAL G 56 24.99 21.72 -32.09
N ASP G 57 24.60 22.87 -31.53
CA ASP G 57 23.75 22.94 -30.37
C ASP G 57 22.41 23.51 -30.83
N VAL G 58 21.32 22.74 -30.66
CA VAL G 58 20.05 23.07 -31.30
C VAL G 58 18.78 22.83 -30.44
N VAL G 59 17.76 23.65 -30.70
CA VAL G 59 16.47 23.60 -30.07
C VAL G 59 15.41 23.25 -31.10
N PHE G 60 14.76 22.10 -30.91
CA PHE G 60 13.70 21.70 -31.85
C PHE G 60 12.48 21.13 -31.14
N TRP G 61 11.35 21.19 -31.85
CA TRP G 61 10.14 20.53 -31.40
C TRP G 61 10.11 19.19 -32.05
N GLN G 62 10.12 18.15 -31.22
CA GLN G 62 10.11 16.80 -31.75
C GLN G 62 8.68 16.28 -31.79
N GLN G 63 8.08 16.33 -32.97
CA GLN G 63 6.69 15.94 -33.12
C GLN G 63 6.59 14.44 -33.28
N THR G 64 5.99 13.80 -32.28
CA THR G 64 5.98 12.35 -32.19
C THR G 64 4.54 11.81 -32.06
N THR G 65 4.09 11.02 -33.02
CA THR G 65 2.74 10.51 -32.96
C THR G 65 2.71 9.03 -33.22
N TRP G 66 1.79 8.37 -32.56
CA TRP G 66 1.55 6.97 -32.79
C TRP G 66 0.15 6.69 -32.28
N SER G 67 -0.28 5.45 -32.39
CA SER G 67 -1.61 5.09 -31.90
C SER G 67 -1.55 3.85 -30.99
N ASP G 68 -2.21 3.96 -29.83
CA ASP G 68 -2.57 2.80 -29.02
C ASP G 68 -4.08 2.71 -29.01
N ARG G 69 -4.64 1.82 -29.82
CA ARG G 69 -6.07 1.84 -30.03
C ARG G 69 -6.79 1.36 -28.77
N THR G 70 -6.08 0.62 -27.90
CA THR G 70 -6.71 0.14 -26.69
C THR G 70 -7.04 1.29 -25.73
N LEU G 71 -6.54 2.49 -26.05
CA LEU G 71 -6.86 3.66 -25.25
C LEU G 71 -8.09 4.42 -25.75
N ALA G 72 -8.63 3.98 -26.89
CA ALA G 72 -9.70 4.74 -27.53
C ALA G 72 -10.97 4.67 -26.67
N TRP G 73 -11.76 5.75 -26.70
CA TRP G 73 -13.09 5.76 -26.08
C TRP G 73 -14.08 6.46 -26.99
N ASN G 74 -15.36 6.14 -26.84
CA ASN G 74 -16.44 6.83 -27.54
C ASN G 74 -16.56 8.24 -26.95
N SER G 75 -16.45 9.26 -27.80
CA SER G 75 -16.47 10.65 -27.34
C SER G 75 -17.68 11.46 -27.87
N SER G 76 -18.75 10.75 -28.23
CA SER G 76 -19.97 11.40 -28.73
C SER G 76 -20.53 12.43 -27.76
N HIS G 77 -20.30 12.25 -26.46
CA HIS G 77 -20.78 13.21 -25.47
C HIS G 77 -19.78 13.43 -24.34
N SER G 78 -18.50 13.36 -24.70
CA SER G 78 -17.40 13.60 -23.76
C SER G 78 -16.17 14.12 -24.53
N PRO G 79 -15.19 14.69 -23.82
CA PRO G 79 -13.95 15.21 -24.42
C PRO G 79 -13.31 14.31 -25.49
N ASP G 80 -12.91 14.91 -26.61
CA ASP G 80 -12.21 14.20 -27.68
C ASP G 80 -10.75 13.94 -27.30
N GLN G 81 -10.23 14.76 -26.40
CA GLN G 81 -8.82 14.71 -26.05
C GLN G 81 -8.53 15.04 -24.62
N VAL G 82 -7.46 14.44 -24.10
CA VAL G 82 -6.94 14.91 -22.83
C VAL G 82 -5.41 14.96 -22.83
N SER G 83 -4.88 15.72 -21.90
CA SER G 83 -3.45 15.74 -21.67
C SER G 83 -3.12 14.75 -20.57
N VAL G 84 -2.09 13.97 -20.81
CA VAL G 84 -1.70 12.89 -19.93
C VAL G 84 -0.23 13.04 -19.65
N PRO G 85 0.19 12.90 -18.38
CA PRO G 85 1.63 12.84 -18.08
C PRO G 85 2.27 11.63 -18.74
N ILE G 86 3.41 11.80 -19.42
CA ILE G 86 3.97 10.72 -20.22
C ILE G 86 4.37 9.53 -19.36
N SER G 87 4.61 9.76 -18.08
CA SER G 87 4.87 8.66 -17.16
C SER G 87 3.69 7.69 -17.02
N SER G 88 2.53 8.06 -17.55
CA SER G 88 1.35 7.19 -17.55
C SER G 88 1.20 6.41 -18.84
N LEU G 89 2.01 6.77 -19.85
CA LEU G 89 1.87 6.19 -21.17
C LEU G 89 3.09 5.43 -21.57
N TRP G 90 2.90 4.54 -22.53
CA TRP G 90 3.99 4.03 -23.32
C TRP G 90 4.44 5.14 -24.26
N VAL G 91 5.75 5.35 -24.32
CA VAL G 91 6.36 6.31 -25.26
C VAL G 91 7.45 5.55 -26.02
N PRO G 92 7.58 5.80 -27.35
CA PRO G 92 8.69 5.13 -28.05
C PRO G 92 10.07 5.52 -27.47
N ASP G 93 10.99 4.56 -27.45
CA ASP G 93 12.33 4.76 -26.92
C ASP G 93 13.28 5.34 -28.02
N LEU G 94 13.00 6.55 -28.47
CA LEU G 94 13.80 7.14 -29.54
C LEU G 94 15.11 7.70 -29.02
N ALA G 95 16.16 7.48 -29.78
CA ALA G 95 17.42 8.17 -29.55
C ALA G 95 17.97 8.71 -30.87
N ALA G 96 18.76 9.77 -30.75
CA ALA G 96 19.51 10.32 -31.84
C ALA G 96 20.88 9.70 -31.80
N TYR G 97 21.23 8.91 -32.82
CA TYR G 97 22.48 8.15 -32.81
C TYR G 97 23.75 9.03 -32.83
N ASN G 98 23.62 10.30 -33.22
CA ASN G 98 24.78 11.19 -33.23
C ASN G 98 24.64 12.35 -32.25
N ALA G 99 23.79 12.16 -31.24
CA ALA G 99 23.70 13.13 -30.16
C ALA G 99 24.91 12.97 -29.25
N ILE G 100 25.40 14.07 -28.69
CA ILE G 100 26.55 14.01 -27.79
C ILE G 100 26.27 14.71 -26.46
N SER G 101 24.98 15.02 -26.23
CA SER G 101 24.50 15.35 -24.90
C SER G 101 23.14 14.69 -24.69
N LYS G 102 22.63 14.71 -23.46
CA LYS G 102 21.34 14.09 -23.19
C LYS G 102 20.30 15.08 -23.71
N PRO G 103 19.15 14.58 -24.21
CA PRO G 103 18.14 15.52 -24.69
C PRO G 103 17.50 16.25 -23.55
N GLU G 104 17.52 17.57 -23.63
CA GLU G 104 17.00 18.39 -22.56
C GLU G 104 15.61 18.88 -22.93
N VAL G 105 14.59 18.39 -22.22
CA VAL G 105 13.21 18.78 -22.48
C VAL G 105 12.88 20.08 -21.75
N LEU G 106 12.41 21.07 -22.50
CA LEU G 106 12.22 22.42 -21.94
C LEU G 106 10.77 22.71 -21.61
N THR G 107 9.90 21.76 -21.91
CA THR G 107 8.46 21.97 -21.82
C THR G 107 7.82 20.98 -20.85
N PRO G 108 6.57 21.24 -20.41
CA PRO G 108 5.90 20.28 -19.51
C PRO G 108 5.72 18.93 -20.20
N GLN G 109 6.10 17.85 -19.53
CA GLN G 109 6.10 16.54 -20.16
C GLN G 109 4.71 15.88 -20.21
N LEU G 110 3.79 16.55 -20.89
CA LEU G 110 2.46 16.03 -21.14
C LEU G 110 2.31 15.61 -22.60
N ALA G 111 1.68 14.45 -22.84
CA ALA G 111 1.26 14.09 -24.19
C ALA G 111 -0.23 14.37 -24.31
N ARG G 112 -0.72 14.43 -25.56
CA ARG G 112 -2.16 14.47 -25.80
C ARG G 112 -2.61 13.10 -26.21
N VAL G 113 -3.74 12.65 -25.65
CA VAL G 113 -4.36 11.43 -26.10
C VAL G 113 -5.74 11.74 -26.66
N VAL G 114 -5.95 11.24 -27.87
CA VAL G 114 -7.14 11.47 -28.64
C VAL G 114 -8.07 10.26 -28.53
N SER G 115 -9.37 10.50 -28.50
CA SER G 115 -10.37 9.46 -28.26
C SER G 115 -10.29 8.28 -29.23
N ASP G 116 -9.69 8.47 -30.41
CA ASP G 116 -9.48 7.35 -31.32
C ASP G 116 -8.25 6.55 -30.96
N GLY G 117 -7.57 6.95 -29.90
CA GLY G 117 -6.39 6.25 -29.45
C GLY G 117 -5.08 6.79 -30.03
N GLU G 118 -5.14 7.93 -30.71
CA GLU G 118 -3.92 8.54 -31.19
C GLU G 118 -3.25 9.29 -30.05
N VAL G 119 -1.94 9.11 -29.95
CA VAL G 119 -1.13 9.82 -28.98
C VAL G 119 -0.17 10.75 -29.71
N LEU G 120 -0.16 11.99 -29.25
CA LEU G 120 0.76 13.02 -29.70
C LEU G 120 1.63 13.54 -28.55
N TYR G 121 2.93 13.41 -28.72
CA TYR G 121 3.91 13.99 -27.80
C TYR G 121 4.85 14.90 -28.60
N MET G 122 4.96 16.16 -28.15
CA MET G 122 5.75 17.15 -28.85
C MET G 122 6.56 18.00 -27.86
N PRO G 123 7.60 17.38 -27.29
CA PRO G 123 8.54 18.11 -26.44
C PRO G 123 9.44 19.07 -27.26
N SER G 124 9.70 20.23 -26.69
CA SER G 124 10.76 21.10 -27.15
C SER G 124 12.05 20.62 -26.49
N ILE G 125 13.06 20.37 -27.32
CA ILE G 125 14.29 19.75 -26.90
C ILE G 125 15.51 20.59 -27.28
N ARG G 126 16.34 20.87 -26.27
CA ARG G 126 17.69 21.38 -26.50
C ARG G 126 18.74 20.28 -26.41
N GLN G 127 19.45 20.05 -27.53
CA GLN G 127 20.38 18.94 -27.62
C GLN G 127 21.55 19.27 -28.56
N ARG G 128 22.67 18.56 -28.38
CA ARG G 128 23.87 18.80 -29.17
C ARG G 128 24.27 17.61 -30.01
N PHE G 129 24.73 17.88 -31.24
CA PHE G 129 25.03 16.82 -32.19
C PHE G 129 26.41 16.92 -32.82
N SER G 130 26.91 15.74 -33.17
CA SER G 130 28.11 15.59 -33.99
C SER G 130 27.68 15.39 -35.45
N CYS G 131 27.95 16.39 -36.27
CA CYS G 131 27.60 16.36 -37.69
C CYS G 131 28.53 17.23 -38.53
N ASP G 132 28.29 17.23 -39.84
CA ASP G 132 29.07 18.00 -40.79
C ASP G 132 28.69 19.47 -40.72
N VAL G 133 29.63 20.31 -40.28
CA VAL G 133 29.39 21.73 -40.19
C VAL G 133 30.14 22.48 -41.30
N SER G 134 30.89 21.74 -42.11
CA SER G 134 31.67 22.34 -43.18
C SER G 134 30.70 23.02 -44.13
N GLY G 135 31.01 24.26 -44.48
CA GLY G 135 30.20 25.00 -45.43
C GLY G 135 29.26 25.99 -44.76
N VAL G 136 29.17 25.97 -43.43
CA VAL G 136 28.19 26.80 -42.71
C VAL G 136 28.33 28.28 -43.07
N ASP G 137 29.56 28.70 -43.41
CA ASP G 137 29.81 30.09 -43.79
C ASP G 137 29.63 30.35 -45.28
N THR G 138 29.36 29.30 -46.05
CA THR G 138 29.18 29.42 -47.49
C THR G 138 27.72 29.71 -47.86
N GLU G 139 27.49 30.03 -49.14
CA GLU G 139 26.16 30.38 -49.63
C GLU G 139 25.27 29.15 -49.62
N SER G 140 25.88 28.01 -49.94
CA SER G 140 25.15 26.76 -50.01
C SER G 140 25.00 26.17 -48.61
N GLY G 141 25.77 26.70 -47.66
CA GLY G 141 25.60 26.40 -46.25
C GLY G 141 26.10 25.03 -45.83
N ALA G 142 25.88 24.70 -44.55
CA ALA G 142 26.23 23.40 -44.00
C ALA G 142 25.00 22.49 -43.96
N THR G 143 25.26 21.20 -44.10
CA THR G 143 24.24 20.17 -43.99
C THR G 143 24.52 19.25 -42.80
N CYS G 144 23.77 19.46 -41.71
CA CYS G 144 23.90 18.62 -40.52
C CYS G 144 22.84 17.52 -40.54
N ARG G 145 23.31 16.28 -40.59
CA ARG G 145 22.45 15.12 -40.72
C ARG G 145 22.29 14.46 -39.34
N ILE G 146 21.03 14.27 -38.95
CA ILE G 146 20.59 13.79 -37.63
C ILE G 146 19.77 12.52 -37.79
N LYS G 147 20.20 11.38 -37.24
CA LYS G 147 19.37 10.18 -37.34
C LYS G 147 18.69 9.81 -36.02
N ILE G 148 17.37 9.61 -36.12
CA ILE G 148 16.53 9.35 -34.95
C ILE G 148 15.83 8.03 -35.11
N GLY G 149 15.93 7.18 -34.09
CA GLY G 149 15.30 5.87 -34.16
C GLY G 149 15.11 5.22 -32.81
N SER G 150 14.45 4.07 -32.80
CA SER G 150 14.28 3.31 -31.58
C SER G 150 15.58 2.66 -31.14
N TRP G 151 15.92 2.87 -29.88
CA TRP G 151 17.14 2.32 -29.34
C TRP G 151 17.08 0.81 -29.14
N THR G 152 15.95 0.26 -28.67
CA THR G 152 15.94 -1.16 -28.33
C THR G 152 15.01 -2.02 -29.16
N HIS G 153 14.11 -1.38 -29.90
CA HIS G 153 13.11 -2.08 -30.68
C HIS G 153 13.46 -2.12 -32.18
N HIS G 154 13.66 -3.33 -32.71
CA HIS G 154 13.95 -3.49 -34.13
C HIS G 154 12.68 -3.29 -34.97
N SER G 155 12.80 -3.47 -36.29
CA SER G 155 11.79 -3.05 -37.26
C SER G 155 10.48 -3.82 -37.17
N ARG G 156 10.56 -5.09 -36.76
CA ARG G 156 9.37 -5.91 -36.58
C ARG G 156 8.55 -5.49 -35.36
N GLU G 157 9.14 -4.66 -34.49
CA GLU G 157 8.45 -4.12 -33.31
C GLU G 157 8.03 -2.66 -33.46
N ILE G 158 8.94 -1.81 -33.93
CA ILE G 158 8.65 -0.39 -34.21
C ILE G 158 9.09 0.00 -35.61
N SER G 159 8.28 0.80 -36.28
CA SER G 159 8.64 1.33 -37.57
C SER G 159 8.62 2.83 -37.43
N VAL G 160 9.65 3.45 -37.96
CA VAL G 160 9.83 4.88 -37.84
C VAL G 160 9.62 5.52 -39.21
N ASP G 161 8.72 6.50 -39.25
CA ASP G 161 8.37 7.19 -40.48
C ASP G 161 8.36 8.70 -40.21
N PRO G 162 8.69 9.50 -41.22
CA PRO G 162 8.58 10.96 -41.06
C PRO G 162 7.23 11.49 -41.52
N SER G 170 10.65 24.60 -40.88
CA SER G 170 11.48 25.79 -40.74
C SER G 170 10.63 27.05 -40.57
N GLU G 171 9.31 26.91 -40.61
CA GLU G 171 8.41 28.04 -40.44
C GLU G 171 8.18 28.32 -38.95
N TYR G 172 8.95 27.61 -38.11
CA TYR G 172 8.99 27.85 -36.67
C TYR G 172 10.28 28.51 -36.27
N PHE G 173 11.22 28.57 -37.21
CA PHE G 173 12.58 28.96 -36.89
C PHE G 173 12.65 30.41 -36.43
N SER G 174 13.43 30.62 -35.38
CA SER G 174 13.65 31.96 -34.84
C SER G 174 14.29 32.84 -35.88
N GLN G 175 13.77 34.05 -36.02
CA GLN G 175 14.33 35.00 -36.96
C GLN G 175 15.58 35.63 -36.36
N TYR G 176 15.67 35.57 -35.03
CA TYR G 176 16.74 36.23 -34.30
C TYR G 176 17.99 35.36 -34.16
N SER G 177 17.99 34.22 -34.83
CA SER G 177 19.15 33.35 -34.83
C SER G 177 20.28 33.87 -35.75
N ARG G 178 21.53 33.76 -35.30
CA ARG G 178 22.70 33.96 -36.16
C ARG G 178 22.53 33.26 -37.50
N PHE G 179 21.79 32.15 -37.50
CA PHE G 179 21.68 31.30 -38.67
C PHE G 179 20.32 31.41 -39.32
N GLU G 180 20.21 30.78 -40.47
CA GLU G 180 18.98 30.77 -41.23
C GLU G 180 18.93 29.41 -41.88
N ILE G 181 17.72 28.87 -42.03
CA ILE G 181 17.58 27.54 -42.61
C ILE G 181 17.26 27.63 -44.08
N LEU G 182 18.00 26.84 -44.86
CA LEU G 182 17.83 26.77 -46.31
C LEU G 182 16.93 25.64 -46.63
N ASP G 183 17.27 24.47 -46.09
CA ASP G 183 16.43 23.32 -46.31
C ASP G 183 16.43 22.39 -45.10
N VAL G 184 15.31 21.67 -44.98
CA VAL G 184 15.09 20.69 -43.94
C VAL G 184 14.42 19.51 -44.59
N THR G 185 15.09 18.36 -44.57
CA THR G 185 14.49 17.18 -45.18
C THR G 185 14.56 15.94 -44.27
N GLN G 186 13.52 15.12 -44.32
CA GLN G 186 13.39 13.99 -43.42
C GLN G 186 13.08 12.74 -44.19
N LYS G 187 14.04 11.82 -44.23
CA LYS G 187 13.89 10.66 -45.08
C LYS G 187 14.03 9.36 -44.29
N LYS G 188 13.24 8.36 -44.69
CA LYS G 188 13.29 7.08 -44.02
C LYS G 188 14.61 6.44 -44.28
N ASN G 189 15.08 5.70 -43.29
CA ASN G 189 16.33 4.98 -43.40
C ASN G 189 16.22 3.70 -42.59
N SER G 190 17.10 2.76 -42.88
CA SER G 190 17.22 1.58 -42.06
C SER G 190 18.69 1.38 -41.75
N VAL G 191 18.96 0.74 -40.61
CA VAL G 191 20.34 0.51 -40.18
C VAL G 191 20.40 -0.83 -39.44
N THR G 192 21.47 -1.59 -39.67
CA THR G 192 21.57 -2.95 -39.13
C THR G 192 22.91 -3.20 -38.42
N TYR G 193 22.94 -2.92 -37.12
CA TYR G 193 24.20 -2.88 -36.40
C TYR G 193 24.73 -4.26 -36.02
N SER G 194 26.01 -4.29 -35.68
CA SER G 194 26.78 -5.55 -35.60
C SER G 194 26.44 -6.47 -34.43
N CYS G 195 25.93 -5.92 -33.33
CA CYS G 195 25.49 -6.72 -32.19
C CYS G 195 24.39 -7.71 -32.53
N CYS G 196 23.44 -7.25 -33.33
CA CYS G 196 22.10 -7.83 -33.36
C CYS G 196 21.71 -8.30 -34.79
N PRO G 197 21.04 -9.47 -34.92
CA PRO G 197 20.63 -9.91 -36.27
C PRO G 197 19.64 -8.98 -36.91
N GLU G 198 18.83 -8.37 -36.05
CA GLU G 198 17.72 -7.53 -36.49
C GLU G 198 18.19 -6.19 -37.03
N ALA G 199 17.33 -5.56 -37.83
CA ALA G 199 17.58 -4.21 -38.34
C ALA G 199 16.65 -3.22 -37.69
N TYR G 200 17.15 -2.01 -37.48
CA TYR G 200 16.41 -0.95 -36.84
C TYR G 200 16.11 0.13 -37.85
N GLU G 201 14.85 0.56 -37.88
CA GLU G 201 14.44 1.65 -38.75
C GLU G 201 14.83 2.95 -38.10
N ASP G 202 15.14 3.94 -38.93
CA ASP G 202 15.40 5.27 -38.42
C ASP G 202 15.04 6.34 -39.41
N VAL G 203 15.11 7.58 -38.94
CA VAL G 203 14.88 8.74 -39.77
C VAL G 203 16.11 9.58 -39.88
N GLU G 204 16.42 9.97 -41.11
CA GLU G 204 17.50 10.89 -41.43
C GLU G 204 16.90 12.27 -41.59
N VAL G 205 17.18 13.16 -40.65
CA VAL G 205 16.82 14.55 -40.78
C VAL G 205 18.06 15.27 -41.29
N SER G 206 17.91 16.05 -42.35
CA SER G 206 19.03 16.75 -42.95
C SER G 206 18.71 18.20 -42.84
N LEU G 207 19.53 18.86 -42.04
CA LEU G 207 19.37 20.27 -41.75
C LEU G 207 20.42 21.09 -42.51
N ASN G 208 19.96 21.73 -43.58
CA ASN G 208 20.78 22.63 -44.40
C ASN G 208 20.55 24.07 -43.97
N PHE G 209 21.59 24.64 -43.35
CA PHE G 209 21.53 25.99 -42.78
C PHE G 209 22.85 26.71 -43.06
N ARG G 210 22.89 28.02 -42.80
CA ARG G 210 24.11 28.81 -42.97
C ARG G 210 24.10 30.03 -42.07
N LYS G 211 25.26 30.61 -41.84
CA LYS G 211 25.37 31.82 -41.05
C LYS G 211 24.81 32.97 -41.89
N LYS G 212 24.22 33.96 -41.23
CA LYS G 212 23.70 35.13 -41.92
C LYS G 212 24.83 36.07 -42.34
N GLY G 213 24.68 36.68 -43.52
CA GLY G 213 25.67 37.61 -44.02
C GLY G 213 27.08 37.03 -44.04
N ASP H 5 6.21 -12.23 -31.92
CA ASP H 5 6.89 -11.09 -31.29
C ASP H 5 5.94 -9.95 -30.99
N ASP H 6 5.00 -9.69 -31.90
CA ASP H 6 4.11 -8.53 -31.79
C ASP H 6 2.80 -8.86 -31.06
N ASP H 7 2.72 -10.03 -30.45
CA ASP H 7 1.57 -10.35 -29.61
C ASP H 7 1.75 -9.61 -28.30
N LYS H 8 0.93 -8.57 -28.07
CA LYS H 8 1.17 -7.61 -26.98
C LYS H 8 0.89 -8.18 -25.58
N LEU H 9 -0.19 -8.95 -25.47
CA LEU H 9 -0.51 -9.63 -24.22
C LEU H 9 0.62 -10.58 -23.84
N ASP H 10 1.14 -11.30 -24.83
CA ASP H 10 2.32 -12.15 -24.61
C ASP H 10 3.48 -11.38 -24.00
N ARG H 11 3.65 -10.15 -24.46
CA ARG H 11 4.79 -9.33 -24.02
C ARG H 11 4.53 -8.87 -22.59
N ALA H 12 3.33 -8.36 -22.33
CA ALA H 12 3.00 -7.92 -20.97
C ALA H 12 3.11 -9.10 -19.96
N ASP H 13 2.76 -10.30 -20.40
CA ASP H 13 2.96 -11.47 -19.54
C ASP H 13 4.45 -11.80 -19.36
N ILE H 14 5.24 -11.75 -20.43
CA ILE H 14 6.68 -12.02 -20.27
C ILE H 14 7.26 -11.04 -19.27
N LEU H 15 6.86 -9.78 -19.41
CA LEU H 15 7.28 -8.72 -18.52
C LEU H 15 6.84 -8.97 -17.09
N TYR H 16 5.59 -9.42 -16.93
CA TYR H 16 5.08 -9.83 -15.62
C TYR H 16 5.93 -10.93 -14.99
N ASN H 17 6.30 -11.94 -15.77
CA ASN H 17 7.17 -13.01 -15.28
C ASN H 17 8.59 -12.52 -14.95
N ILE H 18 9.18 -11.73 -15.82
CA ILE H 18 10.50 -11.18 -15.56
C ILE H 18 10.44 -10.43 -14.24
N ARG H 19 9.39 -9.62 -14.04
CA ARG H 19 9.31 -8.87 -12.79
C ARG H 19 8.99 -9.76 -11.58
N GLN H 20 8.31 -10.88 -11.79
CA GLN H 20 8.15 -11.83 -10.70
C GLN H 20 9.45 -12.53 -10.28
N THR H 21 10.25 -12.99 -11.24
CA THR H 21 11.45 -13.76 -10.87
C THR H 21 12.72 -12.90 -10.72
N SER H 22 12.77 -11.77 -11.40
CA SER H 22 13.90 -10.88 -11.29
C SER H 22 14.04 -10.32 -9.87
N ARG H 23 15.25 -10.40 -9.34
CA ARG H 23 15.62 -9.65 -8.13
C ARG H 23 16.69 -8.61 -8.51
N PRO H 24 16.31 -7.34 -8.62
CA PRO H 24 17.27 -6.37 -9.16
C PRO H 24 18.49 -6.10 -8.28
N ASP H 25 18.47 -6.48 -7.01
CA ASP H 25 19.56 -6.19 -6.10
C ASP H 25 20.44 -7.39 -5.77
N VAL H 26 20.11 -8.56 -6.35
CA VAL H 26 20.87 -9.78 -6.09
C VAL H 26 21.60 -10.26 -7.34
N ILE H 27 22.88 -10.58 -7.23
CA ILE H 27 23.62 -11.04 -8.41
C ILE H 27 23.10 -12.40 -8.88
N PRO H 28 22.88 -12.57 -10.20
CA PRO H 28 22.30 -13.81 -10.75
C PRO H 28 23.31 -14.95 -10.88
N THR H 29 23.91 -15.33 -9.76
CA THR H 29 24.85 -16.46 -9.77
C THR H 29 24.09 -17.78 -9.88
N GLN H 30 24.43 -18.52 -10.93
CA GLN H 30 23.94 -19.87 -11.15
C GLN H 30 25.06 -20.87 -10.87
N ARG H 31 24.75 -21.93 -10.12
CA ARG H 31 25.66 -23.06 -9.95
C ARG H 31 26.98 -22.70 -9.28
N ASP H 32 26.89 -21.89 -8.23
CA ASP H 32 28.05 -21.53 -7.43
C ASP H 32 29.18 -20.90 -8.25
N ARG H 33 28.82 -20.28 -9.38
CA ARG H 33 29.79 -19.64 -10.27
C ARG H 33 29.59 -18.13 -10.33
N PRO H 34 30.68 -17.38 -10.58
CA PRO H 34 30.51 -15.93 -10.73
C PRO H 34 29.63 -15.58 -11.90
N VAL H 35 28.97 -14.43 -11.88
CA VAL H 35 28.26 -13.96 -13.07
C VAL H 35 29.30 -13.53 -14.10
N ALA H 36 29.26 -14.12 -15.29
CA ALA H 36 30.18 -13.72 -16.33
C ALA H 36 29.59 -12.57 -17.13
N VAL H 37 30.11 -11.39 -16.89
CA VAL H 37 29.72 -10.19 -17.63
C VAL H 37 30.66 -9.92 -18.79
N SER H 38 30.08 -9.70 -19.97
CA SER H 38 30.83 -9.26 -21.13
C SER H 38 30.62 -7.78 -21.35
N VAL H 39 31.71 -7.07 -21.63
CA VAL H 39 31.73 -5.64 -21.88
C VAL H 39 32.53 -5.28 -23.13
N SER H 40 31.89 -4.66 -24.12
CA SER H 40 32.56 -4.18 -25.32
C SER H 40 32.23 -2.70 -25.54
N LEU H 41 33.27 -1.89 -25.69
CA LEU H 41 33.10 -0.48 -25.99
C LEU H 41 33.12 -0.25 -27.48
N LYS H 42 31.98 0.18 -28.00
CA LYS H 42 31.89 0.64 -29.37
C LYS H 42 32.03 2.16 -29.38
N PHE H 43 33.24 2.65 -29.68
CA PHE H 43 33.50 4.08 -29.67
C PHE H 43 32.78 4.78 -30.80
N ILE H 44 32.21 5.93 -30.47
CA ILE H 44 31.33 6.66 -31.38
C ILE H 44 31.93 8.02 -31.65
N ASN H 45 32.67 8.54 -30.68
CA ASN H 45 33.26 9.85 -30.84
C ASN H 45 34.28 10.21 -29.80
N ILE H 46 35.24 11.01 -30.23
CA ILE H 46 36.22 11.66 -29.38
C ILE H 46 36.01 13.15 -29.60
N LEU H 47 35.66 13.86 -28.53
CA LEU H 47 35.11 15.20 -28.67
C LEU H 47 36.15 16.24 -28.26
N GLU H 48 36.77 16.01 -27.12
CA GLU H 48 37.82 16.88 -26.64
C GLU H 48 38.98 16.03 -26.21
N VAL H 49 40.16 16.57 -26.46
CA VAL H 49 41.40 15.96 -26.06
C VAL H 49 42.19 17.09 -25.46
N ASN H 50 42.90 16.81 -24.38
CA ASN H 50 43.84 17.78 -23.88
C ASN H 50 45.20 17.15 -23.55
N GLU H 51 46.20 17.45 -24.40
CA GLU H 51 47.51 16.80 -24.31
C GLU H 51 48.26 17.32 -23.09
N ILE H 52 47.94 18.54 -22.68
CA ILE H 52 48.52 19.10 -21.46
C ILE H 52 48.01 18.38 -20.21
N THR H 53 46.70 18.16 -20.12
CA THR H 53 46.11 17.66 -18.88
C THR H 53 45.90 16.15 -18.89
N ASN H 54 46.03 15.51 -20.05
CA ASN H 54 45.75 14.08 -20.21
C ASN H 54 44.30 13.78 -19.86
N GLU H 55 43.41 14.50 -20.52
CA GLU H 55 41.98 14.29 -20.38
C GLU H 55 41.36 14.11 -21.75
N VAL H 56 40.41 13.20 -21.81
CA VAL H 56 39.63 12.99 -23.04
C VAL H 56 38.13 12.88 -22.78
N ASP H 57 37.35 13.55 -23.63
CA ASP H 57 35.90 13.44 -23.59
C ASP H 57 35.46 12.50 -24.69
N VAL H 58 34.85 11.36 -24.33
CA VAL H 58 34.42 10.42 -25.35
C VAL H 58 32.98 9.98 -25.22
N VAL H 59 32.48 9.48 -26.35
CA VAL H 59 31.16 8.90 -26.45
C VAL H 59 31.27 7.48 -26.96
N PHE H 60 30.79 6.54 -26.17
CA PHE H 60 30.81 5.12 -26.57
C PHE H 60 29.51 4.38 -26.23
N TRP H 61 29.21 3.37 -27.03
CA TRP H 61 28.16 2.43 -26.71
C TRP H 61 28.77 1.31 -25.90
N GLN H 62 28.22 1.13 -24.70
CA GLN H 62 28.80 0.18 -23.76
C GLN H 62 28.01 -1.11 -23.81
N GLN H 63 28.38 -1.98 -24.74
CA GLN H 63 27.67 -3.22 -24.96
C GLN H 63 27.95 -4.15 -23.80
N THR H 64 26.92 -4.37 -22.99
CA THR H 64 27.03 -5.25 -21.84
C THR H 64 26.11 -6.45 -21.98
N THR H 65 26.66 -7.65 -21.71
CA THR H 65 25.81 -8.83 -21.69
C THR H 65 26.12 -9.79 -20.55
N TRP H 66 25.07 -10.51 -20.18
CA TRP H 66 25.20 -11.52 -19.15
C TRP H 66 23.96 -12.38 -19.20
N SER H 67 23.88 -13.44 -18.40
CA SER H 67 22.71 -14.28 -18.46
C SER H 67 22.10 -14.53 -17.07
N ASP H 68 20.77 -14.59 -17.06
CA ASP H 68 20.01 -15.02 -15.89
C ASP H 68 18.96 -16.04 -16.33
N ARG H 69 19.27 -17.33 -16.17
CA ARG H 69 18.41 -18.38 -16.69
C ARG H 69 17.05 -18.43 -16.00
N THR H 70 16.97 -17.88 -14.79
CA THR H 70 15.71 -17.78 -14.08
C THR H 70 14.71 -16.89 -14.84
N LEU H 71 15.24 -16.06 -15.74
CA LEU H 71 14.40 -15.19 -16.57
C LEU H 71 13.97 -15.90 -17.85
N ALA H 72 14.58 -17.03 -18.14
CA ALA H 72 14.32 -17.73 -19.40
C ALA H 72 12.86 -18.12 -19.53
N TRP H 73 12.38 -18.25 -20.76
CA TRP H 73 11.06 -18.81 -21.02
C TRP H 73 11.00 -19.55 -22.35
N ASN H 74 9.98 -20.39 -22.50
CA ASN H 74 9.75 -21.12 -23.73
C ASN H 74 9.09 -20.21 -24.75
N SER H 75 9.75 -19.97 -25.88
CA SER H 75 9.29 -18.98 -26.85
C SER H 75 8.75 -19.57 -28.16
N SER H 76 8.39 -20.85 -28.13
CA SER H 76 7.87 -21.53 -29.32
C SER H 76 6.67 -20.84 -29.97
N HIS H 77 5.89 -20.11 -29.18
CA HIS H 77 4.69 -19.43 -29.69
C HIS H 77 4.49 -18.10 -28.99
N SER H 78 5.60 -17.57 -28.49
CA SER H 78 5.63 -16.28 -27.84
C SER H 78 6.87 -15.53 -28.31
N PRO H 79 6.95 -14.23 -28.02
CA PRO H 79 8.12 -13.44 -28.45
C PRO H 79 9.44 -14.04 -28.00
N ASP H 80 10.48 -13.79 -28.79
CA ASP H 80 11.82 -14.25 -28.48
C ASP H 80 12.50 -13.29 -27.52
N GLN H 81 12.12 -12.01 -27.61
CA GLN H 81 12.81 -10.94 -26.88
C GLN H 81 11.88 -9.84 -26.45
N VAL H 82 12.24 -9.16 -25.37
CA VAL H 82 11.48 -7.97 -24.99
C VAL H 82 12.42 -6.90 -24.47
N SER H 83 11.94 -5.66 -24.49
CA SER H 83 12.66 -4.58 -23.86
C SER H 83 12.11 -4.37 -22.44
N VAL H 84 13.02 -4.13 -21.50
CA VAL H 84 12.67 -4.06 -20.08
C VAL H 84 13.44 -2.89 -19.48
N PRO H 85 12.79 -2.09 -18.63
CA PRO H 85 13.62 -1.07 -17.96
C PRO H 85 14.59 -1.69 -17.00
N ILE H 86 15.79 -1.11 -16.90
CA ILE H 86 16.87 -1.70 -16.12
C ILE H 86 16.55 -1.67 -14.61
N SER H 87 15.65 -0.79 -14.21
CA SER H 87 15.19 -0.75 -12.82
C SER H 87 14.46 -2.04 -12.42
N SER H 88 13.94 -2.77 -13.41
CA SER H 88 13.26 -4.03 -13.17
C SER H 88 14.27 -5.15 -13.22
N LEU H 89 15.56 -4.81 -13.35
CA LEU H 89 16.56 -5.86 -13.59
C LEU H 89 17.76 -5.76 -12.67
N TRP H 90 18.46 -6.87 -12.44
CA TRP H 90 19.82 -6.73 -11.96
C TRP H 90 20.71 -6.32 -13.14
N VAL H 91 21.60 -5.40 -12.85
CA VAL H 91 22.50 -4.87 -13.84
C VAL H 91 23.86 -4.87 -13.14
N PRO H 92 24.94 -5.25 -13.85
CA PRO H 92 26.26 -5.21 -13.21
C PRO H 92 26.61 -3.79 -12.78
N ASP H 93 27.28 -3.66 -11.63
CA ASP H 93 27.73 -2.36 -11.13
C ASP H 93 29.08 -1.92 -11.70
N LEU H 94 29.17 -1.88 -13.03
CA LEU H 94 30.40 -1.52 -13.72
C LEU H 94 30.77 -0.06 -13.48
N ALA H 95 32.07 0.19 -13.32
CA ALA H 95 32.59 1.55 -13.26
C ALA H 95 33.93 1.63 -13.98
N ALA H 96 34.19 2.80 -14.51
CA ALA H 96 35.45 3.12 -15.14
C ALA H 96 36.34 3.77 -14.09
N TYR H 97 37.46 3.14 -13.75
CA TYR H 97 38.31 3.62 -12.65
C TYR H 97 39.08 4.92 -12.92
N ASN H 98 39.29 5.26 -14.19
CA ASN H 98 40.04 6.48 -14.53
C ASN H 98 39.12 7.57 -15.08
N ALA H 99 37.81 7.38 -14.91
CA ALA H 99 36.82 8.40 -15.24
C ALA H 99 36.92 9.58 -14.27
N ILE H 100 36.60 10.78 -14.75
CA ILE H 100 36.71 11.97 -13.93
C ILE H 100 35.46 12.84 -14.03
N SER H 101 34.46 12.29 -14.70
CA SER H 101 33.12 12.87 -14.71
C SER H 101 32.11 11.75 -14.61
N LYS H 102 30.88 12.13 -14.27
CA LYS H 102 29.76 11.18 -14.24
C LYS H 102 29.51 10.56 -15.60
N PRO H 103 29.27 9.25 -15.64
CA PRO H 103 28.87 8.71 -16.93
C PRO H 103 27.50 9.29 -17.36
N GLU H 104 27.48 10.02 -18.46
CA GLU H 104 26.28 10.69 -18.92
C GLU H 104 25.58 9.72 -19.85
N VAL H 105 24.48 9.12 -19.39
CA VAL H 105 23.77 8.15 -20.21
C VAL H 105 22.90 8.94 -21.17
N LEU H 106 23.03 8.63 -22.45
CA LEU H 106 22.44 9.46 -23.51
C LEU H 106 21.17 8.81 -24.06
N THR H 107 20.99 7.53 -23.75
CA THR H 107 19.95 6.74 -24.36
C THR H 107 18.89 6.33 -23.35
N PRO H 108 17.75 5.82 -23.83
CA PRO H 108 16.71 5.25 -22.98
C PRO H 108 17.21 4.06 -22.17
N GLN H 109 16.96 4.10 -20.87
CA GLN H 109 17.46 3.11 -19.93
C GLN H 109 16.67 1.79 -19.96
N LEU H 110 16.78 1.12 -21.10
CA LEU H 110 16.10 -0.15 -21.36
C LEU H 110 17.11 -1.19 -21.80
N ALA H 111 16.83 -2.44 -21.46
CA ALA H 111 17.69 -3.55 -21.81
C ALA H 111 16.85 -4.56 -22.57
N ARG H 112 17.50 -5.45 -23.30
CA ARG H 112 16.80 -6.49 -24.02
C ARG H 112 17.00 -7.79 -23.26
N VAL H 113 15.90 -8.53 -23.13
CA VAL H 113 15.90 -9.83 -22.48
C VAL H 113 15.37 -10.87 -23.47
N VAL H 114 16.17 -11.92 -23.62
CA VAL H 114 15.95 -12.97 -24.61
C VAL H 114 15.42 -14.19 -23.89
N SER H 115 14.67 -15.02 -24.61
CA SER H 115 13.90 -16.08 -23.96
C SER H 115 14.79 -17.15 -23.36
N ASP H 116 16.07 -17.15 -23.76
CA ASP H 116 17.05 -18.08 -23.18
C ASP H 116 17.70 -17.51 -21.91
N GLY H 117 17.40 -16.26 -21.59
CA GLY H 117 17.78 -15.70 -20.30
C GLY H 117 18.97 -14.78 -20.42
N GLU H 118 19.44 -14.60 -21.64
CA GLU H 118 20.49 -13.65 -21.90
C GLU H 118 19.96 -12.22 -21.82
N VAL H 119 20.70 -11.36 -21.14
CA VAL H 119 20.41 -9.94 -21.06
C VAL H 119 21.51 -9.14 -21.77
N LEU H 120 21.07 -8.21 -22.61
CA LEU H 120 21.90 -7.22 -23.29
C LEU H 120 21.47 -5.82 -22.87
N TYR H 121 22.41 -5.03 -22.36
CA TYR H 121 22.15 -3.64 -22.06
C TYR H 121 23.29 -2.81 -22.68
N MET H 122 22.93 -1.83 -23.51
CA MET H 122 23.92 -1.14 -24.33
C MET H 122 23.60 0.35 -24.43
N PRO H 123 23.86 1.08 -23.36
CA PRO H 123 23.69 2.53 -23.32
C PRO H 123 24.82 3.26 -24.04
N SER H 124 24.46 4.43 -24.56
CA SER H 124 25.45 5.33 -25.13
C SER H 124 25.87 6.25 -24.01
N ILE H 125 27.17 6.41 -23.86
CA ILE H 125 27.69 7.14 -22.73
C ILE H 125 28.67 8.18 -23.20
N ARG H 126 28.53 9.35 -22.62
CA ARG H 126 29.52 10.37 -22.71
C ARG H 126 30.21 10.45 -21.37
N GLN H 127 31.54 10.29 -21.37
CA GLN H 127 32.32 10.39 -20.14
C GLN H 127 33.71 10.94 -20.44
N ARG H 128 34.25 11.66 -19.46
CA ARG H 128 35.63 12.13 -19.52
C ARG H 128 36.53 11.22 -18.73
N PHE H 129 37.69 10.95 -19.31
CA PHE H 129 38.67 10.09 -18.69
C PHE H 129 40.02 10.75 -18.57
N SER H 130 40.80 10.21 -17.64
CA SER H 130 42.16 10.63 -17.36
C SER H 130 43.08 9.51 -17.85
N CYS H 131 43.66 9.72 -19.02
CA CYS H 131 44.44 8.68 -19.71
C CYS H 131 45.58 9.30 -20.51
N ASP H 132 46.40 8.44 -21.12
CA ASP H 132 47.62 8.89 -21.83
C ASP H 132 47.31 9.34 -23.24
N VAL H 133 47.33 10.65 -23.48
CA VAL H 133 47.11 11.17 -24.82
C VAL H 133 48.40 11.81 -25.36
N SER H 134 49.53 11.21 -25.04
CA SER H 134 50.79 11.63 -25.63
C SER H 134 50.89 10.94 -26.99
N GLY H 135 51.24 11.71 -28.01
CA GLY H 135 51.43 11.17 -29.34
C GLY H 135 50.24 11.34 -30.26
N VAL H 136 49.28 12.13 -29.83
CA VAL H 136 48.02 12.22 -30.56
C VAL H 136 48.16 12.96 -31.89
N ASP H 137 49.15 13.84 -31.99
CA ASP H 137 49.36 14.60 -33.23
C ASP H 137 50.34 13.91 -34.18
N THR H 138 50.84 12.73 -33.78
CA THR H 138 51.67 11.93 -34.65
C THR H 138 50.86 10.89 -35.40
N GLU H 139 51.56 9.98 -36.08
CA GLU H 139 50.92 8.95 -36.87
C GLU H 139 50.90 7.64 -36.08
N SER H 140 51.67 7.61 -35.00
CA SER H 140 51.68 6.49 -34.08
C SER H 140 50.41 6.59 -33.23
N GLY H 141 50.04 7.84 -32.96
CA GLY H 141 48.82 8.16 -32.24
C GLY H 141 49.06 8.25 -30.75
N ALA H 142 48.01 8.60 -30.03
CA ALA H 142 48.00 8.44 -28.59
C ALA H 142 47.31 7.12 -28.29
N THR H 143 47.56 6.59 -27.09
CA THR H 143 46.88 5.38 -26.65
C THR H 143 46.34 5.57 -25.23
N CYS H 144 45.02 5.67 -25.17
CA CYS H 144 44.29 5.91 -23.94
C CYS H 144 43.72 4.60 -23.42
N ARG H 145 44.01 4.26 -22.17
CA ARG H 145 43.48 3.03 -21.59
C ARG H 145 42.35 3.32 -20.61
N ILE H 146 41.19 2.75 -20.90
CA ILE H 146 39.99 2.84 -20.07
C ILE H 146 39.81 1.56 -19.26
N LYS H 147 39.88 1.65 -17.94
CA LYS H 147 39.70 0.47 -17.10
C LYS H 147 38.26 0.37 -16.61
N ILE H 148 37.56 -0.72 -16.91
CA ILE H 148 36.18 -0.91 -16.46
C ILE H 148 35.96 -2.22 -15.72
N GLY H 149 35.32 -2.15 -14.55
CA GLY H 149 34.90 -3.37 -13.86
C GLY H 149 33.90 -3.19 -12.73
N SER H 150 33.59 -4.26 -12.03
CA SER H 150 32.63 -4.17 -10.93
C SER H 150 33.23 -3.34 -9.82
N TRP H 151 32.44 -2.41 -9.30
CA TRP H 151 32.91 -1.57 -8.21
C TRP H 151 32.91 -2.33 -6.87
N THR H 152 31.98 -3.26 -6.68
CA THR H 152 31.80 -3.95 -5.38
C THR H 152 31.80 -5.47 -5.40
N HIS H 153 31.82 -6.09 -6.58
CA HIS H 153 31.82 -7.57 -6.67
C HIS H 153 33.18 -8.11 -7.11
N HIS H 154 33.77 -8.97 -6.28
CA HIS H 154 35.09 -9.51 -6.57
C HIS H 154 34.97 -10.68 -7.56
N SER H 155 36.11 -11.27 -7.92
CA SER H 155 36.20 -12.27 -8.97
C SER H 155 35.29 -13.48 -8.80
N ARG H 156 35.01 -13.85 -7.55
CA ARG H 156 34.12 -14.96 -7.24
C ARG H 156 32.66 -14.64 -7.56
N GLU H 157 32.33 -13.35 -7.61
CA GLU H 157 30.95 -12.92 -7.82
C GLU H 157 30.67 -12.45 -9.25
N ILE H 158 31.53 -11.55 -9.74
CA ILE H 158 31.53 -11.13 -11.15
C ILE H 158 32.89 -11.39 -11.78
N SER H 159 32.82 -11.92 -12.98
CA SER H 159 33.99 -12.10 -13.82
C SER H 159 33.71 -11.43 -15.17
N VAL H 160 34.77 -10.97 -15.86
CA VAL H 160 34.61 -10.28 -17.13
C VAL H 160 35.10 -11.10 -18.34
N ASP H 161 34.55 -10.77 -19.50
CA ASP H 161 34.95 -11.31 -20.78
C ASP H 161 34.93 -10.13 -21.76
N PRO H 162 35.94 -9.99 -22.62
CA PRO H 162 35.88 -8.82 -23.52
C PRO H 162 35.79 -9.18 -25.00
N ASP H 169 36.93 0.20 -34.04
CA ASP H 169 35.49 0.43 -34.14
C ASP H 169 35.20 1.36 -35.30
N SER H 170 35.60 0.93 -36.48
CA SER H 170 35.37 1.66 -37.71
C SER H 170 33.88 1.88 -37.93
N GLU H 171 33.15 0.78 -37.81
CA GLU H 171 31.76 0.70 -38.22
C GLU H 171 30.89 1.70 -37.48
N TYR H 172 31.25 2.01 -36.25
CA TYR H 172 30.42 2.87 -35.42
C TYR H 172 31.00 4.27 -35.24
N PHE H 173 32.30 4.45 -35.45
CA PHE H 173 32.93 5.73 -35.10
C PHE H 173 32.47 6.84 -36.05
N SER H 174 32.29 8.04 -35.48
CA SER H 174 31.87 9.21 -36.26
C SER H 174 32.89 9.57 -37.32
N GLN H 175 32.41 9.88 -38.51
CA GLN H 175 33.26 10.33 -39.59
C GLN H 175 33.54 11.84 -39.50
N TYR H 176 32.89 12.53 -38.58
CA TYR H 176 33.10 13.98 -38.42
C TYR H 176 33.93 14.31 -37.19
N SER H 177 34.48 13.29 -36.55
CA SER H 177 35.42 13.52 -35.46
C SER H 177 36.65 14.25 -35.97
N ARG H 178 37.31 14.98 -35.08
CA ARG H 178 38.63 15.53 -35.37
C ARG H 178 39.70 14.44 -35.36
N PHE H 179 39.35 13.31 -34.77
CA PHE H 179 40.30 12.24 -34.54
C PHE H 179 39.86 11.03 -35.31
N GLU H 180 40.67 9.99 -35.30
CA GLU H 180 40.42 8.81 -36.10
C GLU H 180 41.00 7.67 -35.33
N ILE H 181 40.33 6.54 -35.36
CA ILE H 181 40.72 5.43 -34.51
C ILE H 181 41.57 4.48 -35.31
N LEU H 182 42.70 4.08 -34.73
CA LEU H 182 43.59 3.12 -35.37
C LEU H 182 43.23 1.71 -34.94
N ASP H 183 43.26 1.47 -33.64
CA ASP H 183 42.87 0.18 -33.10
C ASP H 183 42.29 0.31 -31.71
N VAL H 184 41.40 -0.63 -31.40
CA VAL H 184 40.78 -0.73 -30.09
C VAL H 184 40.97 -2.17 -29.63
N THR H 185 41.55 -2.33 -28.44
CA THR H 185 41.93 -3.65 -27.96
C THR H 185 41.44 -3.81 -26.54
N GLN H 186 40.94 -4.99 -26.20
CA GLN H 186 40.38 -5.23 -24.88
C GLN H 186 41.12 -6.38 -24.22
N LYS H 187 41.72 -6.13 -23.07
CA LYS H 187 42.43 -7.17 -22.33
C LYS H 187 41.79 -7.32 -20.96
N LYS H 188 41.60 -8.57 -20.57
CA LYS H 188 41.08 -8.87 -19.26
C LYS H 188 42.19 -8.76 -18.24
N ASN H 189 41.85 -8.26 -17.07
CA ASN H 189 42.84 -8.06 -16.04
C ASN H 189 42.24 -8.38 -14.68
N SER H 190 43.10 -8.65 -13.71
CA SER H 190 42.67 -8.91 -12.34
C SER H 190 43.52 -8.06 -11.42
N VAL H 191 42.87 -7.41 -10.48
CA VAL H 191 43.52 -6.42 -9.61
C VAL H 191 43.14 -6.69 -8.19
N THR H 192 44.03 -6.33 -7.26
CA THR H 192 43.69 -6.34 -5.84
C THR H 192 43.99 -4.95 -5.28
N TYR H 193 43.19 -4.54 -4.31
CA TYR H 193 43.24 -3.18 -3.77
C TYR H 193 43.53 -3.25 -2.30
N SER H 194 44.05 -2.16 -1.74
CA SER H 194 44.53 -2.15 -0.37
C SER H 194 43.41 -2.37 0.66
N CYS H 195 42.20 -1.95 0.29
CA CYS H 195 41.05 -2.00 1.17
C CYS H 195 40.62 -3.42 1.49
N CYS H 196 40.84 -4.31 0.51
CA CYS H 196 40.13 -5.58 0.47
C CYS H 196 41.07 -6.74 0.08
N PRO H 197 40.99 -7.87 0.82
CA PRO H 197 41.83 -9.06 0.49
C PRO H 197 41.48 -9.68 -0.85
N GLU H 198 40.21 -9.61 -1.25
CA GLU H 198 39.75 -10.26 -2.48
C GLU H 198 40.15 -9.47 -3.72
N ALA H 199 40.13 -10.13 -4.87
CA ALA H 199 40.53 -9.54 -6.14
C ALA H 199 39.35 -9.26 -7.06
N TYR H 200 39.51 -8.24 -7.91
CA TYR H 200 38.48 -7.77 -8.86
C TYR H 200 38.94 -7.90 -10.28
N GLU H 201 38.02 -8.33 -11.15
CA GLU H 201 38.31 -8.44 -12.56
C GLU H 201 37.90 -7.17 -13.25
N ASP H 202 38.64 -6.81 -14.27
CA ASP H 202 38.29 -5.66 -15.07
C ASP H 202 38.68 -5.93 -16.50
N VAL H 203 38.27 -5.00 -17.34
CA VAL H 203 38.71 -4.97 -18.72
C VAL H 203 39.46 -3.67 -18.93
N GLU H 204 40.68 -3.77 -19.44
CA GLU H 204 41.41 -2.58 -19.89
C GLU H 204 41.14 -2.47 -21.36
N VAL H 205 40.61 -1.32 -21.74
CA VAL H 205 40.26 -1.06 -23.11
C VAL H 205 41.30 -0.08 -23.55
N SER H 206 42.00 -0.44 -24.62
CA SER H 206 43.09 0.39 -25.09
C SER H 206 42.60 0.95 -26.41
N LEU H 207 42.46 2.28 -26.38
CA LEU H 207 42.03 3.09 -27.51
C LEU H 207 43.23 3.79 -28.12
N ASN H 208 43.63 3.34 -29.31
CA ASN H 208 44.72 3.98 -30.03
C ASN H 208 44.16 4.93 -31.10
N PHE H 209 44.45 6.22 -30.96
CA PHE H 209 43.78 7.24 -31.77
C PHE H 209 44.70 8.44 -32.02
N ARG H 210 44.49 9.11 -33.17
CA ARG H 210 45.27 10.31 -33.50
C ARG H 210 44.42 11.38 -34.16
N LYS H 211 44.94 12.60 -34.13
CA LYS H 211 44.35 13.73 -34.83
C LYS H 211 44.37 13.58 -36.35
N ASP I 6 28.35 -17.85 -3.75
CA ASP I 6 27.61 -17.68 -4.99
C ASP I 6 26.29 -18.45 -4.96
N ASP I 7 25.83 -18.79 -3.77
CA ASP I 7 24.50 -19.34 -3.61
C ASP I 7 23.52 -18.18 -3.65
N LYS I 8 22.75 -18.06 -4.72
CA LYS I 8 21.95 -16.85 -4.94
C LYS I 8 20.79 -16.68 -3.95
N LEU I 9 20.02 -17.73 -3.74
CA LEU I 9 18.91 -17.69 -2.79
C LEU I 9 19.38 -17.20 -1.42
N ASP I 10 20.58 -17.66 -1.05
CA ASP I 10 21.23 -17.24 0.18
C ASP I 10 21.49 -15.72 0.21
N ARG I 11 21.86 -15.15 -0.93
CA ARG I 11 22.18 -13.72 -0.98
C ARG I 11 20.85 -12.97 -0.91
N ALA I 12 19.85 -13.48 -1.59
CA ALA I 12 18.49 -12.92 -1.50
C ALA I 12 18.00 -12.88 -0.04
N ASP I 13 18.22 -13.97 0.68
CA ASP I 13 17.75 -14.01 2.07
C ASP I 13 18.57 -13.12 2.97
N ILE I 14 19.89 -13.09 2.78
CA ILE I 14 20.73 -12.15 3.52
C ILE I 14 20.18 -10.73 3.29
N LEU I 15 19.85 -10.41 2.04
CA LEU I 15 19.37 -9.06 1.72
C LEU I 15 18.06 -8.75 2.44
N TYR I 16 17.13 -9.71 2.39
CA TYR I 16 15.91 -9.65 3.20
C TYR I 16 16.19 -9.40 4.69
N ASN I 17 17.05 -10.22 5.28
CA ASN I 17 17.39 -10.06 6.68
C ASN I 17 17.93 -8.65 6.98
N ILE I 18 18.89 -8.20 6.18
CA ILE I 18 19.42 -6.86 6.34
C ILE I 18 18.31 -5.82 6.24
N ARG I 19 17.45 -5.94 5.24
CA ARG I 19 16.40 -4.93 5.08
C ARG I 19 15.39 -4.98 6.21
N GLN I 20 15.23 -6.15 6.83
CA GLN I 20 14.38 -6.27 8.01
C GLN I 20 14.99 -5.67 9.25
N THR I 21 16.31 -5.78 9.41
CA THR I 21 16.97 -5.25 10.62
C THR I 21 17.44 -3.79 10.49
N SER I 22 17.77 -3.39 9.27
CA SER I 22 18.37 -2.09 9.04
C SER I 22 17.39 -0.95 9.26
N ARG I 23 17.86 0.07 9.98
CA ARG I 23 17.12 1.31 10.21
C ARG I 23 17.93 2.41 9.54
N PRO I 24 17.59 2.74 8.29
CA PRO I 24 18.53 3.60 7.57
C PRO I 24 18.72 4.98 8.21
N ASP I 25 17.80 5.40 9.07
CA ASP I 25 17.85 6.73 9.65
C ASP I 25 18.33 6.81 11.10
N VAL I 26 18.55 5.67 11.75
CA VAL I 26 18.99 5.65 13.15
C VAL I 26 20.47 5.26 13.23
N ILE I 27 21.23 5.93 14.11
CA ILE I 27 22.66 5.63 14.18
C ILE I 27 22.84 4.31 14.93
N PRO I 28 23.62 3.39 14.37
CA PRO I 28 23.85 2.06 14.95
C PRO I 28 24.78 2.08 16.16
N THR I 29 24.44 2.88 17.18
CA THR I 29 25.17 2.87 18.42
C THR I 29 24.88 1.60 19.20
N GLN I 30 25.94 0.84 19.49
CA GLN I 30 25.86 -0.31 20.36
C GLN I 30 26.27 0.15 21.75
N ARG I 31 25.52 -0.27 22.76
CA ARG I 31 26.00 -0.19 24.14
C ARG I 31 26.36 1.22 24.62
N ASP I 32 25.66 2.23 24.11
CA ASP I 32 25.86 3.59 24.59
C ASP I 32 27.30 4.07 24.33
N ARG I 33 27.80 3.74 23.14
CA ARG I 33 29.10 4.23 22.68
C ARG I 33 28.99 4.80 21.27
N PRO I 34 29.84 5.78 20.94
CA PRO I 34 29.79 6.37 19.60
C PRO I 34 30.03 5.35 18.50
N VAL I 35 29.44 5.58 17.34
CA VAL I 35 29.73 4.78 16.16
C VAL I 35 31.08 5.21 15.62
N ALA I 36 31.97 4.24 15.44
CA ALA I 36 33.31 4.51 14.95
C ALA I 36 33.35 4.47 13.43
N VAL I 37 33.50 5.64 12.81
CA VAL I 37 33.61 5.68 11.35
C VAL I 37 35.06 5.89 10.96
N SER I 38 35.61 4.97 10.17
CA SER I 38 36.96 5.11 9.65
C SER I 38 36.88 5.59 8.19
N VAL I 39 37.50 6.73 7.94
CA VAL I 39 37.50 7.35 6.62
C VAL I 39 38.91 7.65 6.12
N SER I 40 39.19 7.21 4.90
CA SER I 40 40.43 7.56 4.24
C SER I 40 40.19 7.88 2.76
N LEU I 41 40.77 8.98 2.31
CA LEU I 41 40.65 9.41 0.93
C LEU I 41 41.71 8.77 0.06
N LYS I 42 41.31 8.26 -1.08
CA LYS I 42 42.22 7.76 -2.07
C LYS I 42 42.20 8.72 -3.25
N PHE I 43 43.15 9.65 -3.28
CA PHE I 43 43.18 10.68 -4.31
C PHE I 43 43.55 10.04 -5.64
N ILE I 44 42.71 10.27 -6.64
CA ILE I 44 42.87 9.62 -7.93
C ILE I 44 43.30 10.64 -8.98
N ASN I 45 42.91 11.88 -8.77
CA ASN I 45 43.07 12.92 -9.77
C ASN I 45 42.85 14.28 -9.17
N ILE I 46 43.71 15.23 -9.54
CA ILE I 46 43.46 16.64 -9.30
C ILE I 46 43.23 17.24 -10.69
N LEU I 47 42.04 17.81 -10.90
CA LEU I 47 41.58 18.15 -12.24
C LEU I 47 41.82 19.61 -12.59
N GLU I 48 41.82 20.46 -11.60
CA GLU I 48 41.90 21.87 -11.85
C GLU I 48 42.25 22.55 -10.58
N VAL I 49 43.11 23.56 -10.70
CA VAL I 49 43.73 24.18 -9.56
C VAL I 49 43.77 25.65 -9.82
N ASN I 50 43.49 26.45 -8.80
CA ASN I 50 43.57 27.88 -8.97
C ASN I 50 44.17 28.58 -7.76
N GLU I 51 45.37 29.11 -8.01
CA GLU I 51 46.27 29.71 -7.01
C GLU I 51 45.78 31.10 -6.63
N ILE I 52 45.21 31.78 -7.62
CA ILE I 52 44.51 33.04 -7.40
C ILE I 52 43.33 32.82 -6.45
N THR I 53 42.32 32.07 -6.88
CA THR I 53 41.10 31.88 -6.07
C THR I 53 41.32 30.97 -4.86
N ASN I 54 42.42 30.22 -4.87
CA ASN I 54 42.69 29.25 -3.81
C ASN I 54 41.58 28.18 -3.83
N GLU I 55 41.46 27.52 -4.98
CA GLU I 55 40.48 26.46 -5.13
C GLU I 55 41.03 25.26 -5.86
N VAL I 56 40.59 24.06 -5.43
CA VAL I 56 41.00 22.83 -6.10
C VAL I 56 39.80 21.95 -6.48
N ASP I 57 39.93 21.27 -7.62
CA ASP I 57 38.91 20.36 -8.09
C ASP I 57 39.45 18.93 -8.07
N VAL I 58 38.97 18.12 -7.13
CA VAL I 58 39.58 16.80 -6.88
C VAL I 58 38.64 15.62 -7.16
N VAL I 59 39.23 14.54 -7.70
CA VAL I 59 38.57 13.24 -7.73
C VAL I 59 39.21 12.23 -6.76
N PHE I 60 38.40 11.59 -5.92
CA PHE I 60 38.94 10.71 -4.88
C PHE I 60 37.96 9.67 -4.35
N TRP I 61 38.49 8.50 -4.03
CA TRP I 61 37.70 7.47 -3.38
C TRP I 61 37.57 7.83 -1.92
N GLN I 62 36.36 7.76 -1.39
CA GLN I 62 36.16 8.09 0.01
C GLN I 62 35.90 6.82 0.78
N GLN I 63 36.98 6.17 1.19
CA GLN I 63 36.92 4.85 1.79
C GLN I 63 36.35 4.99 3.19
N THR I 64 35.12 4.51 3.36
CA THR I 64 34.39 4.67 4.62
C THR I 64 33.94 3.32 5.17
N THR I 65 34.32 3.03 6.41
CA THR I 65 33.84 1.82 7.05
C THR I 65 33.35 2.07 8.45
N TRP I 66 32.46 1.18 8.86
CA TRP I 66 31.93 1.19 10.22
C TRP I 66 31.23 -0.14 10.49
N SER I 67 30.76 -0.31 11.71
CA SER I 67 30.17 -1.56 12.13
C SER I 67 28.72 -1.40 12.59
N ASP I 68 27.86 -2.32 12.13
CA ASP I 68 26.49 -2.44 12.65
C ASP I 68 26.21 -3.94 12.93
N ARG I 69 26.33 -4.31 14.20
CA ARG I 69 26.35 -5.71 14.60
C ARG I 69 24.97 -6.38 14.47
N THR I 70 23.91 -5.58 14.49
CA THR I 70 22.57 -6.11 14.31
C THR I 70 22.44 -6.69 12.89
N LEU I 71 23.28 -6.24 11.96
CA LEU I 71 23.22 -6.75 10.59
C LEU I 71 23.95 -8.07 10.47
N ALA I 72 24.71 -8.43 11.50
CA ALA I 72 25.55 -9.63 11.41
C ALA I 72 24.70 -10.88 11.29
N TRP I 73 25.24 -11.88 10.61
CA TRP I 73 24.58 -13.18 10.51
C TRP I 73 25.63 -14.27 10.54
N ASN I 74 25.19 -15.51 10.78
CA ASN I 74 26.09 -16.66 10.77
C ASN I 74 26.36 -17.14 9.34
N SER I 75 27.59 -17.02 8.88
CA SER I 75 27.95 -17.36 7.51
C SER I 75 28.69 -18.69 7.39
N SER I 76 28.63 -19.52 8.43
CA SER I 76 29.32 -20.82 8.39
C SER I 76 29.04 -21.60 7.10
N HIS I 77 27.80 -21.56 6.62
CA HIS I 77 27.44 -22.20 5.35
C HIS I 77 26.56 -21.31 4.46
N SER I 78 26.82 -20.00 4.49
CA SER I 78 26.12 -19.03 3.65
C SER I 78 27.15 -17.95 3.27
N PRO I 79 26.78 -17.02 2.36
CA PRO I 79 27.79 -16.04 1.90
C PRO I 79 28.37 -15.12 2.98
N ASP I 80 29.67 -14.83 2.79
CA ASP I 80 30.50 -13.95 3.62
C ASP I 80 30.07 -12.49 3.64
N GLN I 81 29.65 -12.00 2.47
CA GLN I 81 29.30 -10.60 2.31
C GLN I 81 28.39 -10.37 1.10
N VAL I 82 27.67 -9.26 1.10
CA VAL I 82 26.85 -8.90 -0.06
C VAL I 82 26.99 -7.43 -0.38
N SER I 83 26.62 -7.06 -1.61
CA SER I 83 26.51 -5.66 -1.97
C SER I 83 25.07 -5.22 -1.74
N VAL I 84 24.90 -4.02 -1.20
CA VAL I 84 23.60 -3.52 -0.80
C VAL I 84 23.44 -2.08 -1.23
N PRO I 85 22.28 -1.74 -1.81
CA PRO I 85 22.07 -0.32 -2.13
C PRO I 85 22.11 0.50 -0.85
N ILE I 86 22.80 1.64 -0.87
CA ILE I 86 23.03 2.38 0.36
C ILE I 86 21.74 2.95 0.96
N SER I 87 20.69 3.04 0.17
CA SER I 87 19.40 3.52 0.65
C SER I 87 18.78 2.54 1.63
N SER I 88 19.18 1.27 1.52
CA SER I 88 18.78 0.25 2.47
C SER I 88 19.57 0.28 3.76
N LEU I 89 20.48 1.23 3.91
CA LEU I 89 21.43 1.20 5.01
C LEU I 89 21.54 2.56 5.66
N TRP I 90 21.89 2.57 6.93
CA TRP I 90 22.41 3.77 7.54
C TRP I 90 23.80 4.07 6.99
N VAL I 91 24.05 5.33 6.69
CA VAL I 91 25.35 5.77 6.20
C VAL I 91 25.70 7.02 6.98
N PRO I 92 26.98 7.16 7.38
CA PRO I 92 27.31 8.33 8.21
C PRO I 92 27.13 9.60 7.42
N ASP I 93 26.68 10.67 8.05
CA ASP I 93 26.42 11.92 7.34
C ASP I 93 27.68 12.78 7.20
N LEU I 94 28.76 12.19 6.68
CA LEU I 94 30.02 12.92 6.54
C LEU I 94 29.89 14.07 5.56
N ALA I 95 30.41 15.23 5.96
CA ALA I 95 30.63 16.33 5.04
C ALA I 95 32.05 16.87 5.13
N ALA I 96 32.54 17.31 3.97
CA ALA I 96 33.79 18.05 3.87
C ALA I 96 33.53 19.50 4.23
N TYR I 97 34.07 19.97 5.36
CA TYR I 97 33.67 21.29 5.88
C TYR I 97 34.22 22.47 5.07
N ASN I 98 35.16 22.23 4.17
CA ASN I 98 35.64 23.29 3.30
C ASN I 98 35.39 22.97 1.83
N ALA I 99 34.40 22.13 1.57
CA ALA I 99 33.93 21.87 0.21
C ALA I 99 33.21 23.10 -0.30
N ILE I 100 33.21 23.29 -1.60
CA ILE I 100 32.52 24.42 -2.21
C ILE I 100 31.68 23.96 -3.41
N SER I 101 31.64 22.65 -3.66
CA SER I 101 30.64 22.06 -4.55
C SER I 101 30.03 20.86 -3.88
N LYS I 102 28.96 20.32 -4.49
CA LYS I 102 28.35 19.09 -4.01
C LYS I 102 29.29 17.92 -4.15
N PRO I 103 29.21 16.97 -3.21
CA PRO I 103 29.86 15.70 -3.56
C PRO I 103 29.17 15.10 -4.78
N GLU I 104 29.90 15.03 -5.88
CA GLU I 104 29.44 14.37 -7.08
C GLU I 104 29.95 12.93 -7.06
N VAL I 105 29.02 11.98 -6.94
CA VAL I 105 29.35 10.58 -6.80
C VAL I 105 29.40 9.95 -8.18
N LEU I 106 30.51 9.31 -8.50
CA LEU I 106 30.76 8.83 -9.84
C LEU I 106 30.52 7.35 -10.02
N THR I 107 30.26 6.67 -8.91
CA THR I 107 30.27 5.21 -8.89
C THR I 107 28.94 4.67 -8.41
N PRO I 108 28.67 3.38 -8.68
CA PRO I 108 27.41 2.78 -8.20
C PRO I 108 27.25 2.91 -6.71
N GLN I 109 26.06 3.29 -6.28
CA GLN I 109 25.85 3.59 -4.87
C GLN I 109 25.48 2.34 -4.08
N LEU I 110 26.42 1.40 -4.11
CA LEU I 110 26.35 0.17 -3.34
C LEU I 110 27.39 0.17 -2.22
N ALA I 111 27.01 -0.44 -1.09
CA ALA I 111 27.95 -0.70 -0.03
C ALA I 111 28.17 -2.21 0.03
N ARG I 112 29.23 -2.65 0.71
CA ARG I 112 29.39 -4.05 1.07
C ARG I 112 29.04 -4.24 2.55
N VAL I 113 28.29 -5.30 2.83
CA VAL I 113 28.04 -5.70 4.21
C VAL I 113 28.69 -7.06 4.40
N VAL I 114 29.50 -7.14 5.47
CA VAL I 114 30.20 -8.35 5.88
C VAL I 114 29.38 -9.04 6.99
N SER I 115 29.42 -10.36 7.03
CA SER I 115 28.55 -11.11 7.96
C SER I 115 28.83 -10.86 9.45
N ASP I 116 29.96 -10.22 9.77
CA ASP I 116 30.21 -9.78 11.14
C ASP I 116 29.63 -8.41 11.42
N GLY I 117 29.06 -7.78 10.38
CA GLY I 117 28.35 -6.52 10.55
C GLY I 117 29.13 -5.28 10.17
N GLU I 118 30.28 -5.49 9.55
CA GLU I 118 31.07 -4.39 9.03
C GLU I 118 30.44 -3.91 7.74
N VAL I 119 30.29 -2.59 7.61
CA VAL I 119 29.87 -1.97 6.37
C VAL I 119 31.03 -1.18 5.77
N LEU I 120 31.16 -1.34 4.45
CA LEU I 120 32.13 -0.59 3.66
C LEU I 120 31.44 0.12 2.51
N TYR I 121 31.56 1.44 2.50
CA TYR I 121 31.08 2.26 1.40
C TYR I 121 32.24 3.14 0.95
N MET I 122 32.55 3.03 -0.33
CA MET I 122 33.69 3.71 -0.95
C MET I 122 33.35 4.27 -2.32
N PRO I 123 32.62 5.39 -2.33
CA PRO I 123 32.34 6.01 -3.62
C PRO I 123 33.52 6.83 -4.13
N SER I 124 33.63 6.91 -5.45
CA SER I 124 34.51 7.87 -6.07
C SER I 124 33.77 9.19 -6.21
N ILE I 125 34.34 10.22 -5.62
CA ILE I 125 33.73 11.53 -5.57
C ILE I 125 34.59 12.54 -6.32
N ARG I 126 33.94 13.38 -7.12
CA ARG I 126 34.55 14.59 -7.61
C ARG I 126 33.95 15.74 -6.84
N GLN I 127 34.80 16.60 -6.32
CA GLN I 127 34.33 17.71 -5.51
C GLN I 127 35.36 18.82 -5.50
N ARG I 128 34.89 20.06 -5.40
CA ARG I 128 35.78 21.21 -5.37
C ARG I 128 35.90 21.72 -3.95
N PHE I 129 37.09 22.23 -3.62
CA PHE I 129 37.41 22.71 -2.27
C PHE I 129 38.08 24.07 -2.23
N SER I 130 37.89 24.73 -1.10
CA SER I 130 38.59 25.95 -0.76
C SER I 130 39.74 25.63 0.18
N CYS I 131 40.96 25.77 -0.32
CA CYS I 131 42.14 25.50 0.49
C CYS I 131 43.38 26.26 -0.02
N ASP I 132 44.57 25.91 0.49
CA ASP I 132 45.78 26.67 0.18
C ASP I 132 46.52 26.13 -1.04
N VAL I 133 46.42 26.86 -2.14
CA VAL I 133 47.02 26.44 -3.40
C VAL I 133 48.41 27.10 -3.60
N SER I 134 48.73 28.03 -2.72
CA SER I 134 49.98 28.79 -2.82
C SER I 134 51.16 27.83 -2.83
N GLY I 135 52.04 28.00 -3.81
CA GLY I 135 53.23 27.21 -3.93
C GLY I 135 53.10 25.98 -4.81
N VAL I 136 51.95 25.81 -5.44
CA VAL I 136 51.70 24.60 -6.20
C VAL I 136 52.74 24.46 -7.30
N ASP I 137 53.31 25.60 -7.68
CA ASP I 137 54.19 25.68 -8.83
C ASP I 137 55.67 25.53 -8.46
N THR I 138 55.94 25.40 -7.17
CA THR I 138 57.30 25.28 -6.66
C THR I 138 57.63 23.82 -6.36
N GLU I 139 58.88 23.51 -6.06
CA GLU I 139 59.27 22.13 -5.78
C GLU I 139 58.79 21.70 -4.40
N SER I 140 58.44 22.67 -3.56
CA SER I 140 57.97 22.34 -2.24
C SER I 140 56.44 22.15 -2.29
N GLY I 141 55.84 22.69 -3.35
CA GLY I 141 54.45 22.40 -3.69
C GLY I 141 53.45 23.03 -2.73
N ALA I 142 52.16 22.83 -3.00
CA ALA I 142 51.12 23.34 -2.12
C ALA I 142 50.66 22.24 -1.19
N THR I 143 50.23 22.64 0.00
CA THR I 143 49.59 21.72 0.92
C THR I 143 48.15 22.16 1.12
N CYS I 144 47.24 21.40 0.50
CA CYS I 144 45.80 21.62 0.60
C CYS I 144 45.23 20.68 1.65
N ARG I 145 44.67 21.27 2.69
CA ARG I 145 44.09 20.51 3.78
C ARG I 145 42.56 20.39 3.59
N ILE I 146 42.01 19.19 3.78
CA ILE I 146 40.57 18.90 3.65
C ILE I 146 40.03 18.36 4.96
N LYS I 147 39.00 19.02 5.51
CA LYS I 147 38.40 18.61 6.79
C LYS I 147 37.04 17.89 6.64
N ILE I 148 36.99 16.60 7.00
CA ILE I 148 35.77 15.80 6.88
C ILE I 148 35.28 15.28 8.21
N GLY I 149 33.97 15.44 8.44
CA GLY I 149 33.32 14.86 9.63
C GLY I 149 31.81 14.83 9.54
N SER I 150 31.16 14.18 10.51
CA SER I 150 29.72 14.11 10.53
C SER I 150 29.14 15.50 10.53
N TRP I 151 28.12 15.75 9.71
CA TRP I 151 27.51 17.06 9.70
C TRP I 151 26.61 17.33 10.91
N THR I 152 25.93 16.32 11.47
CA THR I 152 24.98 16.58 12.56
C THR I 152 25.22 15.73 13.83
N HIS I 153 26.10 14.73 13.76
CA HIS I 153 26.36 13.89 14.92
C HIS I 153 27.66 14.24 15.65
N HIS I 154 27.54 14.63 16.92
CA HIS I 154 28.69 15.04 17.72
C HIS I 154 29.46 13.84 18.27
N SER I 155 30.48 14.13 19.07
CA SER I 155 31.44 13.14 19.51
C SER I 155 30.85 11.92 20.23
N ARG I 156 29.81 12.12 21.04
CA ARG I 156 29.22 11.01 21.77
C ARG I 156 28.50 10.07 20.79
N GLU I 157 28.00 10.63 19.68
CA GLU I 157 27.22 9.86 18.70
C GLU I 157 28.05 9.24 17.57
N ILE I 158 28.98 10.03 17.02
CA ILE I 158 29.92 9.53 16.02
C ILE I 158 31.33 9.96 16.33
N SER I 159 32.24 9.00 16.19
CA SER I 159 33.66 9.22 16.34
C SER I 159 34.33 8.91 15.02
N VAL I 160 35.34 9.69 14.71
CA VAL I 160 36.08 9.54 13.47
C VAL I 160 37.48 9.05 13.86
N ASP I 161 37.97 8.07 13.12
CA ASP I 161 39.18 7.27 12.93
C ASP I 161 39.78 7.57 11.54
N PRO I 162 41.11 7.75 11.44
CA PRO I 162 41.75 7.81 10.11
C PRO I 162 42.41 6.50 9.69
N SER I 167 46.90 3.47 5.72
CA SER I 167 46.79 4.76 5.02
C SER I 167 47.29 4.73 3.56
N ASP I 168 48.21 5.63 3.21
CA ASP I 168 48.63 5.97 1.82
C ASP I 168 47.45 6.43 0.92
N ASP I 169 47.10 7.71 1.05
CA ASP I 169 46.06 8.31 0.24
C ASP I 169 46.48 8.65 -1.19
N SER I 170 47.74 8.36 -1.52
CA SER I 170 48.30 8.72 -2.81
C SER I 170 48.55 7.50 -3.68
N GLU I 171 48.32 6.30 -3.15
CA GLU I 171 48.77 5.09 -3.82
C GLU I 171 48.14 4.79 -5.20
N TYR I 172 46.94 5.34 -5.47
CA TYR I 172 46.24 5.12 -6.74
C TYR I 172 46.13 6.43 -7.57
N PHE I 173 46.98 7.40 -7.26
CA PHE I 173 46.97 8.66 -8.01
C PHE I 173 47.38 8.41 -9.45
N SER I 174 46.87 9.23 -10.37
CA SER I 174 47.06 8.94 -11.78
C SER I 174 48.47 9.30 -12.19
N GLN I 175 49.16 8.36 -12.84
CA GLN I 175 50.50 8.60 -13.34
C GLN I 175 50.46 9.64 -14.47
N TYR I 176 49.28 9.87 -15.04
CA TYR I 176 49.11 10.84 -16.14
C TYR I 176 48.56 12.19 -15.70
N SER I 177 48.39 12.40 -14.40
CA SER I 177 47.99 13.73 -13.95
C SER I 177 49.09 14.74 -14.24
N ARG I 178 48.70 16.00 -14.25
CA ARG I 178 49.62 17.10 -14.50
C ARG I 178 50.26 17.45 -13.17
N PHE I 179 49.65 16.93 -12.10
CA PHE I 179 50.19 17.08 -10.77
C PHE I 179 50.70 15.74 -10.29
N GLU I 180 51.37 15.78 -9.15
CA GLU I 180 51.91 14.60 -8.52
C GLU I 180 51.83 14.90 -7.04
N ILE I 181 51.79 13.86 -6.23
CA ILE I 181 51.68 14.05 -4.79
C ILE I 181 53.02 13.82 -4.13
N LEU I 182 53.48 14.84 -3.40
CA LEU I 182 54.74 14.75 -2.70
C LEU I 182 54.50 14.04 -1.41
N ASP I 183 53.38 14.37 -0.78
CA ASP I 183 53.09 13.80 0.53
C ASP I 183 51.61 13.92 0.91
N VAL I 184 51.07 12.88 1.56
CA VAL I 184 49.75 12.94 2.17
C VAL I 184 49.74 12.48 3.62
N THR I 185 49.16 13.29 4.50
CA THR I 185 48.89 12.80 5.85
C THR I 185 47.43 12.95 6.25
N GLN I 186 46.99 12.06 7.13
CA GLN I 186 45.65 12.08 7.69
C GLN I 186 45.79 12.20 9.20
N LYS I 187 45.06 13.12 9.82
CA LYS I 187 45.14 13.27 11.27
C LYS I 187 43.78 13.55 11.92
N LYS I 188 43.55 12.99 13.11
CA LYS I 188 42.25 13.12 13.78
C LYS I 188 42.22 14.41 14.57
N ASN I 189 41.11 15.12 14.48
CA ASN I 189 40.96 16.39 15.17
C ASN I 189 39.49 16.56 15.57
N SER I 190 39.25 17.44 16.53
CA SER I 190 37.91 17.63 17.10
C SER I 190 37.61 19.10 17.27
N VAL I 191 36.45 19.52 16.77
CA VAL I 191 36.09 20.92 16.85
C VAL I 191 34.82 21.09 17.65
N THR I 192 34.67 22.30 18.17
CA THR I 192 33.52 22.68 18.95
C THR I 192 33.11 24.05 18.43
N TYR I 193 31.80 24.32 18.44
CA TYR I 193 31.27 25.58 17.93
C TYR I 193 30.46 26.27 18.98
N SER I 194 30.15 27.54 18.70
CA SER I 194 29.27 28.31 19.56
C SER I 194 27.84 27.81 19.45
N CYS I 195 27.51 27.27 18.27
CA CYS I 195 26.18 26.77 17.95
C CYS I 195 25.65 25.78 18.99
N CYS I 196 26.56 24.97 19.54
CA CYS I 196 26.22 23.78 20.32
C CYS I 196 27.29 23.45 21.38
N PRO I 197 26.88 22.89 22.54
CA PRO I 197 27.90 22.60 23.55
C PRO I 197 28.85 21.50 23.08
N GLU I 198 28.31 20.50 22.39
CA GLU I 198 29.11 19.34 22.00
C GLU I 198 30.10 19.68 20.90
N ALA I 199 31.05 18.76 20.71
CA ALA I 199 32.12 18.92 19.74
C ALA I 199 32.05 17.82 18.68
N TYR I 200 32.35 18.17 17.43
CA TYR I 200 32.30 17.25 16.30
C TYR I 200 33.69 16.82 15.88
N GLU I 201 33.88 15.51 15.76
CA GLU I 201 35.16 14.97 15.38
C GLU I 201 35.34 15.08 13.88
N ASP I 202 36.58 15.03 13.43
CA ASP I 202 36.84 15.07 12.02
C ASP I 202 38.20 14.48 11.72
N VAL I 203 38.38 14.13 10.46
CA VAL I 203 39.68 13.80 9.92
C VAL I 203 40.13 14.95 9.01
N GLU I 204 41.35 15.38 9.25
CA GLU I 204 41.98 16.44 8.47
C GLU I 204 43.02 15.79 7.59
N VAL I 205 42.87 15.98 6.29
CA VAL I 205 43.76 15.37 5.31
C VAL I 205 44.63 16.45 4.68
N SER I 206 45.94 16.36 4.88
CA SER I 206 46.87 17.32 4.28
C SER I 206 47.50 16.74 3.05
N LEU I 207 47.18 17.37 1.93
CA LEU I 207 47.58 16.95 0.59
C LEU I 207 48.66 17.89 0.01
N ASN I 208 49.91 17.40 0.05
CA ASN I 208 51.08 18.11 -0.43
C ASN I 208 51.39 17.66 -1.85
N PHE I 209 51.19 18.58 -2.82
CA PHE I 209 51.28 18.28 -4.25
C PHE I 209 51.77 19.49 -5.03
N ARG I 210 52.23 19.24 -6.25
CA ARG I 210 52.80 20.30 -7.08
C ARG I 210 52.55 20.02 -8.55
N LYS I 211 52.71 21.05 -9.38
CA LYS I 211 52.81 20.88 -10.81
C LYS I 211 54.09 20.11 -11.10
N LYS I 212 54.04 19.22 -12.08
CA LYS I 212 55.22 18.51 -12.54
C LYS I 212 56.12 19.44 -13.35
N LYS J 8 19.97 3.08 21.48
CA LYS J 8 19.58 3.05 20.07
C LYS J 8 18.07 2.80 19.87
N LEU J 9 17.53 1.82 20.58
CA LEU J 9 16.11 1.49 20.45
C LEU J 9 15.31 2.74 20.79
N ASP J 10 15.79 3.44 21.82
CA ASP J 10 15.27 4.75 22.17
C ASP J 10 15.30 5.71 20.99
N ARG J 11 16.37 5.64 20.20
CA ARG J 11 16.53 6.58 19.11
C ARG J 11 15.48 6.26 18.02
N ALA J 12 15.35 4.99 17.66
CA ALA J 12 14.35 4.57 16.70
C ALA J 12 12.94 4.92 17.18
N ASP J 13 12.68 4.76 18.47
CA ASP J 13 11.37 5.11 19.05
C ASP J 13 11.12 6.60 18.96
N ILE J 14 12.11 7.41 19.34
CA ILE J 14 12.00 8.86 19.16
C ILE J 14 11.70 9.20 17.69
N LEU J 15 12.34 8.51 16.76
CA LEU J 15 12.14 8.81 15.34
C LEU J 15 10.72 8.48 14.89
N TYR J 16 10.26 7.29 15.30
CA TYR J 16 8.88 6.85 15.13
C TYR J 16 7.88 7.86 15.69
N ASN J 17 8.11 8.32 16.91
CA ASN J 17 7.22 9.31 17.50
C ASN J 17 7.16 10.58 16.67
N ILE J 18 8.34 11.06 16.27
CA ILE J 18 8.42 12.28 15.49
C ILE J 18 7.66 12.12 14.17
N ARG J 19 7.79 10.98 13.52
CA ARG J 19 7.05 10.80 12.26
C ARG J 19 5.54 10.52 12.44
N GLN J 20 5.18 9.97 13.59
CA GLN J 20 3.77 9.86 13.93
C GLN J 20 3.11 11.23 14.13
N THR J 21 3.84 12.15 14.76
CA THR J 21 3.25 13.46 15.04
C THR J 21 3.64 14.60 14.05
N SER J 22 4.72 14.41 13.30
CA SER J 22 5.17 15.42 12.34
C SER J 22 4.23 15.50 11.14
N ARG J 23 3.89 16.73 10.78
CA ARG J 23 3.20 17.00 9.54
C ARG J 23 4.11 17.92 8.76
N PRO J 24 4.92 17.37 7.83
CA PRO J 24 5.90 18.15 7.10
C PRO J 24 5.32 19.34 6.33
N ASP J 25 4.03 19.30 5.98
CA ASP J 25 3.46 20.33 5.09
C ASP J 25 2.56 21.37 5.78
N VAL J 26 2.52 21.35 7.10
CA VAL J 26 1.68 22.26 7.88
C VAL J 26 2.54 23.09 8.82
N ILE J 27 2.28 24.39 8.94
CA ILE J 27 3.15 25.20 9.81
C ILE J 27 2.78 24.95 11.28
N PRO J 28 3.80 24.73 12.13
CA PRO J 28 3.67 24.40 13.56
C PRO J 28 3.32 25.59 14.44
N THR J 29 2.20 26.22 14.12
CA THR J 29 1.68 27.35 14.89
C THR J 29 1.08 26.85 16.19
N GLN J 30 1.54 27.41 17.30
CA GLN J 30 1.02 27.09 18.63
C GLN J 30 0.32 28.32 19.22
N ARG J 31 -0.79 28.09 19.91
CA ARG J 31 -1.58 29.16 20.51
C ARG J 31 -2.00 30.25 19.49
N ASP J 32 -2.12 29.86 18.23
CA ASP J 32 -2.52 30.77 17.15
C ASP J 32 -1.61 32.00 17.04
N ARG J 33 -0.36 31.84 17.46
CA ARG J 33 0.67 32.84 17.23
C ARG J 33 1.60 32.38 16.11
N PRO J 34 2.27 33.32 15.43
CA PRO J 34 3.13 32.94 14.30
C PRO J 34 4.26 32.04 14.71
N VAL J 35 4.78 31.25 13.78
CA VAL J 35 5.97 30.46 14.04
C VAL J 35 7.19 31.36 13.99
N ALA J 36 7.89 31.48 15.10
CA ALA J 36 9.09 32.30 15.16
C ALA J 36 10.30 31.51 14.69
N VAL J 37 10.73 31.83 13.48
CA VAL J 37 11.91 31.22 12.90
C VAL J 37 13.13 32.12 13.11
N SER J 38 14.17 31.55 13.71
CA SER J 38 15.42 32.25 13.90
C SER J 38 16.40 31.89 12.80
N VAL J 39 16.77 32.88 12.00
CA VAL J 39 17.72 32.68 10.91
C VAL J 39 19.04 33.34 11.29
N SER J 40 20.15 32.74 10.84
CA SER J 40 21.44 33.39 10.97
C SER J 40 22.47 32.85 9.98
N LEU J 41 22.95 33.72 9.10
CA LEU J 41 23.93 33.31 8.09
C LEU J 41 25.34 33.41 8.61
N LYS J 42 26.03 32.27 8.58
CA LYS J 42 27.43 32.21 8.94
C LYS J 42 28.25 31.98 7.66
N PHE J 43 28.90 33.04 7.18
CA PHE J 43 29.61 32.98 5.91
C PHE J 43 30.90 32.20 6.05
N ILE J 44 31.16 31.37 5.04
CA ILE J 44 32.31 30.48 5.03
C ILE J 44 33.27 30.93 3.93
N ASN J 45 32.68 31.47 2.87
CA ASN J 45 33.46 31.78 1.70
C ASN J 45 32.79 32.72 0.70
N ILE J 46 33.62 33.60 0.13
CA ILE J 46 33.23 34.40 -1.02
C ILE J 46 34.10 33.95 -2.19
N LEU J 47 33.50 33.25 -3.14
CA LEU J 47 34.25 32.53 -4.17
C LEU J 47 34.51 33.36 -5.43
N GLU J 48 33.75 34.42 -5.62
CA GLU J 48 33.70 35.09 -6.91
C GLU J 48 32.89 36.36 -6.78
N VAL J 49 33.51 37.45 -7.19
CA VAL J 49 32.94 38.78 -7.06
C VAL J 49 33.09 39.48 -8.40
N ASN J 50 31.99 40.04 -8.89
CA ASN J 50 32.04 40.81 -10.11
C ASN J 50 31.59 42.26 -9.87
N GLU J 51 32.51 43.19 -10.08
CA GLU J 51 32.27 44.60 -9.80
C GLU J 51 31.41 45.19 -10.91
N ILE J 52 31.55 44.59 -12.09
CA ILE J 52 30.85 44.99 -13.29
C ILE J 52 29.38 44.61 -13.28
N THR J 53 29.11 43.32 -13.05
CA THR J 53 27.77 42.78 -13.06
C THR J 53 27.11 42.77 -11.70
N ASN J 54 27.78 43.29 -10.68
CA ASN J 54 27.19 43.38 -9.34
C ASN J 54 26.66 42.02 -8.85
N GLU J 55 27.35 40.96 -9.25
CA GLU J 55 27.01 39.61 -8.80
C GLU J 55 28.08 39.03 -7.88
N VAL J 56 27.62 38.23 -6.93
CA VAL J 56 28.48 37.56 -5.97
C VAL J 56 28.16 36.08 -5.87
N ASP J 57 29.19 35.27 -5.65
CA ASP J 57 29.05 33.84 -5.47
C ASP J 57 29.56 33.48 -4.07
N VAL J 58 28.67 33.10 -3.14
CA VAL J 58 29.12 32.78 -1.77
C VAL J 58 28.68 31.41 -1.24
N VAL J 59 29.33 31.01 -0.14
CA VAL J 59 29.02 29.80 0.58
C VAL J 59 28.78 30.12 2.04
N PHE J 60 27.64 29.69 2.57
CA PHE J 60 27.29 30.03 3.93
C PHE J 60 26.48 28.96 4.62
N TRP J 61 26.59 28.95 5.93
CA TRP J 61 25.84 28.08 6.77
C TRP J 61 24.62 28.85 7.13
N GLN J 62 23.44 28.32 6.80
CA GLN J 62 22.20 29.00 7.13
C GLN J 62 21.66 28.42 8.43
N GLN J 63 22.04 29.03 9.55
CA GLN J 63 21.62 28.53 10.85
C GLN J 63 20.17 28.88 11.03
N THR J 64 19.32 27.86 10.94
CA THR J 64 17.88 28.04 11.07
C THR J 64 17.37 27.25 12.27
N THR J 65 16.67 27.92 13.20
CA THR J 65 15.99 27.20 14.28
C THR J 65 14.53 27.63 14.45
N TRP J 66 13.73 26.71 15.00
CA TRP J 66 12.35 27.03 15.40
C TRP J 66 11.84 25.96 16.35
N SER J 67 10.73 26.21 17.03
CA SER J 67 10.10 25.18 17.86
C SER J 67 8.86 24.58 17.21
N ASP J 68 8.69 23.28 17.46
CA ASP J 68 7.43 22.57 17.29
C ASP J 68 7.22 21.74 18.55
N ARG J 69 6.42 22.28 19.47
CA ARG J 69 6.28 21.70 20.80
C ARG J 69 5.63 20.33 20.78
N THR J 70 4.84 20.04 19.74
CA THR J 70 4.18 18.74 19.62
C THR J 70 5.19 17.60 19.38
N LEU J 71 6.41 17.95 18.96
CA LEU J 71 7.49 16.96 18.78
C LEU J 71 8.25 16.62 20.07
N ALA J 72 8.07 17.42 21.10
CA ALA J 72 8.77 17.21 22.36
C ALA J 72 8.47 15.86 23.03
N TRP J 73 9.44 15.36 23.80
CA TRP J 73 9.28 14.14 24.60
C TRP J 73 10.10 14.24 25.89
N ASN J 74 9.87 13.31 26.82
CA ASN J 74 10.57 13.31 28.11
C ASN J 74 11.92 12.62 27.96
N SER J 75 12.97 13.28 28.41
CA SER J 75 14.33 12.80 28.15
C SER J 75 15.09 12.45 29.43
N SER J 76 14.34 12.24 30.51
CA SER J 76 14.90 11.85 31.81
C SER J 76 15.86 10.68 31.67
N HIS J 77 15.43 9.69 30.89
CA HIS J 77 16.21 8.48 30.67
C HIS J 77 16.13 8.11 29.20
N SER J 78 16.32 9.14 28.38
CA SER J 78 16.29 9.03 26.91
C SER J 78 17.28 10.00 26.28
N PRO J 79 17.63 9.78 25.01
CA PRO J 79 18.39 10.79 24.27
C PRO J 79 17.69 12.15 24.20
N ASP J 80 18.45 13.24 24.39
CA ASP J 80 17.94 14.61 24.33
C ASP J 80 17.72 15.12 22.91
N GLN J 81 18.34 14.46 21.94
CA GLN J 81 18.40 14.98 20.59
C GLN J 81 18.56 13.86 19.58
N VAL J 82 17.97 14.03 18.41
CA VAL J 82 18.26 13.09 17.34
C VAL J 82 18.41 13.84 16.03
N SER J 83 19.09 13.21 15.08
CA SER J 83 19.16 13.71 13.73
C SER J 83 18.03 13.14 12.90
N VAL J 84 17.32 14.00 12.20
CA VAL J 84 16.13 13.60 11.47
C VAL J 84 16.19 14.10 10.03
N PRO J 85 15.82 13.24 9.06
CA PRO J 85 15.76 13.75 7.68
C PRO J 85 14.70 14.84 7.55
N ILE J 86 14.98 15.91 6.81
CA ILE J 86 14.06 17.04 6.77
C ILE J 86 12.78 16.71 6.00
N SER J 87 12.84 15.70 5.15
CA SER J 87 11.64 15.23 4.48
C SER J 87 10.58 14.72 5.49
N SER J 88 11.02 14.39 6.71
CA SER J 88 10.12 13.94 7.76
C SER J 88 9.58 15.09 8.61
N LEU J 89 10.13 16.27 8.38
CA LEU J 89 9.83 17.43 9.21
C LEU J 89 9.30 18.56 8.39
N TRP J 90 8.52 19.43 9.02
CA TRP J 90 8.27 20.72 8.40
C TRP J 90 9.52 21.58 8.54
N VAL J 91 9.79 22.31 7.48
CA VAL J 91 10.90 23.23 7.37
C VAL J 91 10.37 24.55 6.80
N PRO J 92 10.89 25.70 7.29
CA PRO J 92 10.43 26.98 6.69
C PRO J 92 10.80 27.11 5.20
N ASP J 93 9.94 27.75 4.41
CA ASP J 93 10.22 27.94 3.00
C ASP J 93 11.01 29.25 2.80
N LEU J 94 12.14 29.36 3.49
CA LEU J 94 12.98 30.56 3.36
C LEU J 94 13.51 30.67 1.94
N ALA J 95 13.46 31.88 1.40
CA ALA J 95 14.19 32.20 0.19
C ALA J 95 14.85 33.59 0.29
N ALA J 96 15.87 33.77 -0.53
CA ALA J 96 16.55 35.03 -0.65
C ALA J 96 15.98 35.78 -1.84
N TYR J 97 15.38 36.94 -1.58
CA TYR J 97 14.74 37.74 -2.63
C TYR J 97 15.70 38.17 -3.76
N ASN J 98 16.98 38.37 -3.46
CA ASN J 98 17.94 38.80 -4.47
C ASN J 98 18.90 37.72 -4.96
N ALA J 99 18.51 36.45 -4.77
CA ALA J 99 19.27 35.32 -5.32
C ALA J 99 19.07 35.24 -6.82
N ILE J 100 20.10 34.82 -7.55
CA ILE J 100 20.00 34.65 -9.00
C ILE J 100 20.47 33.27 -9.47
N SER J 101 20.84 32.40 -8.53
CA SER J 101 20.96 30.96 -8.80
C SER J 101 20.18 30.19 -7.73
N LYS J 102 19.99 28.88 -7.90
CA LYS J 102 19.22 28.10 -6.91
C LYS J 102 20.13 27.82 -5.74
N PRO J 103 19.56 27.70 -4.54
CA PRO J 103 20.44 27.30 -3.44
C PRO J 103 20.99 25.91 -3.66
N GLU J 104 22.31 25.80 -3.74
CA GLU J 104 22.99 24.53 -3.93
C GLU J 104 23.34 24.05 -2.51
N VAL J 105 22.56 23.10 -1.97
CA VAL J 105 22.81 22.60 -0.62
C VAL J 105 23.93 21.59 -0.68
N LEU J 106 24.96 21.82 0.13
CA LEU J 106 26.20 21.06 -0.01
C LEU J 106 26.29 19.95 1.03
N THR J 107 25.38 19.98 2.00
CA THR J 107 25.51 19.13 3.17
C THR J 107 24.41 18.07 3.29
N PRO J 108 24.66 17.03 4.11
CA PRO J 108 23.60 16.06 4.34
C PRO J 108 22.37 16.73 4.87
N GLN J 109 21.23 16.42 4.28
CA GLN J 109 19.99 17.11 4.60
C GLN J 109 19.31 16.56 5.84
N LEU J 110 19.93 16.82 6.98
CA LEU J 110 19.44 16.36 8.26
C LEU J 110 19.26 17.53 9.20
N ALA J 111 18.19 17.51 9.99
CA ALA J 111 18.02 18.48 11.05
C ALA J 111 18.23 17.77 12.37
N ARG J 112 18.35 18.53 13.44
CA ARG J 112 18.43 18.00 14.79
C ARG J 112 17.14 18.36 15.45
N VAL J 113 16.53 17.39 16.12
CA VAL J 113 15.35 17.67 16.91
C VAL J 113 15.74 17.40 18.34
N VAL J 114 15.40 18.38 19.17
CA VAL J 114 15.71 18.37 20.59
C VAL J 114 14.45 18.00 21.34
N SER J 115 14.60 17.40 22.52
CA SER J 115 13.47 16.77 23.20
C SER J 115 12.44 17.74 23.78
N ASP J 116 12.80 19.01 23.88
CA ASP J 116 11.83 20.07 24.17
C ASP J 116 11.12 20.61 22.91
N GLY J 117 11.45 20.07 21.75
CA GLY J 117 10.75 20.40 20.51
C GLY J 117 11.43 21.44 19.64
N GLU J 118 12.61 21.85 20.07
CA GLU J 118 13.42 22.77 19.31
C GLU J 118 13.95 22.00 18.11
N VAL J 119 13.79 22.58 16.92
CA VAL J 119 14.38 22.04 15.70
C VAL J 119 15.50 22.99 15.22
N LEU J 120 16.67 22.40 14.98
CA LEU J 120 17.82 23.10 14.41
C LEU J 120 18.19 22.48 13.09
N TYR J 121 18.15 23.31 12.05
CA TYR J 121 18.53 22.92 10.71
C TYR J 121 19.54 23.93 10.14
N MET J 122 20.69 23.44 9.70
CA MET J 122 21.85 24.26 9.36
C MET J 122 22.61 23.69 8.17
N PRO J 123 22.07 23.93 6.98
CA PRO J 123 22.70 23.51 5.73
C PRO J 123 23.79 24.48 5.27
N SER J 124 24.78 23.92 4.59
CA SER J 124 25.75 24.72 3.88
C SER J 124 25.25 24.94 2.46
N ILE J 125 25.08 26.21 2.13
CA ILE J 125 24.54 26.63 0.84
C ILE J 125 25.56 27.41 0.04
N ARG J 126 25.70 27.01 -1.21
CA ARG J 126 26.36 27.84 -2.19
C ARG J 126 25.31 28.53 -3.04
N GLN J 127 25.36 29.86 -3.10
CA GLN J 127 24.42 30.62 -3.90
C GLN J 127 25.04 31.91 -4.49
N ARG J 128 24.58 32.30 -5.69
CA ARG J 128 25.01 33.56 -6.29
C ARG J 128 23.93 34.61 -6.09
N PHE J 129 24.35 35.82 -5.73
CA PHE J 129 23.42 36.93 -5.48
C PHE J 129 23.73 38.13 -6.35
N SER J 130 22.77 39.06 -6.36
CA SER J 130 22.87 40.31 -7.07
C SER J 130 22.81 41.42 -6.04
N CYS J 131 23.92 42.11 -5.87
CA CYS J 131 24.03 43.02 -4.76
C CYS J 131 25.11 44.06 -5.04
N ASP J 132 25.19 45.05 -4.17
CA ASP J 132 26.14 46.12 -4.33
C ASP J 132 27.54 45.64 -3.99
N VAL J 133 28.43 45.68 -4.98
CA VAL J 133 29.83 45.27 -4.79
C VAL J 133 30.79 46.47 -4.85
N SER J 134 30.25 47.65 -5.15
CA SER J 134 31.04 48.86 -5.23
C SER J 134 31.78 49.04 -3.90
N GLY J 135 33.08 49.26 -3.98
CA GLY J 135 33.92 49.33 -2.80
C GLY J 135 34.65 48.01 -2.57
N VAL J 136 34.78 47.20 -3.61
CA VAL J 136 35.45 45.92 -3.51
C VAL J 136 36.89 46.11 -3.03
N ASP J 137 37.59 47.05 -3.66
CA ASP J 137 38.95 47.48 -3.28
C ASP J 137 38.89 48.82 -2.58
N THR J 138 38.80 48.81 -1.27
CA THR J 138 38.58 50.03 -0.51
C THR J 138 38.73 49.67 0.96
N GLU J 139 39.26 50.61 1.75
CA GLU J 139 39.45 50.36 3.17
C GLU J 139 38.08 50.02 3.77
N SER J 140 37.10 50.83 3.37
CA SER J 140 35.73 50.70 3.87
C SER J 140 35.11 49.41 3.35
N GLY J 141 35.38 49.10 2.08
CA GLY J 141 34.95 47.84 1.48
C GLY J 141 33.58 47.96 0.84
N ALA J 142 33.06 46.82 0.36
CA ALA J 142 31.71 46.73 -0.22
C ALA J 142 30.71 46.20 0.81
N THR J 143 29.47 46.67 0.72
CA THR J 143 28.41 46.12 1.55
C THR J 143 27.34 45.48 0.68
N CYS J 144 27.21 44.16 0.78
CA CYS J 144 26.25 43.38 0.01
C CYS J 144 25.08 42.98 0.88
N ARG J 145 23.87 43.37 0.48
CA ARG J 145 22.66 43.09 1.26
C ARG J 145 21.89 41.87 0.69
N ILE J 146 21.74 40.84 1.50
CA ILE J 146 20.95 39.66 1.13
C ILE J 146 19.69 39.62 2.01
N LYS J 147 18.51 39.63 1.39
CA LYS J 147 17.23 39.59 2.14
C LYS J 147 16.65 38.19 2.16
N ILE J 148 16.51 37.62 3.35
CA ILE J 148 15.96 36.27 3.49
C ILE J 148 14.60 36.35 4.15
N GLY J 149 13.62 35.60 3.63
CA GLY J 149 12.34 35.47 4.31
C GLY J 149 11.49 34.31 3.81
N SER J 150 10.32 34.10 4.41
CA SER J 150 9.42 33.06 3.92
C SER J 150 8.86 33.44 2.57
N TRP J 151 8.98 32.53 1.62
CA TRP J 151 8.47 32.75 0.28
C TRP J 151 6.93 32.84 0.16
N THR J 152 6.18 32.11 1.00
CA THR J 152 4.70 32.06 0.86
C THR J 152 3.92 32.36 2.13
N HIS J 153 4.63 32.49 3.24
CA HIS J 153 4.00 32.76 4.53
C HIS J 153 4.24 34.20 4.94
N HIS J 154 3.17 34.88 5.32
CA HIS J 154 3.22 36.29 5.70
C HIS J 154 3.41 36.35 7.20
N SER J 155 3.34 37.57 7.74
CA SER J 155 3.76 37.83 9.10
C SER J 155 2.91 37.16 10.17
N ARG J 156 1.62 36.96 9.92
CA ARG J 156 0.76 36.26 10.90
C ARG J 156 1.13 34.79 11.00
N GLU J 157 1.53 34.22 9.87
CA GLU J 157 1.94 32.81 9.78
C GLU J 157 3.37 32.55 10.26
N ILE J 158 4.33 33.35 9.78
CA ILE J 158 5.75 33.17 10.13
C ILE J 158 6.50 34.46 10.45
N SER J 159 7.22 34.42 11.57
CA SER J 159 8.10 35.48 12.02
C SER J 159 9.54 35.11 11.76
N VAL J 160 10.26 35.94 11.02
CA VAL J 160 11.69 35.72 10.78
C VAL J 160 12.49 36.69 11.63
N ASP J 161 13.38 36.16 12.47
CA ASP J 161 14.11 36.96 13.41
C ASP J 161 15.58 36.55 13.41
N PRO J 162 16.48 37.54 13.41
CA PRO J 162 17.90 37.20 13.52
C PRO J 162 18.28 36.93 14.96
N THR J 163 19.43 36.30 15.14
CA THR J 163 20.01 36.06 16.45
C THR J 163 21.45 36.57 16.51
N ASN J 166 25.01 41.34 15.09
CA ASN J 166 26.41 41.66 14.79
C ASN J 166 27.36 40.46 14.91
N SER J 167 28.21 40.26 13.90
CA SER J 167 29.25 39.22 13.93
C SER J 167 30.32 39.42 12.84
N ASP J 168 31.45 38.72 12.96
CA ASP J 168 32.52 38.74 11.95
C ASP J 168 32.61 37.39 11.25
N ASP J 169 32.01 36.35 11.85
CA ASP J 169 32.03 35.00 11.30
C ASP J 169 33.47 34.53 11.09
N SER J 170 34.38 35.14 11.83
CA SER J 170 35.81 34.81 11.75
C SER J 170 36.04 33.37 12.21
N GLU J 171 35.14 32.92 13.09
CA GLU J 171 35.18 31.56 13.58
C GLU J 171 34.87 30.56 12.45
N TYR J 172 34.21 31.03 11.39
CA TYR J 172 33.77 30.17 10.28
C TYR J 172 34.39 30.53 8.93
N PHE J 173 34.75 31.80 8.75
CA PHE J 173 35.18 32.24 7.41
C PHE J 173 36.55 31.68 7.02
N SER J 174 36.72 31.44 5.72
CA SER J 174 37.95 30.83 5.20
C SER J 174 39.09 31.84 5.07
N GLN J 175 40.25 31.44 5.58
CA GLN J 175 41.46 32.24 5.52
C GLN J 175 41.96 32.28 4.07
N TYR J 176 41.63 31.26 3.28
CA TYR J 176 42.19 31.10 1.93
C TYR J 176 41.41 31.80 0.83
N SER J 177 40.40 32.57 1.22
CA SER J 177 39.56 33.31 0.29
C SER J 177 40.35 34.52 -0.21
N ARG J 178 40.09 35.01 -1.43
CA ARG J 178 40.73 36.26 -1.86
C ARG J 178 40.21 37.44 -1.03
N PHE J 179 39.15 37.23 -0.24
CA PHE J 179 38.51 38.30 0.52
C PHE J 179 38.54 38.09 2.03
N GLU J 180 38.15 39.13 2.77
CA GLU J 180 38.04 39.11 4.22
C GLU J 180 36.74 39.81 4.62
N ILE J 181 36.18 39.45 5.78
CA ILE J 181 34.89 39.99 6.19
C ILE J 181 35.17 41.08 7.21
N LEU J 182 34.61 42.27 6.97
CA LEU J 182 34.76 43.40 7.87
C LEU J 182 33.63 43.34 8.88
N ASP J 183 32.41 43.18 8.38
CA ASP J 183 31.28 43.09 9.30
C ASP J 183 30.02 42.47 8.70
N VAL J 184 29.37 41.63 9.50
CA VAL J 184 28.09 41.00 9.14
C VAL J 184 26.99 41.57 10.03
N THR J 185 26.04 42.31 9.46
CA THR J 185 24.91 42.79 10.28
C THR J 185 23.58 42.24 9.80
N GLN J 186 22.81 41.75 10.74
CA GLN J 186 21.56 41.07 10.45
C GLN J 186 20.42 41.69 11.20
N LYS J 187 19.49 42.26 10.42
CA LYS J 187 18.40 43.05 11.01
C LYS J 187 17.02 42.62 10.50
N LYS J 188 16.05 42.59 11.42
CA LYS J 188 14.66 42.30 11.06
C LYS J 188 14.06 43.45 10.27
N ASN J 189 13.48 43.13 9.13
CA ASN J 189 12.86 44.11 8.26
C ASN J 189 11.54 43.57 7.69
N SER J 190 10.70 44.47 7.22
CA SER J 190 9.42 44.12 6.65
C SER J 190 9.41 44.49 5.18
N VAL J 191 8.84 43.60 4.39
CA VAL J 191 8.67 43.82 2.97
C VAL J 191 7.19 43.57 2.62
N THR J 192 6.68 44.41 1.72
CA THR J 192 5.27 44.43 1.30
C THR J 192 5.24 44.67 -0.20
N TYR J 193 4.31 44.03 -0.91
CA TYR J 193 4.24 44.20 -2.37
C TYR J 193 2.84 44.52 -2.85
N SER J 194 2.78 45.11 -4.05
CA SER J 194 1.53 45.44 -4.69
C SER J 194 0.79 44.14 -5.01
N CYS J 195 1.57 43.15 -5.45
CA CYS J 195 1.02 41.85 -5.89
C CYS J 195 0.20 41.14 -4.83
N CYS J 196 0.63 41.31 -3.57
CA CYS J 196 0.18 40.49 -2.46
C CYS J 196 -0.19 41.41 -1.26
N PRO J 197 -1.35 41.17 -0.62
CA PRO J 197 -1.88 42.21 0.28
C PRO J 197 -1.47 42.18 1.76
N GLU J 198 -0.60 41.26 2.16
CA GLU J 198 -0.10 41.26 3.53
C GLU J 198 1.43 41.36 3.55
N ALA J 199 1.98 41.69 4.71
CA ALA J 199 3.43 41.89 4.87
C ALA J 199 4.20 40.60 5.10
N TYR J 200 5.39 40.52 4.53
CA TYR J 200 6.31 39.41 4.79
C TYR J 200 7.53 39.94 5.53
N GLU J 201 7.79 39.30 6.65
CA GLU J 201 8.95 39.61 7.46
C GLU J 201 10.17 39.08 6.72
N ASP J 202 11.32 39.69 6.94
CA ASP J 202 12.55 39.26 6.30
C ASP J 202 13.72 39.70 7.18
N VAL J 203 14.85 39.01 7.04
CA VAL J 203 16.06 39.41 7.72
C VAL J 203 17.00 39.91 6.63
N GLU J 204 17.47 41.15 6.80
CA GLU J 204 18.44 41.74 5.88
C GLU J 204 19.80 41.44 6.46
N VAL J 205 20.61 40.79 5.64
CA VAL J 205 21.96 40.42 6.00
C VAL J 205 22.88 41.33 5.20
N SER J 206 23.53 42.25 5.89
CA SER J 206 24.49 43.16 5.29
C SER J 206 25.89 42.62 5.50
N LEU J 207 26.49 42.23 4.39
CA LEU J 207 27.81 41.62 4.36
C LEU J 207 28.84 42.62 3.85
N ASN J 208 29.57 43.18 4.80
CA ASN J 208 30.58 44.20 4.55
C ASN J 208 31.98 43.58 4.45
N PHE J 209 32.50 43.50 3.22
CA PHE J 209 33.74 42.76 2.91
C PHE J 209 34.65 43.52 1.94
N ARG J 210 35.91 43.10 1.84
CA ARG J 210 36.89 43.74 0.94
C ARG J 210 37.91 42.72 0.41
N LYS J 211 38.42 42.96 -0.80
CA LYS J 211 39.50 42.11 -1.32
C LYS J 211 40.74 42.28 -0.46
N LYS J 212 41.42 41.16 -0.18
CA LYS J 212 42.54 41.15 0.77
C LYS J 212 43.75 41.92 0.24
P PO4 K . 7.28 -22.30 11.78
O1 PO4 K . 7.32 -21.93 10.32
O2 PO4 K . 7.25 -23.83 11.93
O3 PO4 K . 6.06 -21.65 12.39
O4 PO4 K . 8.46 -21.74 12.51
F13 FN1 L . -16.29 -26.26 -13.46
C4 FN1 L . -16.87 -26.72 -12.36
C3 FN1 L . -17.24 -27.99 -12.34
C2 FN1 L . -17.89 -28.55 -11.13
C1 FN1 L . -18.10 -27.74 -10.05
N1 FN1 L . -17.70 -26.33 -10.08
C5 FN1 L . -17.11 -25.82 -11.18
C6 FN1 L . -18.25 -29.98 -11.22
C7 FN1 L . -19.69 -30.02 -11.12
C8 FN1 L . -20.07 -30.75 -9.93
C9 FN1 L . -18.86 -31.40 -9.39
N2 FN1 L . -17.81 -30.66 -10.07
C10 FN1 L . -16.86 -31.62 -10.50
H3 FN1 L . -17.08 -28.56 -13.11
H1 FN1 L . -18.53 -28.10 -9.25
H5 FN1 L . -16.84 -24.89 -11.22
H6 FN1 L . -17.86 -30.23 -12.07
H72 FN1 L . -20.06 -29.12 -11.07
H71 FN1 L . -20.07 -30.47 -11.91
H81 FN1 L . -20.43 -30.14 -9.26
H82 FN1 L . -20.74 -31.42 -10.14
H91 FN1 L . -18.80 -31.30 -8.43
H92 FN1 L . -18.83 -32.34 -9.64
H103 FN1 L . -16.16 -31.19 -11.02
H102 FN1 L . -17.31 -32.28 -11.06
H101 FN1 L . -16.46 -32.05 -9.72
H27 FN1 L . -17.41 -30.07 -9.49
C1 NAG M . 23.41 -28.30 -0.52
C2 NAG M . 24.05 -28.57 -1.90
C3 NAG M . 25.39 -29.24 -1.72
C4 NAG M . 26.26 -28.43 -0.77
C5 NAG M . 25.51 -27.97 0.49
C6 NAG M . 26.34 -26.93 1.20
C7 NAG M . 22.20 -28.96 -3.49
C8 NAG M . 21.36 -30.01 -4.14
N2 NAG M . 23.15 -29.45 -2.64
O3 NAG M . 26.16 -29.34 -2.93
O4 NAG M . 27.32 -29.27 -0.32
O5 NAG M . 24.27 -27.35 0.16
O6 NAG M . 25.48 -25.94 1.77
O7 NAG M . 22.11 -27.73 -3.73
P PO4 N . -5.82 -22.81 -11.33
O1 PO4 N . -6.18 -21.43 -11.79
O2 PO4 N . -6.63 -23.79 -12.15
O3 PO4 N . -6.11 -23.00 -9.85
O4 PO4 N . -4.36 -23.06 -11.60
P PO4 O . -22.89 -2.51 -11.51
O1 PO4 O . -22.33 -2.53 -12.92
O2 PO4 O . -22.30 -1.42 -10.66
O3 PO4 O . -22.68 -3.85 -10.88
O4 PO4 O . -24.38 -2.35 -11.58
F13 FN1 P . -32.93 -2.17 -5.64
C4 FN1 P . -33.35 -3.35 -5.14
C3 FN1 P . -34.27 -4.01 -5.81
C2 FN1 P . -34.78 -5.32 -5.30
C1 FN1 P . -34.28 -5.81 -4.13
N1 FN1 P . -33.26 -5.05 -3.37
C5 FN1 P . -32.81 -3.88 -3.84
C6 FN1 P . -35.79 -6.01 -6.13
C7 FN1 P . -37.08 -5.59 -5.62
C8 FN1 P . -37.68 -6.70 -4.91
C9 FN1 P . -36.94 -7.94 -5.26
N2 FN1 P . -35.73 -7.39 -5.87
C10 FN1 P . -35.56 -8.06 -7.10
H3 FN1 P . -34.62 -3.66 -6.65
H1 FN1 P . -34.61 -6.67 -3.79
H5 FN1 P . -32.14 -3.38 -3.35
H6 FN1 P . -35.55 -5.71 -7.02
H72 FN1 P . -36.97 -4.84 -5.00
H71 FN1 P . -37.66 -5.32 -6.35
H81 FN1 P . -38.61 -6.79 -5.19
H82 FN1 P . -37.64 -6.56 -3.95
H91 FN1 P . -36.75 -8.46 -4.47
H92 FN1 P . -37.44 -8.46 -5.91
H103 FN1 P . -34.76 -7.72 -7.56
H102 FN1 P . -35.46 -9.02 -6.93
H101 FN1 P . -36.35 -7.93 -7.65
H27 FN1 P . -35.02 -7.57 -5.33
P PO4 Q . -20.57 10.42 11.50
O1 PO4 Q . -20.69 11.61 10.57
O2 PO4 Q . -19.13 10.20 11.90
O3 PO4 Q . -21.39 10.68 12.74
O4 PO4 Q . -21.03 9.18 10.77
F13 FN1 R . -24.71 7.46 21.72
C4 FN1 R . -25.34 6.27 21.74
C3 FN1 R . -26.61 6.20 22.13
C2 FN1 R . -27.33 4.88 22.15
C1 FN1 R . -26.66 3.76 21.76
N1 FN1 R . -25.28 3.85 21.32
C5 FN1 R . -24.62 5.03 21.31
C6 FN1 R . -28.73 4.90 22.59
C7 FN1 R . -29.06 3.71 23.35
C8 FN1 R . -30.42 3.32 22.98
C9 FN1 R . -30.70 3.89 21.64
N2 FN1 R . -29.52 4.76 21.44
C10 FN1 R . -30.02 6.05 21.15
H3 FN1 R . -27.08 7.01 22.40
H1 FN1 R . -27.11 2.90 21.75
H5 FN1 R . -23.69 5.08 21.02
H6 FN1 R . -28.79 5.75 23.06
H72 FN1 R . -29.03 3.91 24.30
H71 FN1 R . -28.44 2.99 23.14
H81 FN1 R . -30.50 2.34 22.95
H82 FN1 R . -31.05 3.67 23.63
H91 FN1 R . -30.74 3.19 20.97
H92 FN1 R . -31.52 4.41 21.65
H103 FN1 R . -29.28 6.68 21.08
H102 FN1 R . -30.49 6.03 20.29
H101 FN1 R . -30.63 6.34 21.85
H27 FN1 R . -29.01 4.46 20.74
C1 NAG S . -25.83 17.46 -18.25
C2 NAG S . -26.13 18.93 -17.87
C3 NAG S . -26.97 19.59 -18.93
C4 NAG S . -26.27 19.55 -20.25
C5 NAG S . -26.03 18.08 -20.63
C6 NAG S . -25.25 17.98 -21.90
C7 NAG S . -26.23 19.69 -15.59
C8 NAG S . -27.00 19.72 -14.30
N2 NAG S . -26.78 19.01 -16.59
O3 NAG S . -27.16 20.98 -18.60
O4 NAG S . -27.13 20.16 -21.21
O5 NAG S . -25.25 17.43 -19.63
O6 NAG S . -25.37 16.65 -22.40
O7 NAG S . -25.13 20.23 -15.73
P PO4 T . -1.96 -1.74 25.94
O1 PO4 T . -1.74 -0.26 26.21
O2 PO4 T . -1.86 -2.54 27.20
O3 PO4 T . -3.31 -1.91 25.32
O4 PO4 T . -0.90 -2.19 24.98
F13 FN1 U . -2.94 -11.72 31.91
C4 FN1 U . -4.21 -12.15 31.81
C3 FN1 U . -4.96 -12.24 32.90
C2 FN1 U . -6.38 -12.72 32.82
C1 FN1 U . -6.86 -13.08 31.59
N1 FN1 U . -6.02 -12.98 30.39
C5 FN1 U . -4.75 -12.55 30.47
C6 FN1 U . -7.20 -12.80 34.05
C7 FN1 U . -8.11 -13.93 34.06
C8 FN1 U . -9.47 -13.47 34.27
C9 FN1 U . -9.45 -12.01 34.50
N2 FN1 U . -8.10 -11.72 34.03
C10 FN1 U . -7.60 -10.86 34.99
H3 FN1 U . -4.59 -11.98 33.76
H1 FN1 U . -7.78 -13.40 31.51
H5 FN1 U . -4.20 -12.48 29.68
H6 FN1 U . -6.51 -12.78 34.75
H72 FN1 U . -7.86 -14.54 34.78
H71 FN1 U . -8.05 -14.39 33.21
H81 FN1 U . -10.01 -13.67 33.48
H82 FN1 U . -9.87 -13.92 35.04
H91 FN1 U . -10.13 -11.57 33.97
H92 FN1 U . -9.56 -11.81 35.45
H103 FN1 U . -6.69 -10.61 34.77
H102 FN1 U . -8.16 -10.05 35.01
H101 FN1 U . -7.63 -11.29 35.86
H27 FN1 U . -8.12 -11.33 33.21
F13 FN1 V . 2.58 -32.79 10.09
C4 FN1 V . 1.37 -32.73 10.65
C3 FN1 V . 1.04 -33.60 11.57
C2 FN1 V . -0.31 -33.53 12.23
C1 FN1 V . -1.18 -32.56 11.81
N1 FN1 V . -0.81 -31.59 10.79
C5 FN1 V . 0.40 -31.66 10.22
C6 FN1 V . -0.59 -34.57 13.24
C7 FN1 V . -1.94 -34.57 13.80
C8 FN1 V . -1.87 -34.38 15.23
C9 FN1 V . -0.52 -33.88 15.55
N2 FN1 V . 0.23 -34.28 14.36
C10 FN1 V . 0.81 -35.52 14.72
H3 FN1 V . 1.68 -34.29 11.85
H1 FN1 V . -2.07 -32.51 12.23
H5 FN1 V . 0.66 -31.02 9.54
H6 FN1 V . -0.35 -35.38 12.74
H72 FN1 V . -2.46 -33.84 13.41
H71 FN1 V . -2.39 -35.41 13.60
H81 FN1 V . -2.03 -35.24 15.69
H82 FN1 V . -2.54 -33.73 15.51
H91 FN1 V . -0.17 -34.33 16.35
H92 FN1 V . -0.52 -32.92 15.67
H103 FN1 V . 1.39 -35.84 14.00
H102 FN1 V . 1.35 -35.41 15.53
H101 FN1 V . 0.11 -36.18 14.89
H27 FN1 V . 0.86 -33.67 14.15
F13 FN1 W . -0.90 18.45 -28.58
C4 FN1 W . 0.23 19.11 -28.37
C3 FN1 W . 0.43 20.25 -28.99
C2 FN1 W . 1.68 21.02 -28.80
C1 FN1 W . 2.62 20.53 -27.94
N1 FN1 W . 2.41 19.26 -27.25
C5 FN1 W . 1.27 18.57 -27.43
C6 FN1 W . 1.81 22.28 -29.58
C7 FN1 W . 3.07 22.19 -30.27
C8 FN1 W . 3.72 23.48 -30.26
C9 FN1 W . 3.17 24.19 -29.08
N2 FN1 W . 1.99 23.38 -28.73
C10 FN1 W . 0.89 24.24 -28.93
H3 FN1 W . -0.25 20.59 -29.61
H1 FN1 W . 3.46 21.02 -27.80
H5 FN1 W . 1.10 17.72 -26.96
H6 FN1 W . 0.99 22.27 -30.11
H72 FN1 W . 3.64 21.53 -29.83
H71 FN1 W . 2.92 21.91 -31.20
H81 FN1 W . 3.51 23.97 -31.08
H82 FN1 W . 4.68 23.37 -30.17
H91 FN1 W . 2.90 25.10 -29.31
H92 FN1 W . 3.81 24.19 -28.36
H103 FN1 W . 0.06 23.76 -28.74
H102 FN1 W . 0.96 25.00 -28.32
H101 FN1 W . 0.88 24.56 -29.84
H27 FN1 W . 2.05 23.11 -27.86
P PO4 X . -6.29 17.08 -18.59
O1 PO4 X . -6.26 17.43 -20.06
O2 PO4 X . -7.58 17.55 -17.95
O3 PO4 X . -5.14 17.67 -17.83
O4 PO4 X . -6.17 15.58 -18.54
P PO4 Y . 8.40 -4.23 -24.64
O1 PO4 Y . 8.66 -2.75 -24.37
O2 PO4 Y . 7.02 -4.45 -25.22
O3 PO4 Y . 8.53 -4.97 -23.34
O4 PO4 Y . 9.43 -4.82 -25.60
P PO4 Z . 24.36 -8.82 -4.06
O1 PO4 Z . 24.07 -7.82 -5.15
O2 PO4 Z . 23.62 -8.43 -2.81
O3 PO4 Z . 25.82 -8.79 -3.64
O4 PO4 Z . 23.96 -10.21 -4.54
F13 FN1 AA . 34.00 -3.19 -0.73
C4 FN1 AA . 34.15 -2.26 -1.68
C3 FN1 AA . 35.29 -2.21 -2.36
C2 FN1 AA . 35.47 -1.17 -3.42
C1 FN1 AA . 34.44 -0.30 -3.69
N1 FN1 AA . 33.19 -0.36 -2.94
C5 FN1 AA . 33.04 -1.30 -1.97
C6 FN1 AA . 36.75 -1.15 -4.14
C7 FN1 AA . 37.26 0.21 -4.00
C8 FN1 AA . 37.45 0.76 -5.33
C9 FN1 AA . 37.13 -0.28 -6.33
N2 FN1 AA . 36.49 -1.31 -5.50
C10 FN1 AA . 37.02 -2.56 -5.89
H3 FN1 AA . 36.00 -2.83 -2.16
H1 FN1 AA . 34.56 0.38 -4.39
H5 FN1 AA . 32.21 -1.36 -1.48
H6 FN1 AA . 37.24 -1.86 -3.69
H72 FN1 AA . 36.63 0.75 -3.50
H71 FN1 AA . 38.11 0.19 -3.53
H81 FN1 AA . 38.38 1.04 -5.43
H82 FN1 AA . 36.86 1.53 -5.45
H91 FN1 AA . 36.52 0.07 -7.00
H92 FN1 AA . 37.94 -0.63 -6.74
H103 FN1 AA . 36.66 -3.26 -5.32
H102 FN1 AA . 36.79 -2.74 -6.82
H101 FN1 AA . 37.99 -2.53 -5.80
H27 FN1 AA . 35.58 -1.30 -5.65
P PO4 BA . 0.59 25.46 5.45
O1 PO4 BA . 0.20 26.87 5.05
O2 PO4 BA . 2.02 25.17 5.06
O3 PO4 BA . -0.30 24.51 4.69
O4 PO4 BA . 0.44 25.33 6.95
P PO4 CA . 19.73 9.49 14.40
O1 PO4 CA . 20.43 10.71 14.96
O2 PO4 CA . 20.32 9.18 13.06
O3 PO4 CA . 18.25 9.79 14.30
O4 PO4 CA . 19.90 8.30 15.32
F13 FN1 DA . 1.34 34.32 -1.63
C4 FN1 DA . 2.52 34.30 -2.26
C3 FN1 DA . 3.33 35.34 -2.13
C2 FN1 DA . 4.65 35.34 -2.83
C1 FN1 DA . 5.00 34.26 -3.61
N1 FN1 DA . 4.11 33.12 -3.76
C5 FN1 DA . 2.92 33.13 -3.12
C6 FN1 DA . 5.46 36.56 -2.60
C7 FN1 DA . 6.28 36.88 -3.75
C8 FN1 DA . 7.67 36.94 -3.32
C9 FN1 DA . 7.67 37.03 -1.86
N2 FN1 DA . 6.42 36.31 -1.61
C10 FN1 DA . 5.93 36.83 -0.41
H3 FN1 DA . 3.07 36.10 -1.57
H1 FN1 DA . 5.87 34.26 -4.08
H5 FN1 DA . 2.31 32.37 -3.22
H6 FN1 DA . 4.77 37.21 -2.37
H72 FN1 DA . 6.01 37.74 -4.13
H71 FN1 DA . 6.18 36.17 -4.42
H81 FN1 DA . 8.13 36.14 -3.61
H82 FN1 DA . 8.10 37.73 -3.72
H91 FN1 DA . 8.45 36.58 -1.48
H92 FN1 DA . 7.62 37.95 -1.56
H103 FN1 DA . 5.06 36.43 -0.20
H102 FN1 DA . 6.56 36.65 0.31
H101 FN1 DA . 5.80 37.81 -0.50
H27 FN1 DA . 6.57 35.42 -1.54
#